data_7PW9
#
_entry.id   7PW9
#
_cell.length_a   1.00
_cell.length_b   1.00
_cell.length_c   1.00
_cell.angle_alpha   90.00
_cell.angle_beta   90.00
_cell.angle_gamma   90.00
#
_symmetry.space_group_name_H-M   'P 1'
#
loop_
_entity.id
_entity.type
_entity.pdbx_description
1 polymer 'Serine/threonine-protein kinase SMG1,Serine/threonine-protein kinase SMG1,Serine/threonine-protein kinase SMG1,Serine/threonine-protein kinase SMG1,Serine/threonine-protein kinase SMG1,Serine/threonine-protein kinase SMG1,Serine/threonine-protein kinase SMG1,Serine/threonine-protein kinase SMG1'
2 polymer 'Protein SMG9'
3 non-polymer 'PHOSPHOAMINOPHOSPHONIC ACID-ADENYLATE ESTER'
4 non-polymer 'INOSITOL HEXAKISPHOSPHATE'
5 non-polymer "ADENOSINE-5'-TRIPHOSPHATE"
6 non-polymer 'MAGNESIUM ION'
#
loop_
_entity_poly.entity_id
_entity_poly.type
_entity_poly.pdbx_seq_one_letter_code
_entity_poly.pdbx_strand_id
1 'polypeptide(L)'
;(UNK)(UNK)(UNK)(UNK)(UNK)(UNK)(UNK)(UNK)(UNK)(UNK)(UNK)(UNK)(UNK)(UNK)(UNK)(UNK)
(UNK)(UNK)(UNK)(UNK)(UNK)(UNK)(UNK)(UNK)(UNK)(UNK)(UNK)(UNK)(UNK)(UNK)(UNK)(UNK)
(UNK)(UNK)(UNK)(UNK)(UNK)(UNK)(UNK)(UNK)(UNK)(UNK)(UNK)(UNK)(UNK)(UNK)(UNK)(UNK)
(UNK)(UNK)(UNK)(UNK)(UNK)(UNK)(UNK)(UNK)(UNK)(UNK)(UNK)(UNK)(UNK)(UNK)(UNK)(UNK)
(UNK)(UNK)(UNK)(UNK)(UNK)(UNK)(UNK)(UNK)(UNK)(UNK)(UNK)(UNK)(UNK)(UNK)(UNK)(UNK)
(UNK)(UNK)(UNK)(UNK)(UNK)(UNK)(UNK)(UNK)(UNK)(UNK)(UNK)(UNK)(UNK)(UNK)(UNK)(UNK)
(UNK)(UNK)(UNK)(UNK)(UNK)(UNK)(UNK)(UNK)(UNK)(UNK)(UNK)(UNK)(UNK)(UNK)(UNK)(UNK)
(UNK)(UNK)(UNK)(UNK)(UNK)(UNK)(UNK)(UNK)(UNK)(UNK)(UNK)(UNK)(UNK)(UNK)(UNK)(UNK)
(UNK)(UNK)(UNK)(UNK)(UNK)(UNK)(UNK)(UNK)(UNK)(UNK)(UNK)(UNK)(UNK)(UNK)(UNK)(UNK)
(UNK)(UNK)(UNK)(UNK)(UNK)(UNK)(UNK)(UNK)(UNK)(UNK)(UNK)(UNK)(UNK)(UNK)(UNK)(UNK)
(UNK)(UNK)(UNK)(UNK)(UNK)(UNK)(UNK)(UNK)(UNK)(UNK)(UNK)(UNK)(UNK)(UNK)(UNK)(UNK)
(UNK)(UNK)(UNK)(UNK)(UNK)(UNK)(UNK)(UNK)(UNK)(UNK)(UNK)(UNK)(UNK)(UNK)(UNK)(UNK)
(UNK)(UNK)(UNK)(UNK)(UNK)(UNK)(UNK)(UNK)(UNK)(UNK)(UNK)(UNK)(UNK)(UNK)(UNK)(UNK)
(UNK)(UNK)(UNK)(UNK)(UNK)(UNK)(UNK)(UNK)(UNK)(UNK)(UNK)(UNK)(UNK)(UNK)(UNK)(UNK)
(UNK)(UNK)(UNK)(UNK)(UNK)(UNK)(UNK)(UNK)(UNK)(UNK)(UNK)(UNK)(UNK)(UNK)(UNK)(UNK)
(UNK)(UNK)(UNK)(UNK)(UNK)(UNK)(UNK)(UNK)(UNK)(UNK)(UNK)(UNK)(UNK)(UNK)(UNK)(UNK)
(UNK)(UNK)(UNK)(UNK)(UNK)(UNK)(UNK)(UNK)(UNK)(UNK)(UNK)(UNK)(UNK)(UNK)(UNK)(UNK)
(UNK)(UNK)(UNK)(UNK)(UNK)(UNK)(UNK)(UNK)(UNK)(UNK)(UNK)(UNK)(UNK)(UNK)(UNK)(UNK)
(UNK)(UNK)(UNK)(UNK)(UNK)(UNK)(UNK)(UNK)(UNK)(UNK)(UNK)(UNK)(UNK)(UNK)(UNK)(UNK)
(UNK)(UNK)FSTNFRDTVDILVGWHIDHTQKPSLTQQVSGWLQSLEPFWVADLAFSTTLLGQFLEDMEAYAEDLSHVAS
GESVDEDVPPPSVSLPKLAALLRVFSTVVRSIGERFSPIRGPPITEAYVTDVLYRVMRCVTAANQVFFSEAVLTAANECV
GVLLGSLDPSMTIHCDMVITYGLDQLENCQTCGTDYIISVLNLLTLIVEQINTKLPSSFVEKLFIPSSKLLFLRYHKEKE
VVAVAHAVYQAVLSLKNIPVLETAYKLILGEMTCALNNLLHSLQLPEACSEIKHEAFKNHVFNVDNAKFVVIFDLSALTT
IGNAKNSLIGMWALSPTVFALLSKNLMIVHSDLAVHFPAIQYAVLYTLYSHCTRHDHFISSSLSSSSPSLFDGAVISTVT
TATKKHFSIILNLLGILLKKDNLNQDTRKLLMTWALEAAVLMRKSETYAPLFSLPSFHKFCKGLLANTLVEDVNICLQAC
SSLHALSSSLPDDLLQRCVDVCRVQLVHSGTRIRQAFGKLLKSIPLDVVLSNNNHTEIQEISLALRSHMSKAPSNTFHPQ
DFSDVISFILYGNSHRTGKDNWLERLFYSCQRLDKRDQSTIPRNLLKTDAVLWQWAIWEAAQFTVLSKLRTPLGRAQDTF
QTIEGIIRSLAAHTLNPDQDVSQWTTADNDEGHGNNQLRLVLLLQYLENLEKLMYNAYEGCANALTSPPKVIRTFFYTNR
QTCQDWLTRIRLSIMRVGLLAGQPAVTVRHGFDLLTEMKTTSLSQGNELEVTIMMVVEALCELHCPEAIQGIAVWSSSIV
GKNLLWINSVAQQAEGRFEKASVEYQEHLCAMTGVDCCISSFDKSVLTLANAGRNSASPKHSLNGESRKTVLSKPTDSSP
EVINYLGNKACECYISIADWAAVQEWQNSIHDLKKSTSSTSLNLKADFNYIKSLSSFESGKFVECTEQLELLPGENINLL
AGGSKEKIDMKKLLPNMLSPDPRELQKSIEVQLLRSSVCLATALNPIEQDQKWQSITENVVKYLKQTSRIAIGPLRLSTL
TVSQSLPVLSTLQLYCSSALENTVSNRLSTEDCLIPLFSEALRSCKQHDVRPWMQALRYTMYQNQLLEKIKEQTVPIRSH
LMELGLTAAKFARKRGNVSLATRLLAQCSEVQLGKTTTAQDLVQHFKKLSTQGQVDEKWGPELDIEKTKLLYTAGQSTHA
MEMLSSCAISFCKSVKAEYAVAKSILTLAKWIQAEWKEISGQLKQVYRAQHQQNFTGLSTLSKNILTLIELPSVNTMEEE
YPRIESESTVHIGVGEPDFILGQLYHLSSVQAPEVAKSWAALASWAYRWGRKVVDNAS(UNK)(UNK)(UNK)(UNK)
(UNK)(UNK)(UNK)(UNK)(UNK)(UNK)(UNK)(UNK)(UNK)(UNK)(UNK)(UNK)(UNK)(UNK)(UNK)(UNK)
(UNK)(UNK)(UNK)(UNK)(UNK)(UNK)(UNK)(UNK)(UNK)(UNK)(UNK)(UNK)(UNK)(UNK)(UNK)(UNK)
(UNK)(UNK)(UNK)(UNK)(UNK)(UNK)(UNK)(UNK)(UNK)(UNK)(UNK)(UNK)(UNK)(UNK)(UNK)(UNK)
(UNK)(UNK)(UNK)(UNK)(UNK)(UNK)(UNK)(UNK)(UNK)(UNK)(UNK)(UNK)(UNK)(UNK)(UNK)(UNK)
(UNK)(UNK)(UNK)(UNK)(UNK)(UNK)(UNK)(UNK)(UNK)(UNK)(UNK)(UNK)(UNK)(UNK)(UNK)(UNK)
(UNK)(UNK)(UNK)(UNK)EGVIKVWRKVVDRIFSLYKLSCSAYFTFLKLNAGQIPLDEDDPRLHLSHRVEQSTDDMIV
MATLRLLRLLVKHAGELRQYLEHGLETTPTAPWRGIIPQLFSRLNHPEVYVRQSICNLLCRVAQDSPHLILYPAIVGTIS
LSSESQASGNKFSTAIPTLLGNIQGEELLVSECEGGSPPASQDSNKDEPKSGLNEDQAMMQDCYSKIVDKLSSANPTMVL
QVQMLVAELRRVTVLWDELWLGVLLQQHMYVL(UNK)(UNK)(UNK)(UNK)(UNK)(UNK)(UNK)(UNK)(UNK)
(UNK)(UNK)(UNK)(UNK)(UNK)(UNK)(UNK)(UNK)(UNK)(UNK)(UNK)(UNK)(UNK)(UNK)(UNK)(UNK)
(UNK)(UNK)(UNK)(UNK)(UNK)(UNK)(UNK)(UNK)(UNK)(UNK)(UNK)(UNK)(UNK)(UNK)(UNK)(UNK)
(UNK)(UNK)(UNK)(UNK)(UNK)(UNK)(UNK)(UNK)(UNK)(UNK)(UNK)(UNK)(UNK)(UNK)(UNK)PHEKW
FQDNYGDAIENALEKLK(UNK)(UNK)(UNK)(UNK)(UNK)(UNK)(UNK)(UNK)(UNK)(UNK)(UNK)(UNK)
(UNK)(UNK)(UNK)(UNK)(UNK)(UNK)(UNK)(UNK)(UNK)(UNK)(UNK)(UNK)(UNK)(UNK)(UNK)(UNK)
(UNK)(UNK)(UNK)YILRLEEISPWLAAMTNTEIALPGEVSARDTVTIHSVGGTITILPTKTKPKKLLFLGSDGKSYPY
LFKGLEDLHLDERIMQFLSIVNTMFATINRQETPRFHARHYSVTPLGTRSGLIQWVDGATPLFGLYKRWQQREAALQAQK
AQDSYQTPQNPGIVPRPSELYYSKIGPALKTVGLSLDVSRRDWPLHVMKAVLEELMEATPPNLLAKELWSSCTTPDEWWR
VTQSYARSTAVMSMVGYIIGLGDRHLDNVLIDMTTGEVVHIDYNVCFEKGKSLRVPEKVPFRMTQNIETALGVTGVEGVF
RLSCEQVLHIMRRGRETLLTLLEAFVYDPLVDWTAGGEAGFAGAVYGGGGQQAESKQSKREMEREITRSLFSSRVAEIKV
NWFKNRDEMLVVLPKLDGSLDEYLSLQEQLTDVEKLQGKLLEEIEFLEGAEGVDHPSHTLQHRYSEHTQLQTQQRAVQEA
IQVKLNEFEQWITHYQAAFNNLEATQLASLLQEISTQMDLGPPSYVPATAFLQNAGQAHLISQCEQLEGEVGALLQQRRS
VLRGCLEQLHHYATVALQYPKAIFQKHRIEQWKTWMEELICNTTVERCQELYRKYEMQYAPQPPPTVCQFITATEMTLQR
YAADINSRLIRQVERLKQEAVTVPVCEDQLKEIERCIKVFLHENGEEGSLSLASVIISALCTLTRRNLMMEGAASSAGEQ
LVDLTSRDGAWFLEELCSMSGNVTCLVQLLKQCHLVPQDLDIPNPMEASETVHLANGVYTSLQELNSNFRQIIFPEALRC
LMKGEYTLESMLHELDGLIEQTTDGVPLQTLVESLQAYLRNAAMGLEEETHAHYIDVARLLHAQYGELIQPRNGSVDETP
KMSAGQMLLVAFDGMFAQVETAFSLLVEKLNKMEIPIAWRKIDIIREARSTQVNFFDDDNHRQVLEEIFFLKRLQTIKEF
FRLCGTFSKTLSGSSSLEDQNTVNGPVQIVNVKTLFRNSCFSEDQMAKPIKAFTADFVRQLLIGLPNQALGLTLCSFISA
LGVDIIAQVEAKDFGAESKVSVDDLCKKAVEHNIQIGKFSQLVMNRATVLASSYDTAWKKHDLVRRLETSISSCKTSLQR
VQLHIAMFQWQHEDLLINRPQAMSVTPPPRSAILTSMKKKLHTLSQIETSIATVQEKLAALESSIEQRLKWAGGANPALA
PVLQDFEATIAERRNLVLKESQRASQVTFLCSNIIHFESLRTRTAEALNLDAALFELIKRCQQMCSFASQFNSSVSELEL
RLLQRVDTGLEHPIGSSEWLLSAHKQLTQDMSTQRAIQTEKEQQIETVCETIQNLVDNIKTVLTGHNRQLGDVKHLLKAM
AKDEEAALADGEDVPYENSVRQFLGEYKSWQDNIQTVLFTLVQAMGQVRSQEHVEMLQEITPTLKELKTQSQSIYNNLVS
FASPLVTDATNECSSPTSSATYQPSFAAAVRSNTGQKTQPDVMSQNARKLIQKNLATSADTPPSTVPGTGKSVACSPKKA
VRDPKTGKAVQERNSYAVSVWKRVKAKLEGRDVDPNRRMSVAEQVDYVIKEATNLDNLAQLYEGWTAWV
;
A
2 'polypeptide(L)'
;AKLLPPERMKHSIKLVDDQMNWCDSAIEYLLDQTDVLVVGVLGLQGTGKSMVMSLLSANTPEEDQRTYVFRAQSAEMKER
GGNQTSGIDFFITQERIVFLDTQPILSPSILDHLINNDRKLPPEYNLPHTYVEMQSLQIAAFLFTVCHVVIVVQDWFTDL
SLYRFLQTAEMVKPSTPSPSHESSSSSGSDEGTEYYPHLVFLQNKARREDFCPRKLRQMHLMIDQLMAHSHLRYKGTLSM
LQCNVFPGLPPDFLDSEVNLFLVPFMDSEAESENPPRAGPGSSPLFSLLPGYRGHPSFQSLVSKLRSQVMSMARPQLSHT
ILTEKNWFHYAARIWDGVRKSSALAEYSRLLA
;
C
#
loop_
_chem_comp.id
_chem_comp.type
_chem_comp.name
_chem_comp.formula
ANP non-polymer 'PHOSPHOAMINOPHOSPHONIC ACID-ADENYLATE ESTER' 'C10 H17 N6 O12 P3'
ATP non-polymer ADENOSINE-5'-TRIPHOSPHATE 'C10 H16 N5 O13 P3'
IHP non-polymer 'INOSITOL HEXAKISPHOSPHATE' 'C6 H18 O24 P6'
MG non-polymer 'MAGNESIUM ION' 'Mg 2'
#
# COMPACT_ATOMS: atom_id res chain seq x y z
N UNK A 147 -39.64 67.96 60.49
CA UNK A 147 -39.16 69.30 60.19
C UNK A 147 -37.74 69.25 59.63
N UNK A 148 -37.03 68.16 59.92
CA UNK A 148 -35.66 68.01 59.45
C UNK A 148 -35.61 67.91 57.93
N UNK A 149 -36.58 67.22 57.33
CA UNK A 149 -36.60 67.08 55.88
C UNK A 149 -36.77 68.43 55.19
N UNK A 150 -37.65 69.29 55.73
CA UNK A 150 -37.86 70.60 55.13
C UNK A 150 -36.58 71.45 55.20
N UNK A 151 -35.88 71.40 56.33
CA UNK A 151 -34.65 72.17 56.46
C UNK A 151 -33.55 71.62 55.55
N UNK A 152 -33.47 70.30 55.41
CA UNK A 152 -32.45 69.71 54.55
C UNK A 152 -32.77 69.86 53.07
N UNK A 153 -34.04 70.12 52.73
CA UNK A 153 -34.40 70.27 51.32
C UNK A 153 -33.70 71.47 50.69
N UNK A 154 -33.57 72.57 51.44
CA UNK A 154 -32.92 73.75 50.90
C UNK A 154 -31.45 73.47 50.59
N UNK A 155 -30.75 72.76 51.47
CA UNK A 155 -29.35 72.46 51.24
C UNK A 155 -29.18 71.45 50.11
N UNK A 156 -30.09 70.48 50.01
CA UNK A 156 -30.03 69.47 48.97
C UNK A 156 -31.13 69.66 47.95
N UNK A 162 -23.07 63.96 45.11
CA UNK A 162 -23.99 63.13 45.88
C UNK A 162 -24.48 63.85 47.13
N UNK A 163 -23.85 64.99 47.43
CA UNK A 163 -24.23 65.77 48.61
C UNK A 163 -25.57 66.45 48.44
N UNK A 164 -26.08 66.55 47.22
CA UNK A 164 -27.36 67.19 46.95
C UNK A 164 -28.52 66.21 46.93
N UNK A 165 -28.27 64.93 47.20
CA UNK A 165 -29.31 63.91 47.21
C UNK A 165 -29.45 63.20 48.55
N UNK A 166 -28.70 63.63 49.57
CA UNK A 166 -28.78 63.00 50.88
C UNK A 166 -30.16 63.17 51.50
N UNK A 167 -30.74 64.37 51.38
CA UNK A 167 -32.06 64.62 51.94
C UNK A 167 -33.12 63.74 51.28
N UNK A 168 -33.06 63.62 49.95
CA UNK A 168 -34.04 62.80 49.24
C UNK A 168 -33.91 61.34 49.64
N UNK A 169 -32.67 60.85 49.79
CA UNK A 169 -32.46 59.46 50.18
C UNK A 169 -32.95 59.21 51.60
N UNK A 170 -32.70 60.15 52.51
CA UNK A 170 -33.14 59.99 53.89
C UNK A 170 -34.64 60.20 54.07
N UNK A 171 -35.29 60.87 53.13
CA UNK A 171 -36.73 61.10 53.24
C UNK A 171 -37.52 59.80 53.20
N UNK A 172 -37.00 58.78 52.53
CA UNK A 172 -37.70 57.50 52.46
C UNK A 172 -37.84 56.87 53.83
N UNK A 173 -36.77 56.90 54.63
CA UNK A 173 -36.79 56.33 55.97
C UNK A 173 -37.19 57.33 57.04
N UNK A 174 -37.33 58.62 56.69
CA UNK A 174 -37.71 59.61 57.68
C UNK A 174 -39.12 59.37 58.20
N UNK A 175 -40.05 59.01 57.32
CA UNK A 175 -41.43 58.75 57.71
C UNK A 175 -42.05 57.67 56.83
N UNK A 191 -42.22 69.01 49.40
CA UNK A 191 -41.50 70.16 48.85
C UNK A 191 -41.43 70.08 47.33
N UNK A 192 -42.61 70.04 46.69
CA UNK A 192 -42.65 69.97 45.24
C UNK A 192 -42.14 71.25 44.58
N UNK A 193 -42.33 72.40 45.24
CA UNK A 193 -41.87 73.66 44.68
C UNK A 193 -40.34 73.68 44.54
N UNK A 194 -39.64 73.20 45.56
CA UNK A 194 -38.18 73.17 45.50
C UNK A 194 -37.69 72.25 44.39
N UNK A 195 -38.31 71.08 44.25
CA UNK A 195 -37.92 70.14 43.22
C UNK A 195 -38.18 70.71 41.83
N UNK A 196 -39.32 71.39 41.66
CA UNK A 196 -39.64 71.97 40.36
C UNK A 196 -38.70 73.12 40.02
N UNK A 197 -38.32 73.92 41.02
CA UNK A 197 -37.43 75.04 40.78
C UNK A 197 -35.99 74.59 40.55
N UNK A 198 -35.58 73.47 41.14
CA UNK A 198 -34.21 72.99 40.96
C UNK A 198 -33.98 72.51 39.53
N UNK A 199 -35.04 72.13 38.81
CA UNK A 199 -34.90 71.64 37.44
C UNK A 199 -34.76 72.77 36.43
N UNK A 200 -35.02 74.02 36.84
CA UNK A 200 -34.90 75.14 35.90
C UNK A 200 -33.46 75.34 35.45
N UNK A 201 -32.50 75.20 36.36
CA UNK A 201 -31.10 75.38 36.02
C UNK A 201 -30.58 74.18 35.23
N UNK A 207 -26.65 73.96 35.34
CA UNK A 207 -25.93 72.76 34.93
C UNK A 207 -26.89 71.61 34.65
N UNK A 208 -26.70 70.95 33.51
CA UNK A 208 -27.57 69.83 33.16
C UNK A 208 -27.40 68.67 34.13
N UNK A 209 -26.16 68.38 34.54
CA UNK A 209 -25.93 67.28 35.48
C UNK A 209 -26.61 67.55 36.81
N UNK A 210 -26.52 68.78 37.31
CA UNK A 210 -27.15 69.11 38.59
C UNK A 210 -28.66 68.96 38.51
N UNK A 211 -29.26 69.45 37.42
CA UNK A 211 -30.71 69.33 37.26
C UNK A 211 -31.13 67.87 37.17
N UNK A 212 -30.39 67.07 36.41
CA UNK A 212 -30.72 65.66 36.27
C UNK A 212 -30.62 64.94 37.61
N UNK A 213 -29.55 65.22 38.37
CA UNK A 213 -29.39 64.59 39.68
C UNK A 213 -30.52 64.99 40.63
N UNK A 214 -30.88 66.28 40.62
CA UNK A 214 -31.95 66.74 41.50
C UNK A 214 -33.27 66.07 41.13
N UNK A 215 -33.56 65.97 39.82
CA UNK A 215 -34.81 65.34 39.40
C UNK A 215 -34.83 63.87 39.78
N UNK A 216 -33.71 63.17 39.59
CA UNK A 216 -33.66 61.75 39.94
C UNK A 216 -33.85 61.56 41.44
N UNK A 217 -33.22 62.42 42.25
CA UNK A 217 -33.36 62.31 43.69
C UNK A 217 -34.78 62.60 44.15
N UNK A 218 -35.41 63.62 43.56
CA UNK A 218 -36.77 64.00 43.92
C UNK A 218 -37.81 63.03 43.37
N UNK A 219 -37.45 62.19 42.39
CA UNK A 219 -38.41 61.25 41.83
C UNK A 219 -38.95 60.27 42.88
N UNK A 220 -38.21 60.04 43.95
CA UNK A 220 -38.64 59.11 45.01
C UNK A 220 -39.55 59.77 46.03
N UNK A 221 -39.80 61.07 45.93
CA UNK A 221 -40.67 61.75 46.88
C UNK A 221 -42.10 61.23 46.79
N UNK A 222 -42.59 61.02 45.58
CA UNK A 222 -43.96 60.53 45.38
C UNK A 222 -44.07 59.02 45.53
N UNK A 223 -42.95 58.31 45.69
CA UNK A 223 -42.98 56.86 45.84
C UNK A 223 -42.78 56.40 47.28
N UNK A 224 -42.33 57.27 48.17
CA UNK A 224 -42.12 56.91 49.57
C UNK A 224 -43.36 57.23 50.41
N UNK A 229 -51.24 59.69 46.56
CA UNK A 229 -52.40 60.54 46.80
C UNK A 229 -52.02 62.02 46.66
N UNK A 230 -51.64 62.63 47.78
CA UNK A 230 -51.26 64.04 47.76
C UNK A 230 -50.02 64.27 46.92
N UNK A 231 -49.03 63.38 47.03
CA UNK A 231 -47.80 63.52 46.25
C UNK A 231 -48.08 63.43 44.76
N UNK A 232 -48.92 62.48 44.35
CA UNK A 232 -49.24 62.34 42.93
C UNK A 232 -49.94 63.59 42.41
N UNK A 233 -50.90 64.11 43.17
CA UNK A 233 -51.62 65.31 42.75
C UNK A 233 -50.68 66.49 42.64
N UNK A 234 -49.77 66.64 43.62
CA UNK A 234 -48.83 67.75 43.58
C UNK A 234 -47.91 67.64 42.38
N UNK A 235 -47.42 66.43 42.08
CA UNK A 235 -46.54 66.24 40.94
C UNK A 235 -47.28 66.55 39.64
N UNK A 236 -48.53 66.09 39.53
CA UNK A 236 -49.30 66.34 38.32
C UNK A 236 -49.53 67.84 38.13
N UNK A 237 -49.87 68.53 39.22
CA UNK A 237 -50.11 69.97 39.14
C UNK A 237 -48.84 70.71 38.73
N UNK A 238 -47.70 70.30 39.31
CA UNK A 238 -46.44 70.96 38.97
C UNK A 238 -46.10 70.74 37.50
N UNK A 239 -46.28 69.51 37.01
CA UNK A 239 -45.99 69.21 35.61
C UNK A 239 -46.90 70.02 34.69
N UNK A 240 -48.19 70.10 35.03
CA UNK A 240 -49.12 70.84 34.19
C UNK A 240 -48.76 72.32 34.17
N UNK A 241 -48.39 72.88 35.33
CA UNK A 241 -48.03 74.29 35.40
C UNK A 241 -46.75 74.56 34.60
N UNK A 242 -45.77 73.67 34.69
CA UNK A 242 -44.52 73.85 33.96
C UNK A 242 -44.75 73.74 32.46
N UNK A 243 -45.62 72.81 32.03
CA UNK A 243 -45.88 72.65 30.60
C UNK A 243 -46.56 73.89 30.02
N UNK A 244 -47.50 74.47 30.75
CA UNK A 244 -48.21 75.65 30.29
C UNK A 244 -47.63 76.92 30.93
N UNK A 248 -39.78 72.68 27.40
CA UNK A 248 -40.38 72.41 28.70
C UNK A 248 -39.63 71.29 29.43
N UNK A 249 -38.37 71.57 29.79
CA UNK A 249 -37.57 70.56 30.49
C UNK A 249 -38.15 70.25 31.87
N UNK A 250 -38.64 71.26 32.58
CA UNK A 250 -39.21 71.05 33.89
C UNK A 250 -40.44 70.15 33.82
N UNK A 251 -41.31 70.38 32.84
CA UNK A 251 -42.51 69.57 32.71
C UNK A 251 -42.15 68.11 32.41
N UNK A 252 -41.21 67.90 31.50
CA UNK A 252 -40.80 66.54 31.16
C UNK A 252 -40.18 65.85 32.37
N UNK A 253 -39.34 66.55 33.11
CA UNK A 253 -38.70 65.96 34.29
C UNK A 253 -39.75 65.60 35.33
N UNK A 254 -40.72 66.48 35.57
CA UNK A 254 -41.76 66.21 36.55
C UNK A 254 -42.60 65.00 36.12
N UNK A 255 -42.95 64.94 34.84
CA UNK A 255 -43.75 63.82 34.36
C UNK A 255 -42.99 62.51 34.50
N UNK A 256 -41.69 62.51 34.15
CA UNK A 256 -40.89 61.30 34.26
C UNK A 256 -40.77 60.87 35.71
N UNK A 257 -40.55 61.82 36.62
CA UNK A 257 -40.42 61.49 38.02
C UNK A 257 -41.72 60.91 38.55
N UNK A 258 -42.86 61.50 38.19
CA UNK A 258 -44.14 61.00 38.66
C UNK A 258 -44.40 59.60 38.11
N UNK A 259 -44.08 59.38 36.83
CA UNK A 259 -44.29 58.06 36.24
C UNK A 259 -43.43 57.01 36.93
N UNK A 260 -42.16 57.35 37.19
CA UNK A 260 -41.27 56.39 37.84
C UNK A 260 -41.73 56.10 39.26
N UNK A 261 -42.21 57.12 39.98
CA UNK A 261 -42.66 56.90 41.34
C UNK A 261 -43.93 56.05 41.37
N UNK A 262 -44.87 56.31 40.46
CA UNK A 262 -46.10 55.54 40.42
C UNK A 262 -45.84 54.09 40.00
N UNK A 263 -44.96 53.89 39.02
CA UNK A 263 -44.64 52.54 38.56
C UNK A 263 -43.76 51.77 39.52
N UNK A 264 -43.15 52.45 40.50
CA UNK A 264 -42.28 51.75 41.45
C UNK A 264 -43.07 50.76 42.32
N UNK A 265 -44.28 51.12 42.74
CA UNK A 265 -45.10 50.25 43.56
C UNK A 265 -45.74 49.15 42.72
N UNK A 267 -52.72 54.67 46.43
CA UNK A 267 -52.47 54.99 45.03
C UNK A 267 -53.44 54.23 44.12
N UNK A 268 -54.07 53.19 44.68
CA UNK A 268 -55.01 52.40 43.90
C UNK A 268 -56.22 53.23 43.48
N UNK A 269 -56.75 54.05 44.40
CA UNK A 269 -57.90 54.87 44.10
C UNK A 269 -57.53 56.14 43.34
N UNK A 270 -56.24 56.51 43.32
CA UNK A 270 -55.78 57.70 42.62
C UNK A 270 -55.28 57.41 41.21
N UNK A 271 -55.40 56.16 40.75
CA UNK A 271 -54.95 55.82 39.40
C UNK A 271 -55.79 56.50 38.33
N UNK A 272 -57.09 56.69 38.61
CA UNK A 272 -57.96 57.33 37.63
C UNK A 272 -57.53 58.76 37.36
N UNK A 273 -57.22 59.52 38.41
CA UNK A 273 -56.80 60.91 38.23
C UNK A 273 -55.49 60.99 37.45
N UNK A 274 -54.52 60.13 37.79
CA UNK A 274 -53.24 60.13 37.09
C UNK A 274 -53.43 59.77 35.63
N UNK A 275 -54.26 58.76 35.35
CA UNK A 275 -54.50 58.36 33.96
C UNK A 275 -55.16 59.49 33.19
N UNK A 276 -56.15 60.16 33.79
CA UNK A 276 -56.82 61.25 33.10
C UNK A 276 -55.85 62.38 32.82
N UNK A 277 -55.01 62.73 33.79
CA UNK A 277 -54.05 63.80 33.59
C UNK A 277 -53.06 63.45 32.49
N UNK A 278 -52.57 62.20 32.48
CA UNK A 278 -51.62 61.78 31.46
C UNK A 278 -52.27 61.82 30.08
N UNK A 279 -53.52 61.36 29.98
CA UNK A 279 -54.21 61.37 28.69
C UNK A 279 -54.41 62.79 28.20
N UNK A 280 -54.80 63.70 29.10
CA UNK A 280 -55.00 65.09 28.71
C UNK A 280 -53.69 65.72 28.25
N UNK A 281 -52.60 65.46 28.98
CA UNK A 281 -51.31 66.01 28.60
C UNK A 281 -50.86 65.48 27.25
N UNK A 282 -51.06 64.18 27.00
CA UNK A 282 -50.66 63.60 25.72
C UNK A 282 -51.50 64.15 24.58
N UNK A 283 -52.80 64.32 24.79
CA UNK A 283 -53.66 64.85 23.73
C UNK A 283 -53.33 66.31 23.44
N UNK A 284 -53.00 67.09 24.48
CA UNK A 284 -52.67 68.49 24.27
C UNK A 284 -51.32 68.66 23.57
N UNK A 285 -50.44 67.67 23.70
CA UNK A 285 -49.12 67.74 23.07
C UNK A 285 -48.79 66.44 22.36
N UNK A 290 -43.09 67.08 22.27
CA UNK A 290 -44.41 66.46 22.34
C UNK A 290 -44.29 64.93 22.39
N UNK A 291 -43.29 64.40 21.68
CA UNK A 291 -43.09 62.96 21.66
C UNK A 291 -42.69 62.43 23.04
N UNK A 292 -41.84 63.16 23.75
CA UNK A 292 -41.41 62.73 25.07
C UNK A 292 -42.59 62.65 26.04
N UNK A 293 -43.47 63.66 26.01
CA UNK A 293 -44.62 63.64 26.89
C UNK A 293 -45.54 62.46 26.60
N UNK A 294 -45.78 62.21 25.31
CA UNK A 294 -46.64 61.08 24.93
C UNK A 294 -46.02 59.76 25.36
N UNK A 295 -44.72 59.61 25.16
CA UNK A 295 -44.04 58.37 25.56
C UNK A 295 -44.12 58.17 27.06
N UNK A 296 -43.89 59.23 27.83
CA UNK A 296 -43.95 59.12 29.28
C UNK A 296 -45.35 58.76 29.74
N UNK A 297 -46.37 59.40 29.15
CA UNK A 297 -47.75 59.10 29.53
C UNK A 297 -48.10 57.66 29.21
N UNK A 298 -47.68 57.18 28.03
CA UNK A 298 -47.98 55.80 27.65
C UNK A 298 -47.29 54.82 28.59
N UNK A 299 -46.03 55.10 28.92
CA UNK A 299 -45.30 54.21 29.83
C UNK A 299 -45.96 54.18 31.20
N UNK A 300 -46.39 55.34 31.69
CA UNK A 300 -47.02 55.39 33.01
C UNK A 300 -48.36 54.66 33.00
N UNK A 301 -49.15 54.83 31.93
CA UNK A 301 -50.44 54.17 31.84
C UNK A 301 -50.32 52.66 31.61
N UNK A 302 -49.22 52.21 31.02
CA UNK A 302 -49.05 50.78 30.78
C UNK A 302 -48.91 49.97 32.06
N UNK A 303 -48.56 50.63 33.18
CA UNK A 303 -48.41 49.91 34.45
C UNK A 303 -49.74 49.44 35.02
N UNK A 304 -50.86 49.94 34.52
CA UNK A 304 -52.17 49.53 35.01
C UNK A 304 -52.69 48.31 34.26
N PHE A 307 -59.46 54.83 26.64
CA PHE A 307 -58.80 53.80 25.84
C PHE A 307 -59.37 53.77 24.43
N SER A 308 -60.70 53.75 24.33
CA SER A 308 -61.35 53.72 23.02
C SER A 308 -61.02 54.97 22.22
N THR A 309 -61.08 56.14 22.86
CA THR A 309 -60.79 57.40 22.18
C THR A 309 -59.31 57.73 22.13
N ASN A 310 -58.48 57.04 22.93
CA ASN A 310 -57.05 57.29 22.93
C ASN A 310 -56.34 56.68 21.72
N PHE A 311 -56.96 55.70 21.06
CA PHE A 311 -56.32 55.09 19.90
C PHE A 311 -56.23 56.06 18.73
N ARG A 312 -57.11 57.06 18.68
CA ARG A 312 -57.08 58.02 17.59
C ARG A 312 -55.78 58.81 17.59
N ASP A 313 -55.32 59.23 18.77
CA ASP A 313 -54.07 59.98 18.85
C ASP A 313 -52.90 59.14 18.38
N THR A 314 -52.85 57.87 18.79
CA THR A 314 -51.76 57.00 18.38
C THR A 314 -51.79 56.77 16.87
N VAL A 315 -52.98 56.58 16.31
CA VAL A 315 -53.10 56.35 14.88
C VAL A 315 -52.64 57.58 14.11
N ASP A 316 -53.05 58.77 14.57
CA ASP A 316 -52.66 60.00 13.90
C ASP A 316 -51.16 60.22 14.00
N ILE A 317 -50.56 59.93 15.15
CA ILE A 317 -49.12 60.12 15.32
C ILE A 317 -48.36 59.15 14.42
N LEU A 318 -48.80 57.90 14.37
CA LEU A 318 -48.13 56.91 13.53
C LEU A 318 -48.33 57.16 12.04
N VAL A 319 -49.30 58.01 11.66
CA VAL A 319 -49.55 58.31 10.26
C VAL A 319 -48.89 59.62 9.83
N GLY A 320 -48.00 60.16 10.66
CA GLY A 320 -47.32 61.40 10.33
C GLY A 320 -46.27 61.25 9.25
N SER A 330 -38.73 57.53 11.94
CA SER A 330 -37.63 56.91 12.69
C SER A 330 -38.12 56.41 14.05
N LEU A 331 -39.10 57.10 14.61
CA LEU A 331 -39.68 56.75 15.90
C LEU A 331 -40.97 55.95 15.77
N THR A 332 -41.32 55.52 14.56
CA THR A 332 -42.55 54.76 14.37
C THR A 332 -42.48 53.40 15.05
N GLN A 333 -41.27 52.86 15.25
CA GLN A 333 -41.14 51.56 15.89
C GLN A 333 -41.62 51.60 17.33
N GLN A 334 -41.30 52.68 18.06
CA GLN A 334 -41.72 52.79 19.46
C GLN A 334 -43.24 52.84 19.59
N VAL A 335 -43.90 53.70 18.80
CA VAL A 335 -45.35 53.79 18.87
C VAL A 335 -45.99 52.49 18.40
N SER A 336 -45.43 51.86 17.37
CA SER A 336 -46.00 50.60 16.87
C SER A 336 -45.92 49.53 17.95
N GLY A 337 -44.77 49.42 18.62
CA GLY A 337 -44.63 48.42 19.66
C GLY A 337 -45.53 48.70 20.84
N TRP A 338 -45.65 49.97 21.22
CA TRP A 338 -46.52 50.32 22.34
C TRP A 338 -47.97 49.98 22.04
N LEU A 339 -48.42 50.28 20.81
CA LEU A 339 -49.79 50.00 20.43
C LEU A 339 -50.03 48.49 20.37
N GLN A 340 -49.05 47.74 19.86
CA GLN A 340 -49.23 46.29 19.77
C GLN A 340 -49.22 45.64 21.14
N SER A 341 -48.45 46.17 22.09
CA SER A 341 -48.37 45.62 23.44
C SER A 341 -49.39 46.22 24.39
N LEU A 342 -50.18 47.20 23.94
CA LEU A 342 -51.18 47.81 24.82
C LEU A 342 -52.22 46.80 25.28
N GLU A 343 -52.69 45.96 24.36
CA GLU A 343 -53.68 44.94 24.69
C GLU A 343 -53.06 43.55 24.72
N ALA A 351 -65.00 44.26 17.32
CA ALA A 351 -65.84 45.32 17.88
C ALA A 351 -65.59 46.64 17.17
N PHE A 352 -64.91 47.56 17.86
CA PHE A 352 -64.63 48.87 17.27
C PHE A 352 -63.58 48.77 16.18
N SER A 353 -62.87 47.65 16.09
CA SER A 353 -61.85 47.48 15.06
C SER A 353 -62.46 47.54 13.67
N THR A 354 -63.59 46.86 13.46
CA THR A 354 -64.23 46.86 12.15
C THR A 354 -64.68 48.27 11.77
N THR A 355 -65.26 49.01 12.72
CA THR A 355 -65.71 50.36 12.44
C THR A 355 -64.52 51.27 12.12
N LEU A 356 -63.41 51.11 12.84
CA LEU A 356 -62.24 51.94 12.58
C LEU A 356 -61.65 51.62 11.21
N LEU A 357 -61.65 50.33 10.82
CA LEU A 357 -61.10 49.95 9.53
C LEU A 357 -62.01 50.35 8.37
N GLY A 358 -63.32 50.44 8.60
CA GLY A 358 -64.21 50.83 7.51
C GLY A 358 -63.90 52.21 6.98
N GLN A 359 -63.69 53.17 7.90
CA GLN A 359 -63.37 54.53 7.47
C GLN A 359 -62.05 54.56 6.72
N PHE A 360 -61.06 53.79 7.20
CA PHE A 360 -59.77 53.77 6.52
C PHE A 360 -59.91 53.20 5.12
N LEU A 361 -60.70 52.14 4.97
CA LEU A 361 -60.91 51.54 3.67
C LEU A 361 -61.58 52.53 2.73
N GLU A 362 -62.59 53.24 3.22
CA GLU A 362 -63.29 54.22 2.40
C GLU A 362 -62.34 55.33 1.97
N ASP A 363 -61.48 55.76 2.90
CA ASP A 363 -60.53 56.83 2.59
C ASP A 363 -59.53 56.39 1.52
N MET A 364 -58.95 55.19 1.65
CA MET A 364 -57.99 54.75 0.63
C MET A 364 -58.68 54.57 -0.70
N GLU A 365 -59.91 54.05 -0.71
CA GLU A 365 -60.62 53.86 -1.97
C GLU A 365 -60.88 55.20 -2.64
N ALA A 366 -61.31 56.20 -1.85
CA ALA A 366 -61.59 57.51 -2.40
C ALA A 366 -60.31 58.16 -2.92
N TYR A 367 -59.19 57.92 -2.24
CA TYR A 367 -57.92 58.50 -2.68
C TYR A 367 -57.59 58.06 -4.10
N ALA A 368 -57.67 56.75 -4.37
CA ALA A 368 -57.38 56.25 -5.70
C ALA A 368 -58.47 56.66 -6.69
N GLU A 369 -59.72 56.73 -6.24
CA GLU A 369 -60.80 57.11 -7.15
C GLU A 369 -60.60 58.53 -7.65
N ASP A 370 -60.17 59.43 -6.78
CA ASP A 370 -59.94 60.82 -7.14
C ASP A 370 -58.53 61.07 -7.66
N LEU A 371 -57.64 60.07 -7.59
CA LEU A 371 -56.28 60.25 -8.07
C LEU A 371 -56.25 60.49 -9.57
N SER A 372 -57.07 59.77 -10.33
CA SER A 372 -57.13 59.93 -11.77
C SER A 372 -57.73 61.27 -12.15
N SER A 388 -50.91 65.14 -7.43
CA SER A 388 -50.18 63.93 -7.09
C SER A 388 -49.37 64.12 -5.82
N VAL A 389 -50.05 64.41 -4.72
CA VAL A 389 -49.40 64.62 -3.44
C VAL A 389 -50.06 63.72 -2.40
N SER A 390 -50.95 62.83 -2.87
CA SER A 390 -51.66 61.91 -1.99
C SER A 390 -50.85 60.66 -1.66
N LEU A 391 -49.66 60.50 -2.23
CA LEU A 391 -48.85 59.32 -1.94
C LEU A 391 -48.47 59.20 -0.46
N PRO A 392 -47.97 60.26 0.21
CA PRO A 392 -47.63 60.09 1.63
C PRO A 392 -48.81 59.67 2.48
N LYS A 393 -49.99 60.23 2.19
CA LYS A 393 -51.18 59.87 2.96
C LYS A 393 -51.52 58.39 2.77
N LEU A 394 -51.45 57.91 1.52
CA LEU A 394 -51.75 56.50 1.27
C LEU A 394 -50.75 55.60 1.96
N ALA A 395 -49.46 55.95 1.91
CA ALA A 395 -48.44 55.14 2.55
C ALA A 395 -48.66 55.10 4.06
N ALA A 396 -48.97 56.26 4.66
CA ALA A 396 -49.20 56.30 6.10
C ALA A 396 -50.43 55.49 6.47
N LEU A 397 -51.49 55.57 5.66
CA LEU A 397 -52.70 54.82 5.94
C LEU A 397 -52.42 53.32 5.89
N LEU A 398 -51.67 52.87 4.88
CA LEU A 398 -51.37 51.44 4.78
C LEU A 398 -50.49 51.00 5.94
N ARG A 399 -49.53 51.83 6.34
CA ARG A 399 -48.64 51.47 7.44
C ARG A 399 -49.43 51.35 8.75
N VAL A 400 -50.31 52.31 9.03
CA VAL A 400 -51.09 52.23 10.26
C VAL A 400 -52.04 51.05 10.20
N PHE A 401 -52.58 50.75 9.02
CA PHE A 401 -53.49 49.62 8.89
C PHE A 401 -52.77 48.33 9.22
N SER A 402 -51.56 48.16 8.67
CA SER A 402 -50.80 46.94 8.93
C SER A 402 -50.41 46.86 10.40
N THR A 403 -50.04 48.01 10.99
CA THR A 403 -49.66 48.03 12.40
C THR A 403 -50.83 47.62 13.29
N VAL A 404 -52.02 48.16 13.04
CA VAL A 404 -53.16 47.81 13.86
C VAL A 404 -53.58 46.36 13.61
N VAL A 405 -53.41 45.86 12.39
CA VAL A 405 -53.78 44.48 12.11
C VAL A 405 -52.85 43.51 12.83
N ARG A 406 -51.55 43.79 12.79
CA ARG A 406 -50.58 42.93 13.46
C ARG A 406 -50.67 43.03 14.98
N SER A 407 -51.30 44.08 15.50
CA SER A 407 -51.43 44.26 16.94
C SER A 407 -52.33 43.21 17.59
N ILE A 408 -53.08 42.44 16.81
CA ILE A 408 -53.97 41.42 17.34
C ILE A 408 -53.18 40.35 18.09
N ALA A 423 -64.20 34.96 10.19
CA ALA A 423 -63.27 35.18 9.10
C ALA A 423 -63.97 35.12 7.75
N TYR A 424 -64.65 36.20 7.39
CA TYR A 424 -65.37 36.27 6.12
C TYR A 424 -65.06 37.50 5.29
N VAL A 425 -64.60 38.61 5.90
CA VAL A 425 -64.29 39.82 5.16
C VAL A 425 -62.81 39.90 4.78
N THR A 426 -61.99 38.93 5.19
CA THR A 426 -60.57 38.97 4.86
C THR A 426 -60.36 38.88 3.36
N ASP A 427 -61.09 37.97 2.68
CA ASP A 427 -60.92 37.83 1.24
C ASP A 427 -61.37 39.09 0.51
N VAL A 428 -62.50 39.68 0.92
CA VAL A 428 -62.99 40.89 0.28
C VAL A 428 -61.99 42.03 0.46
N LEU A 429 -61.48 42.19 1.68
CA LEU A 429 -60.51 43.25 1.95
C LEU A 429 -59.23 43.05 1.14
N TYR A 430 -58.75 41.81 1.07
CA TYR A 430 -57.53 41.54 0.31
C TYR A 430 -57.74 41.83 -1.17
N ARG A 431 -58.88 41.40 -1.72
CA ARG A 431 -59.15 41.65 -3.13
C ARG A 431 -59.27 43.14 -3.42
N VAL A 432 -59.94 43.88 -2.53
CA VAL A 432 -60.09 45.32 -2.73
C VAL A 432 -58.73 46.00 -2.68
N MET A 433 -57.88 45.61 -1.71
CA MET A 433 -56.56 46.20 -1.60
C MET A 433 -55.73 45.91 -2.83
N ARG A 434 -55.77 44.67 -3.32
CA ARG A 434 -54.99 44.31 -4.51
C ARG A 434 -55.47 45.09 -5.72
N CYS A 435 -56.79 45.22 -5.89
CA CYS A 435 -57.33 45.96 -7.03
C CYS A 435 -56.97 47.44 -6.96
N VAL A 436 -57.09 48.04 -5.77
CA VAL A 436 -56.76 49.47 -5.65
C VAL A 436 -55.27 49.69 -5.86
N THR A 437 -54.43 48.75 -5.42
CA THR A 437 -52.99 48.92 -5.59
C THR A 437 -52.59 48.76 -7.05
N ALA A 438 -53.19 47.77 -7.75
CA ALA A 438 -52.86 47.55 -9.15
C ALA A 438 -53.39 48.67 -10.04
N ALA A 439 -54.54 49.24 -9.67
CA ALA A 439 -55.11 50.32 -10.48
C ALA A 439 -54.20 51.54 -10.50
N ASN A 440 -53.61 51.88 -9.35
CA ASN A 440 -52.72 53.03 -9.24
C ASN A 440 -51.33 52.65 -9.73
N GLN A 441 -51.24 52.44 -11.05
CA GLN A 441 -50.00 52.07 -11.70
C GLN A 441 -49.25 53.26 -12.27
N VAL A 442 -49.76 54.47 -12.11
CA VAL A 442 -49.10 55.66 -12.63
C VAL A 442 -48.10 56.24 -11.63
N PHE A 443 -48.47 56.25 -10.34
CA PHE A 443 -47.56 56.79 -9.34
C PHE A 443 -46.28 55.98 -9.24
N PHE A 444 -46.40 54.65 -9.24
CA PHE A 444 -45.27 53.72 -9.16
C PHE A 444 -44.39 54.03 -7.95
N SER A 445 -44.98 53.87 -6.77
CA SER A 445 -44.30 54.11 -5.50
C SER A 445 -43.94 52.78 -4.85
N GLU A 446 -42.74 52.71 -4.29
CA GLU A 446 -42.29 51.49 -3.63
C GLU A 446 -42.75 51.38 -2.18
N ALA A 447 -42.95 52.50 -1.49
CA ALA A 447 -43.38 52.45 -0.10
C ALA A 447 -44.78 51.86 0.01
N VAL A 448 -45.70 52.32 -0.86
CA VAL A 448 -47.06 51.81 -0.83
C VAL A 448 -47.06 50.32 -1.19
N LEU A 449 -46.23 49.92 -2.14
CA LEU A 449 -46.17 48.52 -2.53
C LEU A 449 -45.66 47.66 -1.38
N THR A 450 -44.63 48.14 -0.67
CA THR A 450 -44.09 47.38 0.45
C THR A 450 -45.12 47.24 1.56
N ALA A 451 -45.81 48.33 1.88
CA ALA A 451 -46.83 48.27 2.93
C ALA A 451 -47.96 47.33 2.54
N ALA A 452 -48.41 47.40 1.29
CA ALA A 452 -49.48 46.52 0.83
C ALA A 452 -49.03 45.07 0.88
N ASN A 453 -47.80 44.80 0.47
CA ASN A 453 -47.30 43.43 0.48
C ASN A 453 -47.25 42.89 1.91
N GLU A 454 -46.76 43.70 2.85
CA GLU A 454 -46.69 43.25 4.24
C GLU A 454 -48.08 42.98 4.79
N CYS A 455 -49.03 43.88 4.51
CA CYS A 455 -50.39 43.71 5.01
C CYS A 455 -51.02 42.45 4.42
N VAL A 456 -50.84 42.22 3.12
CA VAL A 456 -51.41 41.05 2.48
C VAL A 456 -50.78 39.78 3.05
N GLY A 457 -49.48 39.81 3.29
CA GLY A 457 -48.81 38.63 3.83
C GLY A 457 -49.31 38.28 5.23
N VAL A 458 -49.41 39.29 6.10
CA VAL A 458 -49.88 39.01 7.46
C VAL A 458 -51.34 38.56 7.44
N LEU A 459 -52.16 39.19 6.58
CA LEU A 459 -53.57 38.81 6.51
C LEU A 459 -53.72 37.37 6.02
N LEU A 460 -52.94 36.98 5.02
CA LEU A 460 -53.02 35.63 4.49
C LEU A 460 -52.50 34.62 5.51
N GLY A 461 -51.43 34.95 6.22
CA GLY A 461 -50.89 34.04 7.21
C GLY A 461 -51.73 33.91 8.46
N SER A 462 -52.60 34.89 8.72
CA SER A 462 -53.44 34.83 9.91
C SER A 462 -54.40 33.64 9.85
N LEU A 463 -54.97 33.37 8.69
CA LEU A 463 -55.90 32.26 8.52
C LEU A 463 -55.13 30.95 8.38
N ASP A 464 -55.87 29.87 8.08
CA ASP A 464 -55.34 28.53 7.89
C ASP A 464 -55.74 27.97 6.53
N PRO A 465 -54.97 27.03 5.97
CA PRO A 465 -55.33 26.47 4.66
C PRO A 465 -56.52 25.53 4.72
N SER A 466 -57.71 26.08 5.00
CA SER A 466 -58.93 25.29 5.09
C SER A 466 -60.11 26.00 4.45
N MET A 467 -59.85 26.80 3.41
CA MET A 467 -60.91 27.53 2.71
C MET A 467 -60.62 27.49 1.22
N THR A 468 -61.43 28.23 0.46
CA THR A 468 -61.31 28.34 -0.99
C THR A 468 -61.23 29.80 -1.41
N ILE A 469 -60.35 30.55 -0.75
CA ILE A 469 -60.20 31.96 -1.06
C ILE A 469 -59.72 32.13 -2.49
N HIS A 470 -60.07 33.28 -3.09
CA HIS A 470 -59.70 33.58 -4.46
C HIS A 470 -58.18 33.68 -4.61
N CYS A 471 -57.58 32.73 -5.32
CA CYS A 471 -56.15 32.71 -5.53
C CYS A 471 -55.72 33.31 -6.85
N ASP A 472 -56.65 33.44 -7.81
CA ASP A 472 -56.29 34.01 -9.11
C ASP A 472 -55.85 35.46 -8.97
N MET A 473 -56.56 36.24 -8.17
CA MET A 473 -56.19 37.65 -7.98
C MET A 473 -54.83 37.78 -7.31
N VAL A 474 -54.58 36.96 -6.28
CA VAL A 474 -53.30 37.01 -5.58
C VAL A 474 -52.16 36.63 -6.52
N ILE A 475 -52.34 35.56 -7.29
CA ILE A 475 -51.31 35.13 -8.22
C ILE A 475 -51.06 36.20 -9.28
N THR A 476 -52.12 36.79 -9.81
CA THR A 476 -51.96 37.84 -10.82
C THR A 476 -51.21 39.03 -10.25
N TYR A 477 -51.57 39.45 -9.04
CA TYR A 477 -50.90 40.59 -8.43
C TYR A 477 -49.43 40.29 -8.18
N GLY A 478 -49.13 39.09 -7.69
CA GLY A 478 -47.74 38.72 -7.44
C GLY A 478 -46.93 38.70 -8.72
N LEU A 479 -47.49 38.12 -9.78
CA LEU A 479 -46.76 38.07 -11.06
C LEU A 479 -46.55 39.47 -11.61
N ASP A 480 -47.57 40.33 -11.51
CA ASP A 480 -47.44 41.69 -12.02
C ASP A 480 -46.37 42.47 -11.27
N GLN A 481 -46.34 42.34 -9.94
CA GLN A 481 -45.32 43.07 -9.19
C GLN A 481 -43.93 42.48 -9.39
N LEU A 482 -43.83 41.17 -9.58
CA LEU A 482 -42.53 40.55 -9.79
C LEU A 482 -41.95 40.88 -11.15
N GLU A 483 -42.81 41.01 -12.18
CA GLU A 483 -42.32 41.33 -13.51
C GLU A 483 -41.71 42.71 -13.58
N ASN A 484 -41.98 43.57 -12.61
CA ASN A 484 -41.45 44.93 -12.57
C ASN A 484 -40.75 45.18 -11.24
N CYS A 485 -39.94 44.21 -10.80
CA CYS A 485 -39.20 44.30 -9.55
C CYS A 485 -37.70 44.13 -9.75
N GLN A 486 -37.20 44.34 -10.96
CA GLN A 486 -35.76 44.18 -11.22
C GLN A 486 -34.98 45.36 -10.67
N THR A 487 -35.31 46.57 -11.13
CA THR A 487 -34.62 47.78 -10.68
C THR A 487 -35.45 48.43 -9.57
N CYS A 488 -35.33 47.84 -8.38
CA CYS A 488 -36.04 48.31 -7.20
C CYS A 488 -35.09 48.31 -6.01
N GLY A 489 -35.54 48.94 -4.92
CA GLY A 489 -34.72 49.00 -3.72
C GLY A 489 -34.63 47.66 -3.01
N THR A 490 -33.64 47.57 -2.13
CA THR A 490 -33.44 46.34 -1.38
C THR A 490 -34.60 46.03 -0.44
N ASP A 491 -35.24 47.07 0.11
CA ASP A 491 -36.36 46.85 1.01
C ASP A 491 -37.55 46.21 0.29
N TYR A 492 -37.81 46.63 -0.95
CA TYR A 492 -38.93 46.07 -1.69
C TYR A 492 -38.68 44.62 -2.07
N ILE A 493 -37.43 44.28 -2.40
CA ILE A 493 -37.11 42.90 -2.77
C ILE A 493 -37.35 41.95 -1.61
N ILE A 494 -36.91 42.33 -0.40
CA ILE A 494 -37.11 41.48 0.77
C ILE A 494 -38.60 41.27 1.04
N SER A 495 -39.37 42.35 0.97
CA SER A 495 -40.81 42.25 1.20
C SER A 495 -41.47 41.36 0.16
N VAL A 496 -41.08 41.50 -1.10
CA VAL A 496 -41.67 40.68 -2.15
C VAL A 496 -41.35 39.21 -1.93
N LEU A 497 -40.10 38.90 -1.59
CA LEU A 497 -39.73 37.50 -1.36
C LEU A 497 -40.48 36.93 -0.16
N ASN A 498 -40.58 37.68 0.93
CA ASN A 498 -41.30 37.15 2.08
C ASN A 498 -42.76 36.94 1.73
N LEU A 499 -43.35 37.88 0.97
CA LEU A 499 -44.74 37.73 0.59
C LEU A 499 -44.93 36.46 -0.22
N LEU A 500 -44.04 36.24 -1.20
CA LEU A 500 -44.12 35.04 -2.03
C LEU A 500 -44.06 33.81 -1.14
N THR A 501 -43.20 33.85 -0.11
CA THR A 501 -43.09 32.70 0.78
C THR A 501 -44.41 32.47 1.51
N LEU A 502 -45.07 33.56 1.93
CA LEU A 502 -46.35 33.43 2.62
C LEU A 502 -47.40 32.79 1.72
N ILE A 503 -47.48 33.22 0.46
CA ILE A 503 -48.49 32.61 -0.42
C ILE A 503 -48.14 31.15 -0.69
N VAL A 504 -46.85 30.83 -0.85
CA VAL A 504 -46.45 29.45 -1.11
C VAL A 504 -46.82 28.55 0.07
N GLU A 505 -46.56 29.01 1.29
CA GLU A 505 -46.88 28.19 2.47
C GLU A 505 -48.38 28.13 2.73
N GLN A 506 -49.08 29.26 2.64
CA GLN A 506 -50.51 29.29 2.88
C GLN A 506 -51.29 28.52 1.83
N ILE A 507 -51.04 28.79 0.54
CA ILE A 507 -51.75 28.09 -0.51
C ILE A 507 -51.10 26.74 -0.77
N ASN A 508 -51.63 25.70 -0.12
CA ASN A 508 -51.14 24.34 -0.24
C ASN A 508 -52.19 23.51 -0.97
N THR A 509 -51.73 22.59 -1.82
CA THR A 509 -52.56 21.70 -2.61
C THR A 509 -53.48 22.45 -3.57
N LYS A 510 -53.25 23.74 -3.78
CA LYS A 510 -54.07 24.55 -4.68
C LYS A 510 -53.27 25.31 -5.72
N LEU A 511 -51.94 25.30 -5.64
CA LEU A 511 -51.13 26.01 -6.61
C LEU A 511 -51.12 25.25 -7.93
N PRO A 512 -51.55 25.87 -9.04
CA PRO A 512 -51.55 25.17 -10.32
C PRO A 512 -50.14 24.99 -10.85
N SER A 513 -49.98 23.99 -11.74
CA SER A 513 -48.68 23.72 -12.33
C SER A 513 -48.18 24.87 -13.17
N SER A 514 -49.08 25.72 -13.69
CA SER A 514 -48.65 26.85 -14.51
C SER A 514 -47.85 27.85 -13.70
N PHE A 515 -48.26 28.14 -12.46
CA PHE A 515 -47.55 29.10 -11.63
C PHE A 515 -46.11 28.64 -11.36
N VAL A 516 -45.95 27.41 -10.87
CA VAL A 516 -44.61 26.90 -10.58
C VAL A 516 -43.81 26.76 -11.87
N GLU A 517 -44.46 26.41 -12.97
CA GLU A 517 -43.75 26.26 -14.24
C GLU A 517 -43.18 27.59 -14.70
N LYS A 518 -43.99 28.65 -14.60
CA LYS A 518 -43.54 29.98 -15.01
C LYS A 518 -42.57 30.60 -14.01
N LEU A 519 -42.56 30.11 -12.77
CA LEU A 519 -41.67 30.67 -11.75
C LEU A 519 -40.25 30.10 -11.84
N PHE A 520 -40.01 29.07 -12.64
CA PHE A 520 -38.68 28.49 -12.76
C PHE A 520 -38.18 28.47 -14.20
N ILE A 521 -38.31 29.59 -14.90
CA ILE A 521 -37.86 29.71 -16.28
C ILE A 521 -36.98 30.94 -16.40
N PRO A 522 -36.17 31.03 -17.45
CA PRO A 522 -35.29 32.20 -17.61
C PRO A 522 -36.02 33.54 -17.54
N SER A 523 -37.26 33.63 -18.04
CA SER A 523 -37.97 34.90 -17.99
C SER A 523 -38.37 35.29 -16.58
N SER A 524 -38.33 34.36 -15.63
CA SER A 524 -38.69 34.70 -14.26
C SER A 524 -37.67 35.64 -13.65
N LYS A 525 -38.16 36.69 -12.98
CA LYS A 525 -37.26 37.66 -12.36
C LYS A 525 -36.48 37.08 -11.20
N LEU A 526 -36.94 35.98 -10.61
CA LEU A 526 -36.23 35.37 -9.48
C LEU A 526 -34.87 34.82 -9.90
N LEU A 527 -34.79 34.22 -11.10
CA LEU A 527 -33.54 33.66 -11.59
C LEU A 527 -32.46 34.75 -11.65
N PHE A 528 -32.80 35.90 -12.24
CA PHE A 528 -31.83 36.99 -12.35
C PHE A 528 -31.65 37.70 -11.01
N LEU A 529 -32.65 37.64 -10.14
CA LEU A 529 -32.57 38.31 -8.85
C LEU A 529 -31.64 37.57 -7.91
N ARG A 530 -31.44 36.26 -8.13
CA ARG A 530 -30.55 35.49 -7.28
C ARG A 530 -29.09 35.92 -7.38
N TYR A 531 -28.73 36.72 -8.39
CA TYR A 531 -27.37 37.18 -8.58
C TYR A 531 -27.04 38.44 -7.78
N HIS A 532 -27.94 38.89 -6.90
CA HIS A 532 -27.66 40.09 -6.11
C HIS A 532 -26.48 39.86 -5.18
N LYS A 533 -25.69 40.92 -5.00
CA LYS A 533 -24.51 40.85 -4.14
C LYS A 533 -24.86 40.77 -2.65
N GLU A 534 -26.06 41.20 -2.26
CA GLU A 534 -26.43 41.14 -0.85
C GLU A 534 -26.63 39.69 -0.40
N LYS A 535 -26.46 39.46 0.90
CA LYS A 535 -26.61 38.13 1.46
C LYS A 535 -28.03 37.84 1.92
N GLU A 536 -28.74 38.85 2.45
CA GLU A 536 -30.10 38.65 2.90
C GLU A 536 -31.01 38.21 1.76
N VAL A 537 -30.82 38.83 0.58
CA VAL A 537 -31.64 38.48 -0.58
C VAL A 537 -31.39 37.03 -0.98
N VAL A 538 -30.13 36.58 -0.94
CA VAL A 538 -29.83 35.21 -1.31
C VAL A 538 -30.45 34.25 -0.29
N ALA A 539 -30.40 34.62 1.00
CA ALA A 539 -30.96 33.77 2.04
C ALA A 539 -32.46 33.62 1.85
N VAL A 540 -33.17 34.73 1.62
CA VAL A 540 -34.61 34.62 1.44
C VAL A 540 -34.92 33.85 0.15
N ALA A 541 -34.09 34.02 -0.88
CA ALA A 541 -34.33 33.29 -2.13
C ALA A 541 -34.22 31.79 -1.87
N HIS A 542 -33.20 31.39 -1.10
CA HIS A 542 -33.04 29.97 -0.80
C HIS A 542 -34.22 29.48 0.01
N ALA A 543 -34.74 30.34 0.90
CA ALA A 543 -35.89 29.96 1.71
C ALA A 543 -37.09 29.73 0.81
N VAL A 544 -37.25 30.58 -0.21
CA VAL A 544 -38.37 30.44 -1.14
C VAL A 544 -38.23 29.12 -1.89
N TYR A 545 -37.01 28.80 -2.31
CA TYR A 545 -36.79 27.55 -3.04
C TYR A 545 -37.13 26.35 -2.16
N GLN A 546 -36.69 26.35 -0.90
CA GLN A 546 -37.00 25.22 -0.04
C GLN A 546 -38.50 25.13 0.23
N ALA A 547 -39.17 26.27 0.36
CA ALA A 547 -40.60 26.25 0.62
C ALA A 547 -41.36 25.72 -0.59
N VAL A 548 -40.96 26.11 -1.79
CA VAL A 548 -41.63 25.63 -2.99
C VAL A 548 -41.29 24.17 -3.24
N LEU A 549 -40.18 23.69 -2.67
CA LEU A 549 -39.77 22.31 -2.83
C LEU A 549 -40.25 21.41 -1.70
N SER A 550 -40.90 21.97 -0.69
CA SER A 550 -41.39 21.19 0.46
C SER A 550 -42.90 20.90 0.42
N LEU A 551 -43.49 20.73 -0.75
CA LEU A 551 -44.93 20.44 -0.81
C LEU A 551 -45.15 18.94 -0.62
N LYS A 552 -46.38 18.49 -0.87
CA LYS A 552 -46.71 17.07 -0.71
C LYS A 552 -47.29 16.46 -1.99
N ASN A 553 -47.95 17.27 -2.81
CA ASN A 553 -48.53 16.78 -4.05
C ASN A 553 -47.43 16.53 -5.08
N ILE A 554 -47.36 15.30 -5.58
CA ILE A 554 -46.35 14.94 -6.58
C ILE A 554 -46.65 15.50 -7.97
N PRO A 555 -47.91 15.61 -8.43
CA PRO A 555 -48.10 16.16 -9.78
C PRO A 555 -47.63 17.60 -9.92
N VAL A 556 -47.76 18.40 -8.86
CA VAL A 556 -47.33 19.79 -8.93
C VAL A 556 -45.85 19.97 -8.59
N LEU A 557 -45.25 19.01 -7.87
CA LEU A 557 -43.84 19.08 -7.52
C LEU A 557 -42.93 18.49 -8.58
N GLU A 558 -43.46 17.54 -9.37
CA GLU A 558 -42.66 16.92 -10.42
C GLU A 558 -42.21 17.93 -11.45
N THR A 559 -43.10 18.86 -11.83
CA THR A 559 -42.72 19.86 -12.83
C THR A 559 -41.60 20.75 -12.30
N ALA A 560 -41.69 21.16 -11.03
CA ALA A 560 -40.64 22.01 -10.47
C ALA A 560 -39.32 21.25 -10.40
N TYR A 561 -39.39 19.99 -9.98
CA TYR A 561 -38.18 19.17 -9.90
C TYR A 561 -37.54 19.01 -11.26
N LYS A 562 -38.37 18.78 -12.29
CA LYS A 562 -37.86 18.63 -13.65
C LYS A 562 -37.23 19.93 -14.13
N LEU A 563 -37.85 21.07 -13.80
CA LEU A 563 -37.30 22.34 -14.24
C LEU A 563 -35.94 22.58 -13.61
N ILE A 564 -35.82 22.28 -12.31
CA ILE A 564 -34.54 22.47 -11.63
C ILE A 564 -33.48 21.56 -12.23
N LEU A 565 -33.85 20.30 -12.47
CA LEU A 565 -32.91 19.35 -13.07
C LEU A 565 -32.49 19.81 -14.45
N GLY A 566 -33.44 20.35 -15.23
CA GLY A 566 -33.11 20.82 -16.57
C GLY A 566 -32.13 21.98 -16.51
N GLU A 567 -32.35 22.91 -15.60
CA GLU A 567 -31.46 24.05 -15.48
C GLU A 567 -30.07 23.56 -15.09
N MET A 568 -30.01 22.60 -14.18
CA MET A 568 -28.72 22.05 -13.74
C MET A 568 -28.01 21.40 -14.93
N THR A 569 -28.77 20.62 -15.71
CA THR A 569 -28.19 19.95 -16.87
C THR A 569 -27.65 20.97 -17.87
N CYS A 570 -28.39 22.05 -18.07
CA CYS A 570 -27.93 23.08 -19.00
C CYS A 570 -26.63 23.68 -18.51
N ALA A 571 -26.53 23.93 -17.20
CA ALA A 571 -25.29 24.50 -16.66
C ALA A 571 -24.12 23.55 -16.86
N LEU A 572 -24.31 22.26 -16.55
CA LEU A 572 -23.22 21.30 -16.73
C LEU A 572 -22.84 21.19 -18.20
N ASN A 573 -23.83 21.22 -19.10
CA ASN A 573 -23.53 21.12 -20.53
C ASN A 573 -22.68 22.31 -20.97
N ASN A 574 -23.04 23.51 -20.49
CA ASN A 574 -22.27 24.69 -20.86
C ASN A 574 -20.84 24.58 -20.34
N LEU A 575 -20.69 24.12 -19.09
CA LEU A 575 -19.36 23.98 -18.51
C LEU A 575 -18.54 22.96 -19.30
N LEU A 576 -19.17 21.85 -19.70
CA LEU A 576 -18.47 20.82 -20.46
C LEU A 576 -18.03 21.35 -21.82
N HIS A 577 -18.92 22.09 -22.49
CA HIS A 577 -18.57 22.63 -23.80
C HIS A 577 -17.50 23.70 -23.69
N SER A 578 -17.41 24.36 -22.54
CA SER A 578 -16.40 25.40 -22.35
C SER A 578 -14.98 24.85 -22.41
N LEU A 579 -14.79 23.54 -22.28
CA LEU A 579 -13.46 22.95 -22.33
C LEU A 579 -13.30 21.97 -23.49
N GLN A 580 -14.13 22.09 -24.52
CA GLN A 580 -14.09 21.23 -25.71
C GLN A 580 -14.27 19.75 -25.35
N LEU A 581 -15.47 19.44 -24.85
CA LEU A 581 -15.79 18.08 -24.45
C LEU A 581 -17.29 17.92 -24.70
N PRO A 582 -17.72 16.80 -25.31
CA PRO A 582 -19.15 16.62 -25.56
C PRO A 582 -19.97 16.56 -24.29
N GLU A 583 -21.20 17.07 -24.37
CA GLU A 583 -22.10 17.09 -23.24
C GLU A 583 -22.69 15.71 -22.98
N ALA A 584 -23.27 15.55 -21.79
CA ALA A 584 -23.89 14.31 -21.37
C ALA A 584 -25.16 14.65 -20.58
N CYS A 585 -25.69 13.66 -19.87
CA CYS A 585 -26.90 13.80 -19.06
C CYS A 585 -28.09 14.22 -19.92
N SER A 586 -28.44 13.34 -20.87
CA SER A 586 -29.55 13.58 -21.78
C SER A 586 -30.87 13.00 -21.28
N GLU A 587 -30.89 12.35 -20.12
CA GLU A 587 -32.11 11.77 -19.58
C GLU A 587 -32.85 12.70 -18.63
N ILE A 588 -32.34 13.90 -18.37
CA ILE A 588 -33.00 14.84 -17.47
C ILE A 588 -33.08 16.21 -18.11
N LYS A 589 -32.87 16.28 -19.42
CA LYS A 589 -32.92 17.55 -20.12
C LYS A 589 -34.34 18.11 -20.14
N HIS A 590 -34.45 19.41 -20.41
CA HIS A 590 -35.72 20.10 -20.46
C HIS A 590 -35.80 20.91 -21.74
N GLU A 591 -37.03 21.09 -22.24
CA GLU A 591 -37.24 21.84 -23.47
C GLU A 591 -37.07 23.35 -23.25
N ALA A 592 -37.37 23.84 -22.04
CA ALA A 592 -37.23 25.26 -21.75
C ALA A 592 -35.80 25.76 -21.82
N PHE A 593 -34.82 24.87 -21.78
CA PHE A 593 -33.42 25.27 -21.83
C PHE A 593 -32.72 24.65 -23.04
N LYS A 594 -33.35 24.74 -24.21
CA LYS A 594 -32.77 24.17 -25.41
C LYS A 594 -31.45 24.84 -25.77
N ASN A 595 -31.37 26.16 -25.66
CA ASN A 595 -30.14 26.88 -25.97
C ASN A 595 -30.03 28.12 -25.10
N HIS A 596 -28.90 28.26 -24.41
CA HIS A 596 -28.67 29.40 -23.53
C HIS A 596 -27.16 29.63 -23.44
N VAL A 597 -26.79 30.84 -23.05
CA VAL A 597 -25.39 31.24 -22.92
C VAL A 597 -25.15 31.63 -21.46
N PHE A 598 -24.43 30.79 -20.73
CA PHE A 598 -24.10 31.02 -19.34
C PHE A 598 -22.59 31.03 -19.15
N ASN A 599 -22.10 31.98 -18.36
CA ASN A 599 -20.67 32.07 -18.12
C ASN A 599 -20.21 30.92 -17.22
N VAL A 600 -18.91 30.67 -17.22
CA VAL A 600 -18.36 29.60 -16.40
C VAL A 600 -18.64 29.86 -14.91
N ASP A 601 -18.37 31.08 -14.45
CA ASP A 601 -18.61 31.40 -13.05
C ASP A 601 -20.10 31.31 -12.74
N ASN A 602 -20.93 31.85 -13.63
CA ASN A 602 -22.37 31.82 -13.41
C ASN A 602 -22.88 30.38 -13.41
N ALA A 603 -22.38 29.55 -14.33
CA ALA A 603 -22.81 28.17 -14.37
C ALA A 603 -22.44 27.43 -13.10
N LYS A 604 -21.21 27.63 -12.62
CA LYS A 604 -20.78 26.96 -11.39
C LYS A 604 -21.64 27.40 -10.21
N PHE A 605 -21.89 28.72 -10.11
CA PHE A 605 -22.70 29.22 -9.00
C PHE A 605 -24.11 28.65 -9.06
N VAL A 606 -24.69 28.58 -10.26
CA VAL A 606 -26.04 28.03 -10.40
C VAL A 606 -26.06 26.57 -10.00
N VAL A 607 -25.06 25.79 -10.43
CA VAL A 607 -25.02 24.37 -10.09
C VAL A 607 -24.99 24.20 -8.58
N ILE A 608 -24.12 24.97 -7.91
CA ILE A 608 -24.02 24.87 -6.46
C ILE A 608 -25.34 25.28 -5.80
N PHE A 609 -25.97 26.34 -6.30
CA PHE A 609 -27.23 26.79 -5.72
C PHE A 609 -28.32 25.73 -5.85
N ASP A 610 -28.45 25.12 -7.04
CA ASP A 610 -29.48 24.10 -7.20
C ASP A 610 -29.19 22.89 -6.31
N LEU A 611 -27.92 22.51 -6.17
CA LEU A 611 -27.61 21.37 -5.32
C LEU A 611 -28.00 21.68 -3.87
N SER A 612 -27.68 22.89 -3.41
CA SER A 612 -28.01 23.28 -2.04
C SER A 612 -29.51 23.29 -1.84
N ALA A 613 -30.26 23.77 -2.84
CA ALA A 613 -31.71 23.81 -2.72
C ALA A 613 -32.29 22.39 -2.71
N LEU A 614 -31.73 21.50 -3.54
CA LEU A 614 -32.20 20.13 -3.59
C LEU A 614 -31.92 19.41 -2.28
N THR A 615 -30.90 19.85 -1.56
CA THR A 615 -30.57 19.22 -0.29
C THR A 615 -31.76 19.24 0.66
N THR A 616 -32.65 20.23 0.50
CA THR A 616 -33.83 20.32 1.37
C THR A 616 -34.71 19.09 1.21
N ILE A 617 -34.96 18.68 -0.03
CA ILE A 617 -35.80 17.51 -0.26
C ILE A 617 -35.00 16.23 -0.09
N GLY A 618 -33.67 16.29 -0.23
CA GLY A 618 -32.86 15.10 -0.08
C GLY A 618 -32.84 14.61 1.35
N ASN A 619 -32.87 15.53 2.32
CA ASN A 619 -32.86 15.19 3.73
C ASN A 619 -34.23 14.78 4.26
N ALA A 620 -35.29 15.05 3.51
CA ALA A 620 -36.63 14.69 3.96
C ALA A 620 -36.81 13.18 3.98
N LYS A 621 -37.45 12.68 5.03
CA LYS A 621 -37.70 11.26 5.20
C LYS A 621 -39.15 10.88 4.89
N ASN A 622 -39.76 11.55 3.91
CA ASN A 622 -41.14 11.29 3.50
C ASN A 622 -42.11 11.46 4.67
N TRP A 628 -38.95 6.92 -4.01
CA TRP A 628 -40.40 7.01 -4.03
C TRP A 628 -40.88 7.69 -5.32
N ALA A 629 -40.41 7.19 -6.45
CA ALA A 629 -40.76 7.70 -7.79
C ALA A 629 -40.37 9.18 -7.82
N LEU A 630 -41.27 10.08 -8.23
CA LEU A 630 -41.00 11.52 -8.30
C LEU A 630 -39.74 11.77 -9.14
N SER A 631 -39.84 11.41 -10.43
CA SER A 631 -38.74 11.59 -11.38
C SER A 631 -37.55 10.76 -10.90
N PRO A 632 -36.37 10.82 -11.53
CA PRO A 632 -35.24 10.02 -11.02
C PRO A 632 -34.98 10.37 -9.56
N THR A 633 -35.03 9.35 -8.71
CA THR A 633 -34.80 9.52 -7.28
C THR A 633 -33.48 10.23 -7.02
N VAL A 634 -33.41 10.89 -5.86
CA VAL A 634 -32.21 11.62 -5.47
C VAL A 634 -30.99 10.70 -5.42
N PHE A 635 -31.17 9.48 -4.90
CA PHE A 635 -30.06 8.54 -4.82
C PHE A 635 -29.48 8.25 -6.20
N ALA A 636 -30.35 7.89 -7.15
CA ALA A 636 -29.87 7.59 -8.49
C ALA A 636 -29.40 8.85 -9.22
N LEU A 637 -30.02 10.00 -8.92
CA LEU A 637 -29.62 11.24 -9.57
C LEU A 637 -28.21 11.64 -9.19
N LEU A 638 -27.86 11.51 -7.91
CA LEU A 638 -26.53 11.87 -7.45
C LEU A 638 -25.55 10.71 -7.44
N SER A 639 -25.99 9.49 -7.78
CA SER A 639 -25.10 8.34 -7.79
C SER A 639 -24.72 7.88 -9.19
N LYS A 640 -25.70 7.67 -10.06
CA LYS A 640 -25.45 7.22 -11.43
C LYS A 640 -25.68 8.30 -12.48
N ASN A 641 -26.71 9.13 -12.33
CA ASN A 641 -26.97 10.18 -13.32
C ASN A 641 -25.84 11.20 -13.34
N LEU A 642 -25.36 11.61 -12.17
CA LEU A 642 -24.28 12.59 -12.07
C LEU A 642 -22.98 11.85 -11.78
N MET A 643 -22.34 11.37 -12.85
CA MET A 643 -21.09 10.64 -12.75
C MET A 643 -19.98 11.25 -13.58
N ILE A 644 -20.30 12.13 -14.54
CA ILE A 644 -19.28 12.75 -15.37
C ILE A 644 -18.44 13.76 -14.59
N VAL A 645 -18.95 14.24 -13.45
CA VAL A 645 -18.22 15.21 -12.65
C VAL A 645 -16.96 14.63 -12.04
N HIS A 646 -16.82 13.30 -11.99
CA HIS A 646 -15.65 12.66 -11.43
C HIS A 646 -14.62 12.26 -12.48
N SER A 647 -14.74 12.75 -13.71
CA SER A 647 -13.80 12.43 -14.77
C SER A 647 -12.97 13.62 -15.22
N ASP A 648 -13.63 14.72 -15.63
CA ASP A 648 -12.92 15.91 -16.07
C ASP A 648 -13.29 17.16 -15.29
N LEU A 649 -14.54 17.28 -14.83
CA LEU A 649 -14.94 18.47 -14.09
C LEU A 649 -14.23 18.54 -12.74
N ALA A 650 -13.84 17.40 -12.18
CA ALA A 650 -13.15 17.37 -10.89
C ALA A 650 -11.75 17.96 -10.95
N VAL A 651 -11.21 18.19 -12.15
CA VAL A 651 -9.87 18.74 -12.29
C VAL A 651 -9.90 20.26 -12.36
N HIS A 652 -10.87 20.83 -13.08
CA HIS A 652 -10.98 22.28 -13.20
C HIS A 652 -12.03 22.89 -12.28
N PHE A 653 -13.08 22.16 -11.94
CA PHE A 653 -14.15 22.65 -11.06
C PHE A 653 -14.45 21.62 -9.97
N PRO A 654 -13.58 21.50 -8.97
CA PRO A 654 -13.83 20.52 -7.90
C PRO A 654 -14.98 20.90 -6.97
N ALA A 655 -15.45 22.15 -7.04
CA ALA A 655 -16.55 22.58 -6.18
C ALA A 655 -17.82 21.78 -6.47
N ILE A 656 -18.12 21.55 -7.75
CA ILE A 656 -19.32 20.80 -8.11
C ILE A 656 -19.23 19.37 -7.61
N GLN A 657 -18.06 18.73 -7.80
CA GLN A 657 -17.91 17.36 -7.33
C GLN A 657 -18.06 17.28 -5.82
N TYR A 658 -17.46 18.24 -5.10
CA TYR A 658 -17.58 18.23 -3.64
C TYR A 658 -19.01 18.45 -3.22
N ALA A 659 -19.74 19.34 -3.92
CA ALA A 659 -21.13 19.60 -3.57
C ALA A 659 -21.98 18.36 -3.79
N VAL A 660 -21.76 17.65 -4.90
CA VAL A 660 -22.52 16.45 -5.19
C VAL A 660 -22.26 15.39 -4.12
N LEU A 661 -20.98 15.18 -3.79
CA LEU A 661 -20.65 14.19 -2.77
C LEU A 661 -21.21 14.59 -1.42
N TYR A 662 -21.19 15.88 -1.09
CA TYR A 662 -21.71 16.33 0.20
C TYR A 662 -23.21 16.13 0.29
N THR A 663 -23.96 16.48 -0.76
CA THR A 663 -25.41 16.28 -0.69
C THR A 663 -25.73 14.80 -0.61
N LEU A 664 -24.99 13.96 -1.35
CA LEU A 664 -25.26 12.53 -1.30
C LEU A 664 -24.99 11.99 0.09
N TYR A 665 -23.90 12.44 0.71
CA TYR A 665 -23.55 11.98 2.05
C TYR A 665 -24.60 12.44 3.06
N SER A 666 -25.07 13.68 2.92
CA SER A 666 -26.07 14.21 3.84
C SER A 666 -27.38 13.44 3.70
N HIS A 667 -27.72 13.01 2.49
CA HIS A 667 -28.95 12.26 2.28
C HIS A 667 -28.82 10.82 2.78
N CYS A 668 -27.64 10.23 2.63
CA CYS A 668 -27.42 8.85 3.07
C CYS A 668 -27.26 8.73 4.58
N THR A 669 -26.65 9.71 5.24
CA THR A 669 -26.46 9.63 6.69
C THR A 669 -27.77 9.69 7.46
N ARG A 670 -28.85 10.21 6.85
CA ARG A 670 -30.12 10.28 7.56
C ARG A 670 -30.74 8.91 7.74
N HIS A 671 -30.53 8.00 6.79
CA HIS A 671 -31.08 6.65 6.84
C HIS A 671 -30.02 5.61 7.17
N ASP A 672 -28.94 6.01 7.85
CA ASP A 672 -27.84 5.11 8.22
C ASP A 672 -27.23 4.43 7.01
N HIS A 673 -27.07 5.19 5.93
CA HIS A 673 -26.49 4.70 4.68
C HIS A 673 -27.26 3.53 4.07
N PHE A 674 -28.54 3.39 4.42
CA PHE A 674 -29.39 2.30 3.91
C PHE A 674 -28.77 0.93 4.18
N ILE A 675 -28.32 0.73 5.42
CA ILE A 675 -27.72 -0.55 5.78
C ILE A 675 -28.79 -1.59 6.12
N SER A 676 -29.88 -1.16 6.74
CA SER A 676 -30.95 -2.09 7.10
C SER A 676 -31.77 -2.53 5.89
N SER A 677 -31.73 -1.78 4.80
CA SER A 677 -32.50 -2.13 3.61
C SER A 677 -31.99 -3.44 3.00
N SER A 678 -30.68 -3.65 3.00
CA SER A 678 -30.11 -4.86 2.44
C SER A 678 -30.35 -6.05 3.37
N LEU A 679 -29.79 -7.20 3.00
CA LEU A 679 -29.91 -8.46 3.75
C LEU A 679 -31.35 -8.77 4.15
N SER A 680 -32.30 -8.31 3.34
CA SER A 680 -33.72 -8.54 3.62
C SER A 680 -34.46 -8.97 2.34
N THR A 694 -42.51 -1.11 -1.79
CA THR A 694 -42.26 -0.19 -0.68
C THR A 694 -40.88 0.46 -0.81
N VAL A 695 -40.53 1.28 0.18
CA VAL A 695 -39.24 1.96 0.16
C VAL A 695 -38.10 0.95 0.33
N THR A 696 -38.32 -0.09 1.14
CA THR A 696 -37.28 -1.09 1.34
C THR A 696 -36.95 -1.82 0.04
N THR A 697 -37.96 -2.10 -0.79
CA THR A 697 -37.71 -2.79 -2.04
C THR A 697 -36.79 -1.98 -2.95
N ALA A 698 -36.99 -0.67 -3.01
CA ALA A 698 -36.16 0.18 -3.84
C ALA A 698 -34.79 0.44 -3.23
N THR A 699 -34.69 0.52 -1.91
CA THR A 699 -33.43 0.77 -1.23
C THR A 699 -32.62 -0.50 -0.96
N LYS A 700 -33.14 -1.67 -1.31
CA LYS A 700 -32.41 -2.92 -1.06
C LYS A 700 -31.07 -2.98 -1.80
N LYS A 701 -30.86 -2.15 -2.81
CA LYS A 701 -29.61 -2.16 -3.55
C LYS A 701 -28.89 -0.82 -3.46
N HIS A 702 -28.81 -0.26 -2.26
CA HIS A 702 -28.14 1.02 -2.03
C HIS A 702 -26.82 0.91 -1.30
N PHE A 703 -26.70 -0.01 -0.33
CA PHE A 703 -25.45 -0.16 0.40
C PHE A 703 -24.32 -0.59 -0.52
N SER A 704 -24.59 -1.54 -1.42
CA SER A 704 -23.56 -2.00 -2.34
C SER A 704 -23.10 -0.87 -3.24
N ILE A 705 -24.05 -0.06 -3.72
CA ILE A 705 -23.69 1.06 -4.60
C ILE A 705 -22.85 2.07 -3.84
N ILE A 706 -23.21 2.35 -2.59
CA ILE A 706 -22.44 3.31 -1.79
C ILE A 706 -21.02 2.82 -1.59
N LEU A 707 -20.87 1.54 -1.22
CA LEU A 707 -19.53 0.98 -1.01
C LEU A 707 -18.71 1.00 -2.30
N ASN A 708 -19.33 0.64 -3.42
CA ASN A 708 -18.61 0.62 -4.69
C ASN A 708 -18.15 2.03 -5.06
N LEU A 709 -19.02 3.02 -4.89
CA LEU A 709 -18.64 4.39 -5.22
C LEU A 709 -17.49 4.85 -4.34
N LEU A 710 -17.57 4.57 -3.05
CA LEU A 710 -16.51 4.98 -2.14
C LEU A 710 -15.18 4.34 -2.52
N GLY A 711 -15.20 3.03 -2.81
CA GLY A 711 -13.96 2.37 -3.19
C GLY A 711 -13.36 2.89 -4.48
N ILE A 712 -14.19 3.01 -5.53
CA ILE A 712 -13.67 3.50 -6.80
C ILE A 712 -13.14 4.91 -6.66
N LEU A 713 -13.74 5.71 -5.78
CA LEU A 713 -13.25 7.07 -5.60
C LEU A 713 -11.97 7.07 -4.78
N LEU A 714 -11.80 6.07 -3.91
CA LEU A 714 -10.59 6.00 -3.09
C LEU A 714 -9.37 5.53 -3.88
N LYS A 715 -9.51 4.58 -4.81
CA LYS A 715 -8.30 4.18 -5.52
C LYS A 715 -7.70 5.28 -6.39
N LYS A 716 -8.45 6.34 -6.68
CA LYS A 716 -7.92 7.40 -7.51
C LYS A 716 -6.78 8.11 -6.77
N ASP A 717 -5.65 8.26 -7.45
CA ASP A 717 -4.48 8.92 -6.88
C ASP A 717 -4.39 10.39 -7.28
N ASN A 718 -5.49 10.97 -7.73
CA ASN A 718 -5.51 12.37 -8.13
C ASN A 718 -6.74 13.06 -7.56
N LEU A 719 -7.04 12.79 -6.30
CA LEU A 719 -8.19 13.36 -5.61
C LEU A 719 -7.81 14.66 -4.89
N ASN A 720 -8.83 15.48 -4.64
CA ASN A 720 -8.62 16.74 -3.95
C ASN A 720 -8.56 16.51 -2.45
N GLN A 721 -7.89 17.43 -1.74
CA GLN A 721 -7.76 17.29 -0.29
C GLN A 721 -9.12 17.31 0.39
N ASP A 722 -9.99 18.25 0.02
CA ASP A 722 -11.30 18.33 0.64
C ASP A 722 -12.14 17.11 0.29
N THR A 723 -12.11 16.70 -0.97
CA THR A 723 -12.88 15.52 -1.39
C THR A 723 -12.37 14.28 -0.67
N ARG A 724 -11.05 14.14 -0.57
CA ARG A 724 -10.48 12.98 0.10
C ARG A 724 -10.88 12.96 1.57
N LYS A 725 -10.87 14.14 2.22
CA LYS A 725 -11.23 14.20 3.63
C LYS A 725 -12.69 13.80 3.82
N LEU A 726 -13.58 14.31 2.96
CA LEU A 726 -15.00 13.97 3.08
C LEU A 726 -15.22 12.48 2.85
N LEU A 727 -14.53 11.92 1.84
CA LEU A 727 -14.67 10.50 1.55
C LEU A 727 -14.16 9.67 2.72
N MET A 728 -13.06 10.10 3.34
CA MET A 728 -12.51 9.36 4.47
C MET A 728 -13.49 9.37 5.64
N THR A 729 -14.13 10.53 5.89
CA THR A 729 -15.09 10.59 6.98
C THR A 729 -16.26 9.66 6.70
N TRP A 730 -16.73 9.65 5.45
CA TRP A 730 -17.85 8.79 5.07
C TRP A 730 -17.46 7.32 5.25
N ALA A 731 -16.25 6.96 4.82
CA ALA A 731 -15.77 5.59 4.94
C ALA A 731 -15.65 5.18 6.39
N LEU A 732 -15.15 6.07 7.25
CA LEU A 732 -15.00 5.74 8.65
C LEU A 732 -16.37 5.51 9.28
N GLU A 733 -17.34 6.37 8.94
CA GLU A 733 -18.69 6.20 9.49
C GLU A 733 -19.29 4.88 9.05
N ALA A 734 -19.14 4.53 7.77
CA ALA A 734 -19.69 3.28 7.26
C ALA A 734 -19.01 2.08 7.92
N ALA A 735 -17.69 2.14 8.09
CA ALA A 735 -16.97 1.03 8.70
C ALA A 735 -17.39 0.84 10.15
N VAL A 736 -17.59 1.94 10.88
CA VAL A 736 -18.00 1.83 12.27
C VAL A 736 -19.42 1.28 12.36
N LEU A 737 -20.25 1.62 11.41
CA LEU A 737 -21.58 1.11 11.47
C LEU A 737 -21.69 -0.25 11.01
N MET A 738 -20.71 -0.74 10.31
CA MET A 738 -20.80 -2.06 9.73
C MET A 738 -20.43 -3.21 10.66
N ARG A 739 -20.06 -2.90 11.88
CA ARG A 739 -19.80 -3.86 12.91
C ARG A 739 -20.78 -3.65 14.03
N LYS A 740 -21.81 -2.85 13.84
CA LYS A 740 -22.73 -2.54 14.91
C LYS A 740 -23.51 -3.71 15.45
N SER A 741 -23.99 -4.60 14.57
CA SER A 741 -24.77 -5.79 14.93
C SER A 741 -24.26 -7.03 14.24
N GLU A 742 -24.55 -8.19 14.79
CA GLU A 742 -24.12 -9.45 14.19
C GLU A 742 -24.70 -9.72 12.80
N THR A 743 -25.99 -9.45 12.62
CA THR A 743 -26.67 -9.67 11.36
C THR A 743 -25.96 -9.17 10.10
N TYR A 744 -25.11 -8.16 10.22
CA TYR A 744 -24.46 -7.66 9.00
C TYR A 744 -23.31 -8.54 8.57
N ALA A 745 -23.21 -9.77 9.11
CA ALA A 745 -22.12 -10.67 8.75
C ALA A 745 -22.07 -10.98 7.25
N PRO A 746 -23.17 -11.31 6.56
CA PRO A 746 -23.06 -11.61 5.12
C PRO A 746 -22.56 -10.43 4.30
N LEU A 747 -22.75 -9.19 4.77
CA LEU A 747 -22.29 -8.02 4.02
C LEU A 747 -20.80 -8.05 3.76
N PHE A 748 -20.04 -8.80 4.55
CA PHE A 748 -18.59 -8.89 4.40
C PHE A 748 -18.17 -9.79 3.24
N SER A 749 -19.13 -10.45 2.58
CA SER A 749 -18.81 -11.33 1.45
C SER A 749 -19.13 -10.71 0.10
N LEU A 750 -19.67 -9.49 0.07
CA LEU A 750 -20.00 -8.84 -1.19
C LEU A 750 -18.75 -8.27 -1.86
N PRO A 751 -18.69 -8.29 -3.19
CA PRO A 751 -17.50 -7.75 -3.87
C PRO A 751 -17.28 -6.27 -3.58
N SER A 752 -18.37 -5.52 -3.38
CA SER A 752 -18.24 -4.10 -3.09
C SER A 752 -17.44 -3.89 -1.81
N PHE A 753 -17.61 -4.80 -0.84
CA PHE A 753 -16.87 -4.68 0.41
C PHE A 753 -15.38 -4.84 0.15
N HIS A 754 -15.01 -5.80 -0.69
CA HIS A 754 -13.60 -6.00 -0.99
C HIS A 754 -13.04 -4.78 -1.69
N LYS A 755 -13.81 -4.21 -2.62
CA LYS A 755 -13.36 -3.02 -3.34
C LYS A 755 -13.16 -1.86 -2.37
N PHE A 756 -14.08 -1.72 -1.41
CA PHE A 756 -14.00 -0.65 -0.41
C PHE A 756 -12.76 -0.83 0.45
N CYS A 757 -12.49 -2.07 0.88
CA CYS A 757 -11.32 -2.33 1.70
C CYS A 757 -10.05 -2.02 0.92
N LYS A 758 -10.04 -2.37 -0.37
CA LYS A 758 -8.87 -2.09 -1.19
C LYS A 758 -8.64 -0.59 -1.25
N GLY A 759 -9.72 0.18 -1.38
CA GLY A 759 -9.58 1.62 -1.44
C GLY A 759 -9.02 2.16 -0.14
N LEU A 760 -9.49 1.61 0.99
CA LEU A 760 -9.00 2.06 2.29
C LEU A 760 -7.51 1.77 2.42
N LEU A 761 -7.08 0.59 1.99
CA LEU A 761 -5.67 0.22 2.08
C LEU A 761 -4.81 1.10 1.18
N ALA A 762 -5.30 1.40 -0.02
CA ALA A 762 -4.55 2.24 -0.94
C ALA A 762 -4.57 3.72 -0.56
N ASN A 763 -5.49 4.12 0.31
CA ASN A 763 -5.55 5.52 0.71
C ASN A 763 -4.52 5.89 1.76
N THR A 764 -4.04 4.93 2.55
CA THR A 764 -3.05 5.23 3.59
C THR A 764 -1.67 5.39 2.95
N LEU A 765 -0.66 5.57 3.80
CA LEU A 765 0.73 5.74 3.36
C LEU A 765 0.88 6.93 2.41
N VAL A 766 0.14 7.99 2.68
CA VAL A 766 0.17 9.18 1.86
C VAL A 766 0.92 10.28 2.61
N GLU A 767 1.19 11.39 1.91
CA GLU A 767 1.91 12.49 2.55
C GLU A 767 1.12 13.09 3.69
N ASP A 768 -0.21 13.19 3.54
CA ASP A 768 -1.04 13.76 4.60
C ASP A 768 -1.00 12.88 5.84
N VAL A 769 -1.01 13.52 7.01
CA VAL A 769 -0.99 12.81 8.29
C VAL A 769 -2.40 12.49 8.77
N ASN A 770 -3.30 13.48 8.71
CA ASN A 770 -4.67 13.26 9.16
C ASN A 770 -5.35 12.17 8.33
N ILE A 771 -5.08 12.15 7.03
CA ILE A 771 -5.69 11.13 6.17
C ILE A 771 -5.21 9.76 6.59
N CYS A 772 -3.91 9.62 6.86
CA CYS A 772 -3.36 8.35 7.28
C CYS A 772 -3.96 7.91 8.61
N LEU A 773 -4.11 8.85 9.54
CA LEU A 773 -4.69 8.51 10.85
C LEU A 773 -6.13 8.05 10.69
N GLN A 774 -6.91 8.74 9.85
CA GLN A 774 -8.30 8.36 9.65
C GLN A 774 -8.39 6.98 9.00
N ALA A 775 -7.52 6.72 8.02
CA ALA A 775 -7.53 5.42 7.36
C ALA A 775 -7.16 4.32 8.34
N CYS A 776 -6.18 4.58 9.21
CA CYS A 776 -5.76 3.58 10.18
C CYS A 776 -6.90 3.29 11.15
N SER A 777 -7.58 4.35 11.61
CA SER A 777 -8.68 4.15 12.55
C SER A 777 -9.80 3.35 11.90
N SER A 778 -10.11 3.66 10.64
CA SER A 778 -11.17 2.94 9.94
C SER A 778 -10.80 1.48 9.76
N LEU A 779 -9.54 1.22 9.38
CA LEU A 779 -9.10 -0.16 9.18
C LEU A 779 -9.12 -0.93 10.50
N HIS A 780 -8.73 -0.29 11.60
CA HIS A 780 -8.72 -0.94 12.90
C HIS A 780 -10.14 -1.17 13.40
N ALA A 781 -11.10 -0.36 12.94
CA ALA A 781 -12.48 -0.52 13.39
C ALA A 781 -13.05 -1.87 12.97
N LEU A 782 -12.76 -2.31 11.74
CA LEU A 782 -13.23 -3.58 11.21
C LEU A 782 -12.07 -4.53 10.94
N SER A 783 -11.07 -4.52 11.82
CA SER A 783 -9.92 -5.39 11.64
C SER A 783 -10.34 -6.86 11.64
N SER A 784 -11.24 -7.23 12.55
CA SER A 784 -11.71 -8.60 12.62
C SER A 784 -12.66 -8.87 11.47
N SER A 785 -12.92 -10.16 11.22
CA SER A 785 -13.82 -10.59 10.15
C SER A 785 -13.37 -10.02 8.81
N LEU A 786 -12.06 -10.03 8.58
CA LEU A 786 -11.46 -9.53 7.35
C LEU A 786 -10.59 -10.63 6.75
N PRO A 787 -10.64 -10.80 5.43
CA PRO A 787 -9.83 -11.84 4.79
C PRO A 787 -8.34 -11.59 4.96
N ASP A 788 -7.56 -12.68 4.99
CA ASP A 788 -6.12 -12.58 5.14
C ASP A 788 -5.46 -11.81 4.00
N ASP A 789 -6.09 -11.77 2.83
CA ASP A 789 -5.51 -11.05 1.70
C ASP A 789 -5.25 -9.60 2.06
N LEU A 790 -6.20 -8.96 2.74
CA LEU A 790 -6.03 -7.57 3.14
C LEU A 790 -5.22 -7.47 4.42
N LEU A 791 -5.24 -8.53 5.24
CA LEU A 791 -4.48 -8.52 6.48
C LEU A 791 -2.99 -8.46 6.19
N GLN A 792 -2.53 -9.16 5.16
CA GLN A 792 -1.11 -9.14 4.83
C GLN A 792 -0.68 -7.72 4.45
N ARG A 793 -1.51 -7.04 3.66
CA ARG A 793 -1.18 -5.67 3.26
C ARG A 793 -1.17 -4.78 4.49
N CYS A 794 -2.10 -5.02 5.42
CA CYS A 794 -2.17 -4.22 6.63
C CYS A 794 -0.89 -4.40 7.43
N VAL A 795 -0.39 -5.64 7.49
CA VAL A 795 0.83 -5.93 8.23
C VAL A 795 2.01 -5.19 7.61
N ASP A 796 2.10 -5.20 6.28
CA ASP A 796 3.19 -4.50 5.61
C ASP A 796 3.13 -2.99 5.87
N VAL A 797 1.93 -2.42 5.78
CA VAL A 797 1.76 -0.99 6.01
C VAL A 797 2.14 -0.64 7.44
N CYS A 798 1.69 -1.45 8.41
CA CYS A 798 2.01 -1.18 9.81
C CYS A 798 3.51 -1.29 10.04
N ARG A 799 4.17 -2.25 9.41
CA ARG A 799 5.61 -2.42 9.58
C ARG A 799 6.36 -1.20 9.06
N VAL A 800 5.96 -0.70 7.89
CA VAL A 800 6.64 0.47 7.33
C VAL A 800 6.35 1.71 8.14
N GLN A 801 5.11 1.89 8.61
CA GLN A 801 4.76 3.06 9.39
C GLN A 801 5.33 3.04 10.80
N LEU A 802 5.92 1.93 11.24
CA LEU A 802 6.48 1.89 12.59
C LEU A 802 7.64 2.85 12.77
N VAL A 803 8.27 3.28 11.68
CA VAL A 803 9.39 4.21 11.73
C VAL A 803 8.94 5.47 10.98
N HIS A 804 8.39 6.41 11.72
CA HIS A 804 7.90 7.67 11.16
C HIS A 804 8.39 8.83 12.02
N SER A 805 8.52 9.99 11.40
CA SER A 805 8.98 11.18 12.12
C SER A 805 7.92 11.73 13.07
N GLY A 806 6.69 11.25 12.99
CA GLY A 806 5.60 11.72 13.84
C GLY A 806 5.22 10.65 14.85
N THR A 807 4.95 11.08 16.08
CA THR A 807 4.56 10.16 17.14
C THR A 807 3.13 9.67 17.00
N ARG A 808 2.23 10.51 16.50
CA ARG A 808 0.84 10.11 16.34
C ARG A 808 0.70 8.94 15.36
N ILE A 809 1.43 8.99 14.25
CA ILE A 809 1.36 7.92 13.25
C ILE A 809 1.85 6.60 13.85
N ARG A 810 2.98 6.65 14.55
CA ARG A 810 3.52 5.43 15.17
C ARG A 810 2.56 4.86 16.21
N GLN A 811 2.02 5.72 17.07
CA GLN A 811 1.10 5.24 18.09
C GLN A 811 -0.18 4.67 17.48
N ALA A 812 -0.69 5.31 16.42
CA ALA A 812 -1.91 4.82 15.79
C ALA A 812 -1.69 3.49 15.09
N PHE A 813 -0.55 3.33 14.40
CA PHE A 813 -0.30 2.07 13.71
C PHE A 813 0.09 0.95 14.66
N GLY A 814 0.61 1.27 15.85
CA GLY A 814 0.97 0.21 16.78
C GLY A 814 -0.24 -0.60 17.20
N LYS A 815 -1.35 0.09 17.50
CA LYS A 815 -2.57 -0.61 17.91
C LYS A 815 -3.09 -1.48 16.78
N LEU A 816 -3.08 -0.96 15.55
CA LEU A 816 -3.55 -1.73 14.42
C LEU A 816 -2.72 -2.99 14.25
N LEU A 817 -1.40 -2.87 14.38
CA LEU A 817 -0.53 -4.04 14.23
C LEU A 817 -0.80 -5.03 15.36
N LYS A 818 -1.06 -4.53 16.57
CA LYS A 818 -1.33 -5.41 17.71
C LYS A 818 -2.66 -6.13 17.58
N SER A 819 -3.61 -5.56 16.83
CA SER A 819 -4.91 -6.20 16.66
C SER A 819 -4.88 -7.38 15.70
N ILE A 820 -3.89 -7.46 14.82
CA ILE A 820 -3.76 -8.56 13.86
C ILE A 820 -3.28 -9.82 14.56
N PRO A 821 -3.87 -10.97 14.31
CA PRO A 821 -3.43 -12.20 14.97
C PRO A 821 -2.01 -12.59 14.57
N LEU A 822 -1.36 -13.32 15.46
CA LEU A 822 0.02 -13.77 15.22
C LEU A 822 0.11 -14.79 14.10
N ASP A 823 -0.98 -15.47 13.74
CA ASP A 823 -0.93 -16.46 12.69
C ASP A 823 -0.67 -15.82 11.33
N VAL A 824 -0.91 -14.52 11.19
CA VAL A 824 -0.70 -13.80 9.95
C VAL A 824 0.55 -12.93 9.99
N VAL A 825 0.88 -12.34 11.14
CA VAL A 825 2.06 -11.50 11.25
C VAL A 825 3.34 -12.30 11.06
N LEU A 826 3.37 -13.54 11.52
CA LEU A 826 4.55 -14.40 11.40
C LEU A 826 4.56 -15.22 10.11
N SER A 827 3.75 -14.84 9.12
CA SER A 827 3.72 -15.58 7.87
C SER A 827 4.96 -15.26 7.05
N ASN A 828 5.31 -16.19 6.14
CA ASN A 828 6.47 -16.02 5.28
C ASN A 828 6.14 -15.31 3.97
N ASN A 829 5.09 -14.51 3.94
CA ASN A 829 4.72 -13.81 2.72
C ASN A 829 5.68 -12.64 2.47
N ASN A 830 5.65 -12.16 1.23
CA ASN A 830 6.50 -11.04 0.82
C ASN A 830 5.81 -9.71 1.05
N HIS A 831 6.59 -8.72 1.49
CA HIS A 831 6.09 -7.38 1.76
C HIS A 831 6.46 -6.49 0.58
N THR A 832 5.45 -5.86 -0.02
CA THR A 832 5.69 -4.98 -1.15
C THR A 832 6.30 -3.65 -0.74
N GLU A 833 5.83 -3.06 0.37
CA GLU A 833 6.37 -1.78 0.82
C GLU A 833 7.88 -1.86 1.10
N ILE A 834 8.31 -2.92 1.77
CA ILE A 834 9.75 -3.06 2.07
C ILE A 834 10.51 -3.13 0.75
N GLN A 835 9.94 -3.82 -0.24
CA GLN A 835 10.60 -3.94 -1.53
C GLN A 835 10.71 -2.57 -2.19
N GLU A 836 9.68 -1.75 -2.06
CA GLU A 836 9.72 -0.42 -2.67
C GLU A 836 10.81 0.41 -2.02
N ILE A 837 10.95 0.30 -0.69
CA ILE A 837 11.99 1.05 0.01
C ILE A 837 13.36 0.60 -0.46
N SER A 838 13.54 -0.72 -0.59
CA SER A 838 14.83 -1.25 -1.04
C SER A 838 15.13 -0.79 -2.46
N LEU A 839 14.12 -0.77 -3.32
CA LEU A 839 14.31 -0.33 -4.70
C LEU A 839 14.72 1.14 -4.74
N ALA A 840 14.09 1.97 -3.92
CA ALA A 840 14.43 3.40 -3.92
C ALA A 840 15.88 3.57 -3.46
N LEU A 841 16.28 2.85 -2.42
CA LEU A 841 17.66 2.97 -1.94
C LEU A 841 18.64 2.51 -3.00
N ARG A 842 18.32 1.41 -3.69
CA ARG A 842 19.20 0.90 -4.73
C ARG A 842 19.33 1.91 -5.87
N SER A 843 18.21 2.51 -6.26
CA SER A 843 18.23 3.50 -7.34
C SER A 843 19.12 4.68 -6.95
N HIS A 844 19.01 5.13 -5.70
CA HIS A 844 19.84 6.26 -5.29
C HIS A 844 21.31 5.87 -5.25
N MET A 845 21.62 4.66 -4.81
CA MET A 845 23.00 4.20 -4.73
C MET A 845 23.64 4.08 -6.11
N SER A 846 22.88 3.55 -7.09
CA SER A 846 23.41 3.40 -8.44
C SER A 846 23.70 4.72 -9.14
N LYS A 847 23.15 5.82 -8.65
CA LYS A 847 23.39 7.11 -9.28
C LYS A 847 24.82 7.59 -9.04
N ALA A 848 25.23 8.57 -9.84
CA ALA A 848 26.57 9.13 -9.72
C ALA A 848 26.67 10.02 -8.49
N PRO A 849 27.85 10.09 -7.87
CA PRO A 849 28.00 10.93 -6.67
C PRO A 849 27.72 12.39 -6.98
N SER A 850 27.08 13.06 -6.02
CA SER A 850 26.74 14.47 -6.17
C SER A 850 27.78 15.39 -5.57
N ASN A 851 28.57 14.90 -4.62
CA ASN A 851 29.62 15.69 -3.96
C ASN A 851 29.05 16.94 -3.28
N THR A 852 27.84 16.82 -2.74
CA THR A 852 27.18 17.94 -2.05
C THR A 852 27.16 17.77 -0.54
N PHE A 853 27.84 16.75 -0.02
CA PHE A 853 27.89 16.50 1.43
C PHE A 853 28.99 17.37 2.01
N HIS A 854 28.59 18.43 2.72
CA HIS A 854 29.53 19.34 3.34
C HIS A 854 30.24 18.69 4.54
N PRO A 855 31.44 19.16 4.87
CA PRO A 855 32.17 18.58 6.01
C PRO A 855 31.41 18.70 7.33
N GLN A 856 30.66 19.79 7.53
CA GLN A 856 29.92 19.93 8.78
C GLN A 856 28.87 18.83 8.92
N ASP A 857 28.21 18.48 7.82
CA ASP A 857 27.21 17.43 7.86
C ASP A 857 27.84 16.12 8.28
N PHE A 858 28.99 15.80 7.71
CA PHE A 858 29.70 14.57 8.05
C PHE A 858 30.12 14.59 9.51
N SER A 859 30.59 15.75 9.98
CA SER A 859 31.01 15.85 11.38
C SER A 859 29.83 15.61 12.32
N ASP A 860 28.67 16.18 12.00
CA ASP A 860 27.50 15.99 12.85
C ASP A 860 27.03 14.53 12.85
N VAL A 861 26.98 13.91 11.67
CA VAL A 861 26.54 12.52 11.59
C VAL A 861 27.49 11.60 12.36
N ILE A 862 28.80 11.80 12.15
CA ILE A 862 29.78 10.97 12.84
C ILE A 862 29.74 11.22 14.34
N SER A 863 29.53 12.47 14.75
CA SER A 863 29.48 12.77 16.18
C SER A 863 28.29 12.10 16.82
N PHE A 864 27.16 12.05 16.11
CA PHE A 864 25.97 11.41 16.69
C PHE A 864 26.13 9.90 16.72
N ILE A 865 26.74 9.31 15.69
CA ILE A 865 26.91 7.86 15.68
C ILE A 865 27.96 7.40 16.68
N LEU A 866 29.05 8.14 16.84
CA LEU A 866 30.12 7.77 17.76
C LEU A 866 29.89 8.21 19.21
N TYR A 867 29.31 9.39 19.44
CA TYR A 867 29.08 9.85 20.81
C TYR A 867 27.63 10.08 21.19
N GLY A 868 26.69 10.07 20.24
CA GLY A 868 25.30 10.28 20.57
C GLY A 868 24.86 11.72 20.62
N ASN A 869 25.77 12.68 20.42
CA ASN A 869 25.44 14.10 20.44
C ASN A 869 25.31 14.57 19.00
N SER A 870 24.07 14.74 18.54
CA SER A 870 23.85 15.19 17.17
C SER A 870 24.16 16.67 17.00
N HIS A 871 24.01 17.46 18.07
CA HIS A 871 24.27 18.90 18.04
C HIS A 871 23.34 19.63 17.08
N ARG A 872 22.14 19.08 16.86
CA ARG A 872 21.17 19.68 15.96
C ARG A 872 19.78 19.58 16.60
N THR A 873 18.99 20.63 16.43
CA THR A 873 17.65 20.67 16.98
C THR A 873 16.59 20.59 15.88
N ASN A 877 13.23 16.61 13.76
CA ASN A 877 13.17 16.50 12.31
C ASN A 877 14.42 17.09 11.66
N TRP A 878 15.58 16.75 12.19
CA TRP A 878 16.85 17.24 11.66
C TRP A 878 17.37 16.42 10.49
N LEU A 879 16.70 15.32 10.14
CA LEU A 879 17.12 14.48 9.04
C LEU A 879 16.51 14.95 7.73
N GLU A 880 15.20 15.24 7.72
CA GLU A 880 14.56 15.70 6.50
C GLU A 880 15.13 17.05 6.07
N ARG A 881 15.40 17.92 7.05
CA ARG A 881 15.95 19.23 6.74
C ARG A 881 17.31 19.09 6.08
N LEU A 882 18.13 18.18 6.61
CA LEU A 882 19.46 17.94 6.06
C LEU A 882 19.36 17.38 4.65
N PHE A 883 18.46 16.42 4.45
CA PHE A 883 18.28 15.82 3.14
C PHE A 883 17.88 16.88 2.12
N TYR A 884 16.94 17.77 2.50
CA TYR A 884 16.51 18.81 1.58
C TYR A 884 17.65 19.78 1.29
N SER A 885 18.45 20.11 2.31
CA SER A 885 19.56 21.03 2.10
C SER A 885 20.64 20.43 1.23
N CYS A 886 20.68 19.10 1.11
CA CYS A 886 21.70 18.44 0.29
C CYS A 886 21.28 18.26 -1.16
N GLN A 887 20.04 18.58 -1.53
CA GLN A 887 19.57 18.42 -2.89
C GLN A 887 19.81 19.69 -3.71
N ARG A 888 19.57 19.57 -5.03
CA ARG A 888 19.75 20.66 -5.97
C ARG A 888 18.70 20.57 -7.06
N LEU A 889 18.08 21.70 -7.40
CA LEU A 889 17.07 21.71 -8.45
C LEU A 889 17.65 21.95 -9.84
N ASP A 890 18.88 22.48 -9.92
CA ASP A 890 19.48 22.72 -11.23
C ASP A 890 19.82 21.41 -11.94
N LYS A 891 20.23 20.40 -11.18
CA LYS A 891 20.58 19.10 -11.76
C LYS A 891 19.40 18.14 -11.70
N THR A 896 15.87 11.18 -6.81
CA THR A 896 14.59 10.77 -7.36
C THR A 896 13.81 9.91 -6.37
N ILE A 897 14.15 10.03 -5.09
CA ILE A 897 13.48 9.25 -4.05
C ILE A 897 12.02 9.71 -3.95
N PRO A 898 11.07 8.79 -3.77
CA PRO A 898 9.66 9.22 -3.68
C PRO A 898 9.43 10.19 -2.53
N ARG A 899 8.50 11.12 -2.76
CA ARG A 899 8.18 12.13 -1.75
C ARG A 899 7.52 11.52 -0.53
N ASN A 900 6.78 10.42 -0.69
CA ASN A 900 6.12 9.79 0.44
C ASN A 900 7.09 9.04 1.35
N LEU A 901 8.30 8.73 0.86
CA LEU A 901 9.28 8.03 1.67
C LEU A 901 10.21 8.95 2.45
N LEU A 902 10.12 10.26 2.23
CA LEU A 902 10.97 11.20 2.94
C LEU A 902 10.59 11.35 4.41
N LYS A 903 9.43 10.84 4.82
CA LYS A 903 8.98 10.93 6.19
C LYS A 903 9.40 9.72 7.02
N THR A 904 10.01 8.72 6.39
CA THR A 904 10.45 7.51 7.08
C THR A 904 11.89 7.71 7.55
N ASP A 905 12.15 7.37 8.82
CA ASP A 905 13.49 7.52 9.37
C ASP A 905 14.46 6.48 8.81
N ALA A 906 13.99 5.32 8.38
CA ALA A 906 14.88 4.30 7.83
C ALA A 906 15.57 4.77 6.56
N VAL A 907 14.77 5.29 5.61
CA VAL A 907 15.34 5.76 4.35
C VAL A 907 16.31 6.92 4.60
N LEU A 908 15.93 7.84 5.47
CA LEU A 908 16.80 8.97 5.77
C LEU A 908 18.11 8.52 6.40
N TRP A 909 18.05 7.58 7.34
CA TRP A 909 19.27 7.11 7.99
C TRP A 909 20.18 6.39 6.99
N GLN A 910 19.60 5.55 6.13
CA GLN A 910 20.42 4.84 5.15
C GLN A 910 21.05 5.83 4.18
N TRP A 911 20.28 6.83 3.75
CA TRP A 911 20.82 7.82 2.83
C TRP A 911 21.95 8.60 3.47
N ALA A 912 21.79 8.98 4.74
CA ALA A 912 22.82 9.73 5.43
C ALA A 912 24.10 8.91 5.58
N ILE A 913 23.95 7.62 5.91
CA ILE A 913 25.13 6.77 6.06
C ILE A 913 25.84 6.62 4.72
N TRP A 914 25.09 6.38 3.65
CA TRP A 914 25.71 6.21 2.34
C TRP A 914 26.42 7.50 1.93
N GLU A 915 25.80 8.66 2.19
CA GLU A 915 26.43 9.92 1.82
C GLU A 915 27.70 10.14 2.63
N ALA A 916 27.68 9.78 3.91
CA ALA A 916 28.86 9.96 4.74
C ALA A 916 30.02 9.10 4.22
N ALA A 917 29.72 7.85 3.87
CA ALA A 917 30.78 6.97 3.35
C ALA A 917 31.29 7.49 2.01
N GLN A 918 30.38 7.98 1.17
CA GLN A 918 30.74 8.51 -0.14
C GLN A 918 31.69 9.68 0.02
N PHE A 919 31.36 10.58 0.95
CA PHE A 919 32.20 11.76 1.20
C PHE A 919 33.54 11.34 1.78
N THR A 920 33.55 10.33 2.65
CA THR A 920 34.80 9.86 3.24
C THR A 920 35.74 9.31 2.19
N VAL A 921 35.20 8.52 1.25
CA VAL A 921 36.04 7.96 0.19
C VAL A 921 36.51 9.02 -0.78
N LEU A 922 35.60 9.92 -1.20
CA LEU A 922 35.99 10.97 -2.14
C LEU A 922 36.90 12.03 -1.54
N SER A 923 37.10 12.04 -0.21
CA SER A 923 37.95 13.02 0.43
C SER A 923 39.37 12.51 0.67
N LYS A 924 39.74 11.40 0.02
CA LYS A 924 41.06 10.80 0.17
C LYS A 924 41.35 10.43 1.62
N LEU A 925 40.30 10.08 2.36
CA LEU A 925 40.35 9.71 3.77
C LEU A 925 40.76 10.85 4.68
N ARG A 926 40.85 12.07 4.16
CA ARG A 926 41.23 13.24 4.95
C ARG A 926 39.99 13.96 5.49
N THR A 927 39.20 13.19 6.24
CA THR A 927 37.98 13.71 6.82
C THR A 927 38.30 14.65 7.97
N PRO A 928 37.34 15.49 8.39
CA PRO A 928 37.61 16.42 9.50
C PRO A 928 38.03 15.72 10.79
N LEU A 929 37.81 14.40 10.90
CA LEU A 929 38.19 13.67 12.09
C LEU A 929 39.70 13.62 12.29
N GLY A 930 40.48 13.96 11.26
CA GLY A 930 41.93 13.93 11.37
C GLY A 930 42.56 13.75 10.00
N ARG A 931 43.69 13.04 10.00
CA ARG A 931 44.43 12.77 8.77
C ARG A 931 43.96 11.45 8.18
N ALA A 932 44.69 10.94 7.18
CA ALA A 932 44.31 9.69 6.55
C ALA A 932 44.44 8.51 7.50
N GLN A 933 45.19 8.65 8.59
CA GLN A 933 45.39 7.59 9.56
C GLN A 933 44.60 7.82 10.85
N ASP A 934 44.26 9.07 11.16
CA ASP A 934 43.51 9.36 12.38
C ASP A 934 42.13 8.71 12.34
N THR A 935 41.46 8.77 11.18
CA THR A 935 40.12 8.18 11.07
C THR A 935 40.20 6.67 11.29
N PHE A 936 41.19 6.03 10.66
CA PHE A 936 41.35 4.58 10.82
C PHE A 936 41.65 4.23 12.27
N GLN A 937 42.51 5.02 12.91
CA GLN A 937 42.85 4.75 14.30
C GLN A 937 41.63 4.89 15.21
N THR A 938 40.82 5.93 14.98
CA THR A 938 39.64 6.14 15.81
C THR A 938 38.64 4.99 15.65
N ILE A 939 38.36 4.61 14.39
CA ILE A 939 37.42 3.52 14.15
C ILE A 939 37.95 2.22 14.75
N GLU A 940 39.25 1.96 14.58
CA GLU A 940 39.84 0.75 15.13
C GLU A 940 39.74 0.72 16.65
N GLY A 941 40.01 1.86 17.29
CA GLY A 941 39.94 1.91 18.74
C GLY A 941 38.52 1.66 19.26
N ILE A 942 37.53 2.29 18.63
CA ILE A 942 36.15 2.11 19.08
C ILE A 942 35.71 0.67 18.87
N ILE A 943 36.02 0.10 17.69
CA ILE A 943 35.64 -1.28 17.40
C ILE A 943 36.32 -2.23 18.36
N ARG A 944 37.61 -2.01 18.65
CA ARG A 944 38.33 -2.89 19.55
C ARG A 944 37.76 -2.79 20.96
N SER A 945 37.39 -1.59 21.41
CA SER A 945 36.83 -1.45 22.74
C SER A 945 35.52 -2.22 22.84
N LEU A 946 34.66 -2.09 21.83
CA LEU A 946 33.38 -2.79 21.85
C LEU A 946 33.61 -4.30 21.82
N ALA A 947 34.57 -4.76 21.01
CA ALA A 947 34.85 -6.19 20.94
C ALA A 947 35.36 -6.71 22.27
N ALA A 948 36.22 -5.94 22.94
CA ALA A 948 36.74 -6.36 24.24
C ALA A 948 35.62 -6.45 25.25
N HIS A 949 34.70 -5.48 25.23
CA HIS A 949 33.59 -5.50 26.17
C HIS A 949 32.65 -6.65 25.88
N THR A 950 32.58 -7.10 24.62
CA THR A 950 31.70 -8.20 24.27
C THR A 950 32.08 -9.49 25.00
N LEU A 951 33.38 -9.76 25.12
CA LEU A 951 33.83 -10.96 25.82
C LEU A 951 33.40 -10.96 27.27
N ASN A 952 33.62 -9.84 27.97
CA ASN A 952 33.26 -9.69 29.38
C ASN A 952 32.34 -8.48 29.49
N PRO A 953 31.02 -8.70 29.52
CA PRO A 953 30.07 -7.57 29.62
C PRO A 953 30.09 -6.90 30.99
N ASP A 954 31.28 -6.52 31.44
CA ASP A 954 31.45 -5.86 32.72
C ASP A 954 32.50 -4.76 32.62
N GLN A 955 32.65 -4.18 31.42
CA GLN A 955 33.62 -3.13 31.19
C GLN A 955 33.02 -1.73 31.26
N ASP A 956 31.74 -1.57 30.93
CA ASP A 956 31.04 -0.29 30.97
C ASP A 956 31.72 0.73 30.06
N VAL A 957 31.69 0.46 28.75
CA VAL A 957 32.30 1.36 27.78
C VAL A 957 31.55 2.68 27.79
N SER A 958 32.29 3.79 27.84
CA SER A 958 31.67 5.10 27.85
C SER A 958 30.97 5.40 26.53
N GLN A 959 29.82 6.06 26.63
CA GLN A 959 28.96 6.46 25.51
C GLN A 959 28.33 5.28 24.78
N TRP A 960 28.45 4.06 25.32
CA TRP A 960 27.87 2.90 24.67
C TRP A 960 27.12 1.97 25.60
N THR A 961 27.27 2.11 26.93
CA THR A 961 26.59 1.25 27.87
C THR A 961 25.71 2.00 28.87
N THR A 962 25.95 3.28 29.11
CA THR A 962 25.17 4.07 30.04
C THR A 962 24.16 4.95 29.29
N ALA A 963 22.98 5.09 29.87
CA ALA A 963 21.92 5.89 29.29
C ALA A 963 21.24 6.71 30.37
N ASP A 964 20.68 7.86 29.98
CA ASP A 964 20.01 8.72 30.93
C ASP A 964 18.57 8.31 31.17
N ASN A 965 17.93 7.68 30.19
CA ASN A 965 16.54 7.24 30.31
C ASN A 965 16.34 6.04 29.39
N ASP A 966 15.07 5.68 29.17
CA ASP A 966 14.76 4.54 28.30
C ASP A 966 15.13 4.81 26.85
N GLU A 967 15.02 6.05 26.38
CA GLU A 967 15.37 6.36 25.00
C GLU A 967 16.86 6.23 24.75
N GLY A 968 17.69 6.41 25.79
CA GLY A 968 19.12 6.30 25.60
C GLY A 968 19.55 4.92 25.14
N HIS A 969 18.97 3.87 25.71
CA HIS A 969 19.33 2.51 25.30
C HIS A 969 18.93 2.26 23.85
N GLY A 970 17.75 2.71 23.45
CA GLY A 970 17.32 2.52 22.08
C GLY A 970 18.25 3.24 21.13
N ASN A 971 18.67 4.45 21.52
CA ASN A 971 19.58 5.22 20.67
C ASN A 971 20.92 4.51 20.58
N ASN A 972 21.37 3.89 21.68
CA ASN A 972 22.63 3.17 21.66
C ASN A 972 22.57 2.02 20.68
N GLN A 973 21.45 1.27 20.69
CA GLN A 973 21.32 0.14 19.76
C GLN A 973 21.30 0.64 18.33
N LEU A 974 20.57 1.75 18.09
CA LEU A 974 20.50 2.30 16.74
C LEU A 974 21.89 2.70 16.25
N ARG A 975 22.67 3.34 17.13
CA ARG A 975 24.02 3.77 16.77
C ARG A 975 24.89 2.56 16.47
N LEU A 976 24.73 1.49 17.25
CA LEU A 976 25.53 0.29 17.01
C LEU A 976 25.24 -0.29 15.63
N VAL A 977 23.97 -0.25 15.21
CA VAL A 977 23.63 -0.77 13.89
C VAL A 977 24.18 0.15 12.79
N LEU A 978 24.03 1.47 12.98
CA LEU A 978 24.53 2.41 11.99
C LEU A 978 26.04 2.33 11.82
N LEU A 979 26.77 2.01 12.88
CA LEU A 979 28.23 1.91 12.76
C LEU A 979 28.60 0.79 11.79
N LEU A 980 27.97 -0.37 11.94
CA LEU A 980 28.27 -1.49 11.05
C LEU A 980 27.86 -1.15 9.63
N GLN A 981 26.72 -0.47 9.47
CA GLN A 981 26.28 -0.11 8.13
C GLN A 981 27.29 0.82 7.46
N TYR A 982 27.81 1.78 8.23
CA TYR A 982 28.79 2.72 7.70
C TYR A 982 30.07 2.00 7.30
N LEU A 983 30.51 1.04 8.13
CA LEU A 983 31.73 0.30 7.80
C LEU A 983 31.54 -0.50 6.51
N GLU A 984 30.37 -1.13 6.35
CA GLU A 984 30.12 -1.91 5.14
C GLU A 984 30.12 -1.01 3.92
N ASN A 985 29.49 0.16 4.02
CA ASN A 985 29.45 1.08 2.88
C ASN A 985 30.86 1.55 2.53
N LEU A 986 31.67 1.84 3.54
CA LEU A 986 33.03 2.30 3.30
C LEU A 986 33.83 1.23 2.58
N GLU A 987 33.71 -0.03 3.01
CA GLU A 987 34.44 -1.11 2.37
C GLU A 987 33.99 -1.28 0.92
N LYS A 988 32.67 -1.21 0.69
CA LYS A 988 32.15 -1.36 -0.67
C LYS A 988 32.71 -0.28 -1.59
N LEU A 989 32.68 0.97 -1.12
CA LEU A 989 33.19 2.07 -1.92
C LEU A 989 34.69 1.93 -2.18
N MET A 990 35.46 1.52 -1.17
CA MET A 990 36.89 1.36 -1.40
C MET A 990 37.17 0.30 -2.46
N TYR A 991 36.47 -0.84 -2.35
CA TYR A 991 36.67 -1.91 -3.33
C TYR A 991 36.31 -1.43 -4.73
N ASN A 992 35.19 -0.71 -4.86
CA ASN A 992 34.77 -0.21 -6.16
C ASN A 992 35.75 0.83 -6.68
N ALA A 993 36.44 1.53 -5.77
CA ALA A 993 37.40 2.55 -6.18
C ALA A 993 38.70 1.95 -6.68
N TYR A 994 39.17 0.85 -6.08
CA TYR A 994 40.43 0.28 -6.58
C TYR A 994 40.23 -0.83 -7.60
N GLU A 995 39.05 -1.44 -7.66
CA GLU A 995 38.80 -2.52 -8.63
C GLU A 995 37.74 -2.14 -9.66
N GLY A 996 36.55 -1.77 -9.24
CA GLY A 996 35.49 -1.39 -10.14
C GLY A 996 34.36 -2.41 -10.16
N CYS A 997 33.25 -1.97 -10.75
CA CYS A 997 32.04 -2.80 -10.86
C CYS A 997 31.49 -2.75 -12.28
N ALA A 998 30.29 -3.31 -12.48
CA ALA A 998 29.65 -3.32 -13.79
C ALA A 998 28.16 -2.99 -13.61
N ASN A 999 27.80 -1.73 -13.89
CA ASN A 999 26.43 -1.22 -13.78
C ASN A 999 25.93 -1.14 -12.34
N ALA A 1000 26.73 -1.58 -11.38
CA ALA A 1000 26.30 -1.51 -9.98
C ALA A 1000 26.56 -0.15 -9.38
N LEU A 1001 27.79 0.34 -9.49
CA LEU A 1001 28.19 1.63 -8.97
C LEU A 1001 29.04 2.35 -10.01
N THR A 1002 28.84 3.66 -10.15
CA THR A 1002 29.61 4.43 -11.12
C THR A 1002 31.08 4.47 -10.72
N SER A 1003 31.94 4.52 -11.73
CA SER A 1003 33.37 4.57 -11.47
C SER A 1003 33.77 5.92 -10.90
N PRO A 1004 34.67 5.95 -9.91
CA PRO A 1004 35.09 7.22 -9.32
C PRO A 1004 36.08 7.93 -10.22
N PRO A 1005 36.40 9.20 -9.93
CA PRO A 1005 37.36 9.92 -10.77
C PRO A 1005 38.72 9.26 -10.81
N LYS A 1006 39.52 9.67 -11.80
CA LYS A 1006 40.86 9.12 -11.96
C LYS A 1006 41.76 9.45 -10.79
N VAL A 1007 41.67 10.68 -10.27
CA VAL A 1007 42.51 11.08 -9.14
C VAL A 1007 42.24 10.20 -7.93
N ILE A 1008 41.00 9.74 -7.76
CA ILE A 1008 40.67 8.90 -6.62
C ILE A 1008 41.04 7.45 -6.93
N ARG A 1009 40.89 7.03 -8.18
CA ARG A 1009 41.21 5.67 -8.57
C ARG A 1009 42.69 5.38 -8.38
N THR A 1010 43.56 6.30 -8.82
CA THR A 1010 44.99 6.07 -8.66
C THR A 1010 45.39 6.03 -7.19
N PHE A 1011 44.82 6.94 -6.38
CA PHE A 1011 45.14 6.98 -4.96
C PHE A 1011 44.74 5.68 -4.28
N PHE A 1012 43.54 5.18 -4.57
CA PHE A 1012 43.11 3.93 -3.95
C PHE A 1012 43.78 2.72 -4.56
N TYR A 1013 44.40 2.87 -5.73
CA TYR A 1013 45.07 1.75 -6.39
C TYR A 1013 46.48 1.56 -5.84
N THR A 1014 47.18 2.66 -5.57
CA THR A 1014 48.54 2.54 -5.05
C THR A 1014 48.55 2.14 -3.58
N ASN A 1015 47.60 2.65 -2.78
CA ASN A 1015 47.51 2.34 -1.37
C ASN A 1015 46.48 1.26 -1.05
N ARG A 1016 46.34 0.28 -1.95
CA ARG A 1016 45.36 -0.79 -1.74
C ARG A 1016 45.84 -1.78 -0.67
N GLN A 1017 47.16 -2.02 -0.60
CA GLN A 1017 47.69 -2.94 0.38
C GLN A 1017 47.43 -2.48 1.81
N THR A 1018 47.60 -1.19 2.08
CA THR A 1018 47.37 -0.67 3.43
C THR A 1018 45.91 -0.86 3.83
N CYS A 1019 44.98 -0.53 2.94
CA CYS A 1019 43.56 -0.69 3.26
C CYS A 1019 43.22 -2.16 3.50
N GLN A 1020 43.75 -3.05 2.65
CA GLN A 1020 43.46 -4.47 2.82
C GLN A 1020 44.00 -4.98 4.16
N ASP A 1021 45.22 -4.55 4.52
CA ASP A 1021 45.80 -4.98 5.78
C ASP A 1021 44.99 -4.47 6.97
N TRP A 1022 44.55 -3.21 6.91
CA TRP A 1022 43.75 -2.66 8.01
C TRP A 1022 42.45 -3.42 8.16
N LEU A 1023 41.77 -3.69 7.04
CA LEU A 1023 40.51 -4.42 7.11
C LEU A 1023 40.73 -5.82 7.67
N THR A 1024 41.81 -6.48 7.24
CA THR A 1024 42.10 -7.82 7.73
C THR A 1024 42.37 -7.82 9.23
N ARG A 1025 43.07 -6.79 9.71
CA ARG A 1025 43.38 -6.70 11.13
C ARG A 1025 42.15 -6.42 11.99
N ILE A 1026 41.19 -5.64 11.48
CA ILE A 1026 39.99 -5.34 12.26
C ILE A 1026 38.80 -6.24 11.93
N ARG A 1027 38.97 -7.23 11.05
CA ARG A 1027 37.86 -8.11 10.70
C ARG A 1027 37.34 -8.90 11.90
N LEU A 1028 38.23 -9.46 12.72
CA LEU A 1028 37.78 -10.22 13.89
C LEU A 1028 36.97 -9.35 14.84
N SER A 1029 37.46 -8.14 15.12
CA SER A 1029 36.74 -7.26 16.01
C SER A 1029 35.39 -6.89 15.43
N ILE A 1030 35.32 -6.69 14.11
CA ILE A 1030 34.05 -6.35 13.48
C ILE A 1030 33.08 -7.51 13.65
N MET A 1031 33.56 -8.75 13.50
CA MET A 1031 32.68 -9.91 13.65
C MET A 1031 32.14 -9.97 15.07
N ARG A 1032 33.00 -9.74 16.06
CA ARG A 1032 32.54 -9.78 17.44
C ARG A 1032 31.49 -8.70 17.70
N VAL A 1033 31.72 -7.50 17.17
CA VAL A 1033 30.76 -6.41 17.36
C VAL A 1033 29.44 -6.78 16.70
N GLY A 1034 29.52 -7.41 15.53
CA GLY A 1034 28.30 -7.81 14.84
C GLY A 1034 27.50 -8.79 15.67
N LEU A 1035 28.20 -9.73 16.30
CA LEU A 1035 27.50 -10.70 17.14
C LEU A 1035 26.88 -10.03 18.35
N LEU A 1036 27.54 -8.99 18.87
CA LEU A 1036 27.01 -8.29 20.04
C LEU A 1036 25.76 -7.49 19.68
N ALA A 1037 25.76 -6.83 18.53
CA ALA A 1037 24.63 -6.02 18.08
C ALA A 1037 23.48 -6.84 17.50
N GLY A 1038 23.55 -8.16 17.54
CA GLY A 1038 22.49 -8.98 17.00
C GLY A 1038 22.32 -8.86 15.50
N GLN A 1039 23.43 -8.80 14.76
CA GLN A 1039 23.43 -8.69 13.31
C GLN A 1039 24.29 -9.82 12.77
N PRO A 1040 23.76 -11.04 12.72
CA PRO A 1040 24.56 -12.17 12.21
C PRO A 1040 25.00 -12.04 10.76
N ALA A 1041 24.32 -11.24 9.94
CA ALA A 1041 24.73 -11.11 8.54
C ALA A 1041 26.10 -10.45 8.42
N VAL A 1042 26.36 -9.43 9.24
CA VAL A 1042 27.65 -8.74 9.19
C VAL A 1042 28.79 -9.71 9.52
N THR A 1043 28.65 -10.43 10.63
CA THR A 1043 29.69 -11.38 11.01
C THR A 1043 29.78 -12.52 10.01
N VAL A 1044 28.68 -12.93 9.38
CA VAL A 1044 28.76 -14.01 8.40
C VAL A 1044 29.57 -13.57 7.19
N ARG A 1045 29.29 -12.38 6.68
CA ARG A 1045 30.02 -11.87 5.52
C ARG A 1045 31.50 -11.70 5.85
N HIS A 1046 31.78 -11.10 7.02
CA HIS A 1046 33.18 -10.90 7.39
C HIS A 1046 33.89 -12.23 7.59
N GLY A 1047 33.20 -13.21 8.19
CA GLY A 1047 33.83 -14.51 8.40
C GLY A 1047 34.12 -15.20 7.08
N PHE A 1048 33.19 -15.07 6.13
CA PHE A 1048 33.41 -15.69 4.83
C PHE A 1048 34.62 -15.07 4.14
N ASP A 1049 34.71 -13.73 4.20
CA ASP A 1049 35.85 -13.05 3.58
C ASP A 1049 37.16 -13.46 4.25
N LEU A 1050 37.14 -13.54 5.58
CA LEU A 1050 38.35 -13.93 6.31
C LEU A 1050 38.77 -15.34 5.96
N LEU A 1051 37.79 -16.26 5.86
CA LEU A 1051 38.11 -17.64 5.52
C LEU A 1051 38.69 -17.72 4.11
N THR A 1052 38.14 -16.97 3.17
CA THR A 1052 38.67 -17.00 1.81
C THR A 1052 40.07 -16.43 1.75
N GLU A 1053 40.33 -15.37 2.52
CA GLU A 1053 41.65 -14.76 2.53
C GLU A 1053 42.70 -15.67 3.14
N MET A 1054 42.31 -16.58 4.03
CA MET A 1054 43.26 -17.51 4.67
C MET A 1054 43.41 -18.78 3.82
N LYS A 1055 43.85 -18.57 2.58
CA LYS A 1055 44.06 -19.66 1.64
C LYS A 1055 45.38 -20.39 1.87
N THR A 1056 46.23 -19.90 2.76
CA THR A 1056 47.51 -20.54 3.03
C THR A 1056 47.33 -21.82 3.83
N ASN A 1063 46.23 -20.28 16.54
CA ASN A 1063 45.01 -20.93 16.09
C ASN A 1063 43.87 -19.93 15.94
N GLU A 1064 43.98 -19.05 14.94
CA GLU A 1064 42.97 -18.03 14.68
C GLU A 1064 41.86 -18.52 13.77
N LEU A 1065 41.92 -19.78 13.32
CA LEU A 1065 40.91 -20.34 12.45
C LEU A 1065 39.73 -20.93 13.23
N GLU A 1066 40.01 -21.54 14.38
CA GLU A 1066 38.95 -22.13 15.19
C GLU A 1066 37.98 -21.07 15.67
N VAL A 1067 38.49 -19.92 16.13
CA VAL A 1067 37.60 -18.87 16.61
C VAL A 1067 36.71 -18.36 15.48
N THR A 1068 37.27 -18.18 14.29
CA THR A 1068 36.49 -17.70 13.16
C THR A 1068 35.40 -18.72 12.80
N ILE A 1069 35.75 -20.00 12.80
CA ILE A 1069 34.79 -21.04 12.48
C ILE A 1069 33.66 -21.05 13.50
N MET A 1070 34.00 -20.94 14.79
CA MET A 1070 32.97 -20.94 15.82
C MET A 1070 32.05 -19.73 15.69
N MET A 1071 32.61 -18.55 15.39
CA MET A 1071 31.78 -17.37 15.24
C MET A 1071 30.84 -17.50 14.04
N VAL A 1072 31.35 -18.02 12.93
CA VAL A 1072 30.52 -18.18 11.74
C VAL A 1072 29.41 -19.19 12.02
N VAL A 1073 29.74 -20.29 12.70
CA VAL A 1073 28.74 -21.30 13.01
C VAL A 1073 27.68 -20.71 13.93
N GLU A 1074 28.10 -19.92 14.92
CA GLU A 1074 27.14 -19.32 15.83
C GLU A 1074 26.18 -18.39 15.09
N ALA A 1075 26.74 -17.59 14.17
CA ALA A 1075 25.89 -16.68 13.40
C ALA A 1075 24.90 -17.47 12.55
N LEU A 1076 25.38 -18.56 11.93
CA LEU A 1076 24.50 -19.37 11.10
C LEU A 1076 23.39 -19.96 11.94
N CYS A 1077 23.71 -20.37 13.17
CA CYS A 1077 22.71 -20.93 14.05
C CYS A 1077 21.68 -19.87 14.40
N GLU A 1078 22.13 -18.63 14.59
CA GLU A 1078 21.20 -17.55 14.91
C GLU A 1078 20.30 -17.24 13.72
N LEU A 1079 20.80 -17.43 12.50
CA LEU A 1079 20.03 -17.16 11.29
C LEU A 1079 19.17 -18.36 10.88
N HIS A 1080 19.24 -19.47 11.60
CA HIS A 1080 18.47 -20.68 11.32
C HIS A 1080 18.75 -21.21 9.90
N CYS A 1081 20.01 -21.59 9.68
CA CYS A 1081 20.46 -22.12 8.38
C CYS A 1081 21.26 -23.39 8.61
N PRO A 1082 20.59 -24.51 8.90
CA PRO A 1082 21.33 -25.76 9.13
C PRO A 1082 22.12 -26.23 7.92
N GLU A 1083 21.63 -25.98 6.70
CA GLU A 1083 22.35 -26.41 5.51
C GLU A 1083 23.72 -25.75 5.44
N ALA A 1084 23.79 -24.45 5.76
CA ALA A 1084 25.07 -23.76 5.71
C ALA A 1084 26.03 -24.34 6.75
N ILE A 1085 25.51 -24.71 7.93
CA ILE A 1085 26.35 -25.28 8.96
C ILE A 1085 26.92 -26.62 8.49
N GLN A 1086 26.07 -27.44 7.86
CA GLN A 1086 26.54 -28.73 7.37
C GLN A 1086 27.61 -28.52 6.29
N GLY A 1087 27.39 -27.54 5.41
CA GLY A 1087 28.37 -27.28 4.37
C GLY A 1087 29.69 -26.83 4.96
N ILE A 1088 29.64 -25.98 5.99
CA ILE A 1088 30.86 -25.50 6.63
C ILE A 1088 31.60 -26.66 7.26
N ALA A 1089 30.86 -27.57 7.90
CA ALA A 1089 31.49 -28.73 8.53
C ALA A 1089 32.18 -29.61 7.50
N VAL A 1090 31.51 -29.87 6.38
CA VAL A 1090 32.10 -30.70 5.33
C VAL A 1090 33.34 -30.02 4.75
N TRP A 1091 33.25 -28.71 4.50
CA TRP A 1091 34.39 -27.99 3.93
C TRP A 1091 35.57 -27.97 4.90
N SER A 1092 35.31 -27.78 6.19
CA SER A 1092 36.39 -27.75 7.18
C SER A 1092 36.98 -29.11 7.45
N SER A 1093 36.22 -30.19 7.21
CA SER A 1093 36.76 -31.52 7.45
C SER A 1093 37.91 -31.86 6.52
N SER A 1094 38.13 -31.09 5.46
CA SER A 1094 39.21 -31.33 4.51
C SER A 1094 40.52 -30.65 4.92
N ILE A 1095 40.66 -30.26 6.18
CA ILE A 1095 41.87 -29.60 6.66
C ILE A 1095 42.36 -30.26 7.94
N ASN A 1099 38.00 -33.58 12.32
CA ASN A 1099 38.36 -33.28 13.69
C ASN A 1099 37.46 -32.18 14.26
N LEU A 1100 36.46 -31.78 13.49
CA LEU A 1100 35.51 -30.74 13.87
C LEU A 1100 34.08 -31.25 13.68
N LEU A 1101 33.82 -32.46 14.16
CA LEU A 1101 32.49 -33.05 14.03
C LEU A 1101 31.45 -32.33 14.88
N TRP A 1102 31.86 -31.64 15.94
CA TRP A 1102 30.90 -30.94 16.79
C TRP A 1102 30.07 -29.94 16.00
N ILE A 1103 30.62 -29.43 14.88
CA ILE A 1103 29.87 -28.48 14.07
C ILE A 1103 28.55 -29.08 13.63
N ASN A 1104 28.58 -30.37 13.24
CA ASN A 1104 27.35 -31.03 12.80
C ASN A 1104 26.29 -30.96 13.89
N SER A 1105 26.70 -31.11 15.15
CA SER A 1105 25.74 -31.05 16.25
C SER A 1105 25.05 -29.70 16.28
N VAL A 1106 25.80 -28.63 16.05
CA VAL A 1106 25.18 -27.30 16.06
C VAL A 1106 24.09 -27.22 15.01
N ALA A 1107 24.29 -27.90 13.87
CA ALA A 1107 23.28 -27.89 12.82
C ALA A 1107 21.95 -28.36 13.36
N GLN A 1108 21.95 -29.39 14.21
CA GLN A 1108 20.71 -29.89 14.77
C GLN A 1108 19.99 -28.79 15.55
N GLN A 1109 20.75 -28.02 16.34
CA GLN A 1109 20.13 -26.95 17.11
C GLN A 1109 19.48 -25.93 16.19
N ALA A 1110 20.04 -25.76 14.98
CA ALA A 1110 19.46 -24.79 14.05
C ALA A 1110 18.12 -25.26 13.51
N GLU A 1111 17.87 -26.57 13.53
CA GLU A 1111 16.62 -27.13 13.03
C GLU A 1111 15.53 -27.19 14.10
N GLY A 1112 15.88 -26.91 15.36
CA GLY A 1112 14.93 -26.94 16.44
C GLY A 1112 14.93 -28.23 17.22
N ARG A 1113 15.86 -29.15 16.92
CA ARG A 1113 15.97 -30.43 17.61
C ARG A 1113 16.87 -30.23 18.82
N PHE A 1114 16.30 -29.61 19.85
CA PHE A 1114 17.05 -29.34 21.08
C PHE A 1114 17.34 -30.62 21.87
N GLU A 1115 16.39 -31.54 21.91
CA GLU A 1115 16.58 -32.79 22.66
C GLU A 1115 17.79 -33.56 22.17
N LYS A 1116 17.95 -33.70 20.85
CA LYS A 1116 19.08 -34.44 20.31
C LYS A 1116 20.37 -33.62 20.39
N ALA A 1117 20.27 -32.30 20.21
CA ALA A 1117 21.44 -31.45 20.29
C ALA A 1117 22.09 -31.49 21.67
N SER A 1118 21.28 -31.47 22.73
CA SER A 1118 21.85 -31.53 24.08
C SER A 1118 22.61 -32.82 24.30
N VAL A 1119 22.05 -33.94 23.87
CA VAL A 1119 22.71 -35.23 24.04
C VAL A 1119 24.02 -35.26 23.25
N GLU A 1120 23.99 -34.73 22.02
CA GLU A 1120 25.20 -34.72 21.22
C GLU A 1120 26.27 -33.86 21.87
N TYR A 1121 25.88 -32.70 22.43
CA TYR A 1121 26.85 -31.83 23.09
C TYR A 1121 27.47 -32.55 24.27
N GLN A 1122 26.65 -33.23 25.06
CA GLN A 1122 27.16 -33.95 26.23
C GLN A 1122 28.14 -35.02 25.81
N GLU A 1123 27.82 -35.78 24.74
CA GLU A 1123 28.71 -36.82 24.27
C GLU A 1123 30.03 -36.23 23.78
N HIS A 1124 29.95 -35.11 23.06
CA HIS A 1124 31.17 -34.47 22.57
C HIS A 1124 32.05 -34.01 23.72
N LEU A 1125 31.44 -33.43 24.75
CA LEU A 1125 32.23 -32.96 25.89
C LEU A 1125 32.86 -34.14 26.62
N CYS A 1126 32.11 -35.24 26.77
CA CYS A 1126 32.65 -36.41 27.44
C CYS A 1126 33.82 -37.00 26.67
N ALA A 1127 33.73 -36.99 25.34
CA ALA A 1127 34.81 -37.53 24.53
C ALA A 1127 36.03 -36.62 24.49
N MET A 1128 35.83 -35.30 24.50
CA MET A 1128 36.94 -34.36 24.46
C MET A 1128 37.57 -34.11 25.82
N THR A 1129 36.91 -34.50 26.92
CA THR A 1129 37.46 -34.28 28.25
C THR A 1129 37.88 -35.56 28.96
N GLY A 1130 37.29 -36.70 28.61
CA GLY A 1130 37.64 -37.96 29.25
C GLY A 1130 36.94 -38.23 30.56
N VAL A 1131 36.15 -37.29 31.05
CA VAL A 1131 35.43 -37.44 32.32
C VAL A 1131 33.93 -37.49 32.02
N ASP A 1132 33.24 -38.43 32.64
CA ASP A 1132 31.81 -38.59 32.45
C ASP A 1132 31.08 -37.39 33.04
N CYS A 1133 30.30 -36.69 32.22
CA CYS A 1133 29.54 -35.53 32.68
C CYS A 1133 28.14 -35.50 32.08
N CYS A 1134 27.60 -36.67 31.76
CA CYS A 1134 26.26 -36.73 31.19
C CYS A 1134 25.20 -36.43 32.24
N ILE A 1135 23.99 -36.16 31.77
CA ILE A 1135 22.85 -35.85 32.62
C ILE A 1135 21.71 -36.79 32.26
N SER A 1136 20.95 -37.21 33.25
CA SER A 1136 19.84 -38.12 33.01
C SER A 1136 18.85 -37.51 32.04
N SER A 1137 18.43 -38.29 31.05
CA SER A 1137 17.49 -37.83 30.04
C SER A 1137 16.66 -39.04 29.58
N PHE A 1138 15.96 -38.86 28.46
CA PHE A 1138 15.13 -39.92 27.92
C PHE A 1138 16.01 -41.01 27.29
N ASP A 1139 15.42 -42.17 27.03
CA ASP A 1139 16.15 -43.28 26.44
C ASP A 1139 16.75 -42.87 25.10
N LYS A 1140 18.06 -43.03 24.98
CA LYS A 1140 18.74 -42.67 23.74
C LYS A 1140 18.36 -43.59 22.58
N SER A 1141 17.98 -44.84 22.88
CA SER A 1141 17.59 -45.77 21.83
C SER A 1141 16.45 -45.20 20.99
N VAL A 1142 15.39 -44.73 21.64
CA VAL A 1142 14.26 -44.17 20.91
C VAL A 1142 14.50 -42.71 20.57
N LEU A 1143 15.34 -42.01 21.34
CA LEU A 1143 15.63 -40.60 21.06
C LEU A 1143 16.32 -40.46 19.71
N THR A 1144 17.31 -41.32 19.44
CA THR A 1144 18.03 -41.23 18.17
C THR A 1144 17.20 -41.77 17.01
N LEU A 1145 16.13 -42.52 17.31
CA LEU A 1145 15.26 -43.08 16.28
C LEU A 1145 14.14 -42.12 15.89
N ALA A 1146 13.69 -41.30 16.84
CA ALA A 1146 12.61 -40.36 16.54
C ALA A 1146 13.08 -39.25 15.60
N ASN A 1147 14.30 -38.78 15.76
CA ASN A 1147 14.83 -37.72 14.90
C ASN A 1147 16.10 -38.16 14.19
N SER A 1174 41.65 -31.09 22.10
CA SER A 1174 40.59 -30.11 22.20
C SER A 1174 41.13 -28.75 22.62
N SER A 1175 40.23 -27.77 22.77
CA SER A 1175 40.60 -26.43 23.15
C SER A 1175 39.64 -25.94 24.24
N PRO A 1176 40.13 -25.12 25.19
CA PRO A 1176 39.24 -24.63 26.24
C PRO A 1176 38.08 -23.81 25.70
N GLU A 1177 38.32 -23.02 24.65
CA GLU A 1177 37.24 -22.22 24.08
C GLU A 1177 36.13 -23.10 23.52
N VAL A 1178 36.49 -24.19 22.86
CA VAL A 1178 35.50 -25.09 22.30
C VAL A 1178 34.69 -25.74 23.41
N ILE A 1179 35.36 -26.15 24.50
CA ILE A 1179 34.66 -26.78 25.61
C ILE A 1179 33.67 -25.80 26.23
N ASN A 1180 34.11 -24.57 26.47
CA ASN A 1180 33.22 -23.58 27.06
C ASN A 1180 32.05 -23.28 26.14
N TYR A 1181 32.31 -23.19 24.83
CA TYR A 1181 31.26 -22.91 23.86
C TYR A 1181 30.23 -24.04 23.87
N LEU A 1182 30.69 -25.29 23.88
CA LEU A 1182 29.77 -26.41 23.90
C LEU A 1182 28.94 -26.42 25.18
N GLY A 1183 29.56 -26.14 26.32
CA GLY A 1183 28.81 -26.13 27.57
C GLY A 1183 27.73 -25.07 27.56
N ASN A 1184 28.09 -23.86 27.11
CA ASN A 1184 27.11 -22.79 27.05
C ASN A 1184 26.00 -23.13 26.08
N LYS A 1185 26.34 -23.78 24.97
CA LYS A 1185 25.35 -24.16 23.98
C LYS A 1185 24.36 -25.15 24.59
N ALA A 1186 24.87 -26.12 25.34
CA ALA A 1186 23.98 -27.10 25.95
C ALA A 1186 23.07 -26.43 26.98
N CYS A 1187 23.61 -25.47 27.73
CA CYS A 1187 22.80 -24.78 28.72
C CYS A 1187 21.66 -24.01 28.04
N GLU A 1188 22.00 -23.26 26.99
CA GLU A 1188 20.97 -22.50 26.28
C GLU A 1188 19.96 -23.44 25.64
N CYS A 1189 20.44 -24.59 25.17
CA CYS A 1189 19.56 -25.57 24.54
C CYS A 1189 18.55 -26.10 25.55
N TYR A 1190 19.01 -26.33 26.78
CA TYR A 1190 18.11 -26.84 27.81
C TYR A 1190 17.11 -25.75 28.22
N ILE A 1191 17.56 -24.50 28.24
CA ILE A 1191 16.68 -23.40 28.61
C ILE A 1191 15.61 -23.15 27.54
N SER A 1192 15.95 -23.41 26.28
CA SER A 1192 15.00 -23.20 25.18
C SER A 1192 13.73 -24.01 25.36
N ILE A 1193 13.86 -25.30 25.71
CA ILE A 1193 12.68 -26.15 25.91
C ILE A 1193 12.00 -25.91 27.24
N ALA A 1194 12.49 -24.97 28.04
CA ALA A 1194 11.93 -24.64 29.35
C ALA A 1194 11.94 -25.84 30.30
N ASP A 1195 13.15 -26.35 30.55
CA ASP A 1195 13.37 -27.49 31.43
C ASP A 1195 14.28 -26.97 32.54
N TRP A 1196 13.66 -26.40 33.58
CA TRP A 1196 14.42 -25.86 34.70
C TRP A 1196 15.17 -26.95 35.45
N ALA A 1197 14.54 -28.11 35.66
CA ALA A 1197 15.22 -29.20 36.36
C ALA A 1197 16.47 -29.62 35.59
N ALA A 1198 16.34 -29.71 34.27
CA ALA A 1198 17.48 -30.11 33.45
C ALA A 1198 18.58 -29.05 33.55
N VAL A 1199 18.20 -27.77 33.62
CA VAL A 1199 19.20 -26.71 33.72
C VAL A 1199 19.96 -26.83 35.03
N GLN A 1200 19.25 -27.10 36.13
CA GLN A 1200 19.90 -27.24 37.42
C GLN A 1200 20.85 -28.43 37.39
N GLU A 1201 20.41 -29.55 36.82
CA GLU A 1201 21.27 -30.73 36.74
C GLU A 1201 22.50 -30.43 35.90
N TRP A 1202 22.31 -29.69 34.81
CA TRP A 1202 23.43 -29.34 33.94
C TRP A 1202 24.43 -28.48 34.68
N GLN A 1203 23.93 -27.53 35.48
CA GLN A 1203 24.83 -26.66 36.24
C GLN A 1203 25.63 -27.49 37.23
N ASN A 1204 24.97 -28.44 37.90
CA ASN A 1204 25.68 -29.29 38.87
C ASN A 1204 26.75 -30.12 38.17
N SER A 1205 26.40 -30.69 37.01
CA SER A 1205 27.38 -31.51 36.27
C SER A 1205 28.55 -30.66 35.82
N ILE A 1206 28.28 -29.44 35.35
CA ILE A 1206 29.35 -28.56 34.89
C ILE A 1206 30.27 -28.22 36.05
N HIS A 1207 29.69 -27.92 37.22
CA HIS A 1207 30.51 -27.59 38.38
C HIS A 1207 31.38 -28.77 38.77
N ASP A 1208 30.81 -29.98 38.75
CA ASP A 1208 31.57 -31.17 39.10
C ASP A 1208 32.71 -31.38 38.12
N LEU A 1209 32.45 -31.18 36.82
CA LEU A 1209 33.49 -31.36 35.82
C LEU A 1209 34.61 -30.33 36.00
N LYS A 1210 34.23 -29.08 36.26
CA LYS A 1210 35.25 -28.03 36.45
C LYS A 1210 36.10 -28.33 37.68
N LYS A 1211 35.47 -28.76 38.78
CA LYS A 1211 36.22 -29.05 39.98
C LYS A 1211 37.11 -30.27 39.82
N SER A 1212 36.80 -31.17 38.89
CA SER A 1212 37.58 -32.38 38.65
C SER A 1212 38.63 -32.20 37.56
N THR A 1213 38.73 -31.00 36.97
CA THR A 1213 39.71 -30.76 35.92
C THR A 1213 40.56 -29.52 36.15
N SER A 1214 40.16 -28.61 37.06
CA SER A 1214 40.91 -27.39 37.34
C SER A 1214 41.16 -26.57 36.07
N SER A 1215 40.14 -26.51 35.21
CA SER A 1215 40.27 -25.76 33.97
C SER A 1215 40.45 -24.27 34.23
N THR A 1216 39.68 -23.73 35.18
CA THR A 1216 39.72 -22.31 35.55
C THR A 1216 39.36 -21.40 34.38
N SER A 1217 38.74 -21.95 33.34
CA SER A 1217 38.36 -21.15 32.17
C SER A 1217 36.99 -21.54 31.66
N LEU A 1218 36.22 -22.35 32.38
CA LEU A 1218 34.90 -22.78 31.99
C LEU A 1218 33.88 -22.17 32.93
N ASN A 1219 32.86 -21.52 32.36
CA ASN A 1219 31.82 -20.88 33.17
C ASN A 1219 30.60 -20.56 32.31
N LEU A 1220 29.42 -20.93 32.79
CA LEU A 1220 28.19 -20.66 32.05
C LEU A 1220 27.84 -19.18 32.14
N LYS A 1221 27.53 -18.58 31.00
CA LYS A 1221 27.18 -17.16 30.92
C LYS A 1221 25.66 -17.04 30.91
N ALA A 1222 25.07 -17.23 32.09
CA ALA A 1222 23.62 -17.14 32.23
C ALA A 1222 23.28 -16.83 33.67
N ASP A 1223 22.48 -15.79 33.88
CA ASP A 1223 22.07 -15.39 35.23
C ASP A 1223 21.18 -16.47 35.81
N PHE A 1224 21.67 -17.16 36.85
CA PHE A 1224 20.87 -18.21 37.48
C PHE A 1224 19.71 -17.65 38.27
N ASN A 1225 19.81 -16.41 38.77
CA ASN A 1225 18.71 -15.84 39.53
C ASN A 1225 17.48 -15.72 38.66
N TYR A 1226 17.68 -15.31 37.40
CA TYR A 1226 16.57 -15.17 36.46
C TYR A 1226 15.91 -16.52 36.21
N ILE A 1227 16.72 -17.57 36.06
CA ILE A 1227 16.19 -18.91 35.82
C ILE A 1227 15.37 -19.37 37.03
N LYS A 1228 15.90 -19.15 38.23
CA LYS A 1228 15.19 -19.56 39.43
C LYS A 1228 13.88 -18.81 39.55
N SER A 1229 13.89 -17.51 39.23
CA SER A 1229 12.67 -16.72 39.29
C SER A 1229 11.62 -17.24 38.31
N LEU A 1230 12.06 -17.56 37.08
CA LEU A 1230 11.12 -18.08 36.09
C LEU A 1230 10.54 -19.41 36.53
N SER A 1231 11.38 -20.29 37.08
CA SER A 1231 10.91 -21.58 37.53
C SER A 1231 9.90 -21.43 38.66
N SER A 1232 10.18 -20.52 39.62
CA SER A 1232 9.27 -20.31 40.73
C SER A 1232 7.95 -19.73 40.24
N PHE A 1233 8.00 -18.81 39.28
CA PHE A 1233 6.77 -18.21 38.76
C PHE A 1233 5.92 -19.26 38.04
N GLU A 1234 6.55 -20.10 37.22
CA GLU A 1234 5.80 -21.12 36.50
C GLU A 1234 5.26 -22.20 37.44
N SER A 1235 6.00 -22.51 38.51
CA SER A 1235 5.55 -23.54 39.45
C SER A 1235 4.36 -23.10 40.28
N GLY A 1236 4.02 -21.81 40.30
CA GLY A 1236 2.89 -21.32 41.06
C GLY A 1236 3.25 -20.67 42.38
N LYS A 1237 4.53 -20.66 42.76
CA LYS A 1237 4.98 -20.05 44.01
C LYS A 1237 5.31 -18.59 43.75
N PHE A 1238 4.61 -17.69 44.42
CA PHE A 1238 4.84 -16.26 44.26
C PHE A 1238 5.76 -15.66 45.32
N VAL A 1239 5.80 -16.22 46.53
CA VAL A 1239 6.67 -15.66 47.57
C VAL A 1239 8.13 -15.80 47.15
N GLU A 1240 8.53 -17.01 46.75
CA GLU A 1240 9.90 -17.24 46.34
C GLU A 1240 10.20 -16.43 45.08
N CYS A 1241 9.20 -16.29 44.21
CA CYS A 1241 9.39 -15.53 42.98
C CYS A 1241 9.70 -14.08 43.31
N THR A 1242 8.93 -13.49 44.23
CA THR A 1242 9.17 -12.09 44.60
C THR A 1242 10.53 -11.95 45.24
N GLU A 1243 10.92 -12.91 46.09
CA GLU A 1243 12.22 -12.84 46.75
C GLU A 1243 13.33 -12.88 45.72
N GLN A 1244 13.20 -13.72 44.69
CA GLN A 1244 14.23 -13.82 43.67
C GLN A 1244 14.26 -12.56 42.80
N LEU A 1245 13.09 -12.03 42.43
CA LEU A 1245 13.04 -10.82 41.62
C LEU A 1245 13.60 -9.62 42.34
N GLU A 1246 13.51 -9.59 43.68
CA GLU A 1246 14.03 -8.46 44.43
C GLU A 1246 15.55 -8.32 44.28
N LEU A 1247 16.25 -9.39 43.91
CA LEU A 1247 17.70 -9.34 43.76
C LEU A 1247 18.14 -8.95 42.35
N LEU A 1248 17.22 -8.87 41.39
CA LEU A 1248 17.57 -8.51 40.03
C LEU A 1248 17.73 -6.99 39.90
N PRO A 1249 18.52 -6.54 38.92
CA PRO A 1249 18.72 -5.10 38.74
C PRO A 1249 17.50 -4.44 38.12
N GLY A 1250 17.52 -3.12 38.15
CA GLY A 1250 16.44 -2.32 37.61
C GLY A 1250 15.57 -1.72 38.70
N GLU A 1251 14.49 -1.08 38.26
CA GLU A 1251 13.57 -0.46 39.20
C GLU A 1251 12.96 -1.51 40.12
N ASN A 1252 12.75 -1.12 41.38
CA ASN A 1252 12.18 -2.02 42.36
C ASN A 1252 10.79 -2.48 41.95
N ILE A 1253 10.35 -3.59 42.54
CA ILE A 1253 9.04 -4.14 42.23
C ILE A 1253 7.96 -3.14 42.64
N ASN A 1254 6.84 -3.18 41.92
CA ASN A 1254 5.73 -2.27 42.22
C ASN A 1254 5.23 -2.48 43.64
N LEU A 1255 4.91 -1.37 44.31
CA LEU A 1255 4.43 -1.41 45.69
C LEU A 1255 2.91 -1.52 45.72
N ASP A 1265 10.50 8.74 36.95
CA ASP A 1265 10.38 7.45 37.62
C ASP A 1265 9.92 6.37 36.64
N MET A 1266 8.79 6.63 35.97
CA MET A 1266 8.26 5.66 35.02
C MET A 1266 9.06 5.63 33.72
N LYS A 1267 9.74 6.74 33.37
CA LYS A 1267 10.52 6.76 32.15
C LYS A 1267 11.82 5.98 32.29
N LYS A 1268 12.43 6.02 33.47
CA LYS A 1268 13.69 5.32 33.71
C LYS A 1268 13.41 3.97 34.37
N LEU A 1269 12.86 3.06 33.58
CA LEU A 1269 12.54 1.72 34.08
C LEU A 1269 13.73 0.77 33.96
N LEU A 1270 14.52 0.89 32.89
CA LEU A 1270 15.67 0.04 32.70
C LEU A 1270 16.82 0.50 33.58
N PRO A 1271 17.66 -0.41 34.05
CA PRO A 1271 18.78 -0.03 34.90
C PRO A 1271 19.90 0.60 34.08
N ASN A 1272 20.80 1.28 34.78
CA ASN A 1272 21.92 1.93 34.13
C ASN A 1272 23.00 0.90 33.79
N MET A 1273 23.95 1.33 32.96
CA MET A 1273 25.06 0.46 32.53
C MET A 1273 24.55 -0.81 31.88
N LEU A 1274 23.53 -0.68 31.04
CA LEU A 1274 22.93 -1.80 30.34
C LEU A 1274 23.65 -2.03 29.02
N SER A 1275 24.03 -3.28 28.77
CA SER A 1275 24.73 -3.61 27.53
C SER A 1275 23.78 -3.49 26.34
N PRO A 1276 24.30 -3.10 25.17
CA PRO A 1276 23.46 -2.96 23.97
C PRO A 1276 23.06 -4.28 23.32
N ASP A 1277 23.28 -5.39 24.00
CA ASP A 1277 22.93 -6.71 23.48
C ASP A 1277 21.42 -6.91 23.52
N PRO A 1278 20.79 -7.33 22.42
CA PRO A 1278 19.33 -7.53 22.46
C PRO A 1278 18.89 -8.54 23.51
N ARG A 1279 19.73 -9.52 23.83
CA ARG A 1279 19.36 -10.51 24.83
C ARG A 1279 19.13 -9.84 26.18
N GLU A 1280 19.96 -8.84 26.51
CA GLU A 1280 19.80 -8.15 27.79
C GLU A 1280 18.46 -7.42 27.82
N LEU A 1281 18.09 -6.80 26.69
CA LEU A 1281 16.82 -6.08 26.63
C LEU A 1281 15.67 -7.06 26.79
N GLN A 1282 15.76 -8.23 26.16
CA GLN A 1282 14.70 -9.22 26.29
C GLN A 1282 14.58 -9.67 27.73
N LYS A 1283 15.72 -9.87 28.40
CA LYS A 1283 15.70 -10.29 29.80
C LYS A 1283 15.04 -9.23 30.68
N SER A 1284 15.37 -7.95 30.43
CA SER A 1284 14.79 -6.88 31.21
C SER A 1284 13.28 -6.81 31.01
N ILE A 1285 12.83 -6.96 29.76
CA ILE A 1285 11.39 -6.92 29.49
C ILE A 1285 10.70 -8.09 30.18
N GLU A 1286 11.31 -9.28 30.14
CA GLU A 1286 10.70 -10.43 30.78
C GLU A 1286 10.61 -10.20 32.28
N VAL A 1287 11.64 -9.61 32.87
CA VAL A 1287 11.62 -9.35 34.31
C VAL A 1287 10.50 -8.37 34.64
N GLN A 1288 10.32 -7.34 33.79
CA GLN A 1288 9.26 -6.37 34.03
C GLN A 1288 7.89 -7.07 33.97
N LEU A 1289 7.72 -7.95 33.00
CA LEU A 1289 6.44 -8.66 32.86
C LEU A 1289 6.19 -9.51 34.10
N LEU A 1290 7.23 -10.19 34.59
CA LEU A 1290 7.08 -11.02 35.77
C LEU A 1290 6.70 -10.17 36.99
N ARG A 1291 7.33 -9.01 37.12
CA ARG A 1291 7.03 -8.13 38.25
C ARG A 1291 5.58 -7.68 38.19
N SER A 1292 5.11 -7.30 37.00
CA SER A 1292 3.72 -6.86 36.87
C SER A 1292 2.76 -7.99 37.20
N SER A 1293 3.05 -9.20 36.72
CA SER A 1293 2.17 -10.34 37.00
C SER A 1293 2.12 -10.64 38.49
N VAL A 1294 3.28 -10.62 39.16
CA VAL A 1294 3.33 -10.90 40.59
C VAL A 1294 2.55 -9.84 41.35
N CYS A 1295 2.72 -8.57 40.96
CA CYS A 1295 2.01 -7.48 41.63
C CYS A 1295 0.50 -7.65 41.47
N LEU A 1296 0.06 -8.02 40.26
CA LEU A 1296 -1.37 -8.20 40.04
C LEU A 1296 -1.91 -9.35 40.88
N ALA A 1297 -1.16 -10.46 40.94
CA ALA A 1297 -1.61 -11.60 41.74
C ALA A 1297 -1.72 -11.23 43.21
N THR A 1298 -0.74 -10.48 43.72
CA THR A 1298 -0.79 -10.07 45.13
C THR A 1298 -1.95 -9.12 45.39
N ALA A 1299 -2.18 -8.18 44.48
CA ALA A 1299 -3.27 -7.22 44.66
C ALA A 1299 -4.63 -7.90 44.61
N LEU A 1300 -4.82 -8.87 43.71
CA LEU A 1300 -6.09 -9.56 43.62
C LEU A 1300 -6.43 -10.30 44.92
N ASN A 1301 -5.44 -10.99 45.48
CA ASN A 1301 -5.64 -11.74 46.72
C ASN A 1301 -4.32 -12.01 47.41
N TRP A 1309 -11.70 -0.19 41.49
CA TRP A 1309 -10.56 -1.00 41.09
C TRP A 1309 -9.40 -0.11 40.63
N GLN A 1310 -8.90 0.73 41.53
CA GLN A 1310 -7.81 1.64 41.24
C GLN A 1310 -6.72 1.61 42.31
N SER A 1311 -6.80 0.68 43.26
CA SER A 1311 -5.80 0.60 44.32
C SER A 1311 -4.42 0.28 43.75
N ILE A 1312 -4.28 -0.89 43.12
CA ILE A 1312 -3.01 -1.30 42.53
C ILE A 1312 -3.18 -1.45 41.03
N THR A 1313 -4.08 -0.66 40.45
CA THR A 1313 -4.35 -0.68 39.02
C THR A 1313 -3.83 0.55 38.30
N GLU A 1314 -3.91 1.73 38.93
CA GLU A 1314 -3.43 2.95 38.29
C GLU A 1314 -1.91 2.96 38.14
N ASN A 1315 -1.20 2.15 38.91
CA ASN A 1315 0.26 2.08 38.86
C ASN A 1315 0.76 0.98 37.93
N VAL A 1316 0.14 -0.21 37.97
CA VAL A 1316 0.57 -1.31 37.11
C VAL A 1316 0.32 -0.97 35.64
N VAL A 1317 -0.74 -0.21 35.35
CA VAL A 1317 -1.05 0.16 33.98
C VAL A 1317 0.10 0.97 33.38
N LYS A 1318 0.64 1.92 34.14
CA LYS A 1318 1.74 2.73 33.64
C LYS A 1318 2.96 1.88 33.39
N TYR A 1319 3.24 0.94 34.30
CA TYR A 1319 4.40 0.06 34.16
C TYR A 1319 4.27 -0.77 32.88
N LEU A 1320 3.09 -1.34 32.66
CA LEU A 1320 2.88 -2.15 31.46
C LEU A 1320 2.95 -1.30 30.20
N LYS A 1321 2.44 -0.06 30.26
CA LYS A 1321 2.48 0.80 29.09
C LYS A 1321 3.92 1.10 28.73
N GLN A 1322 4.76 1.41 29.72
CA GLN A 1322 6.16 1.70 29.44
C GLN A 1322 6.85 0.45 28.92
N THR A 1323 6.51 -0.71 29.48
CA THR A 1323 7.13 -1.95 29.01
C THR A 1323 6.80 -2.18 27.54
N SER A 1324 5.54 -1.93 27.17
CA SER A 1324 5.14 -2.11 25.78
C SER A 1324 5.85 -1.10 24.90
N ARG A 1325 6.09 0.10 25.42
CA ARG A 1325 6.77 1.13 24.63
C ARG A 1325 8.23 0.75 24.40
N ILE A 1326 8.84 0.02 25.34
CA ILE A 1326 10.22 -0.39 25.18
C ILE A 1326 10.32 -1.65 24.32
N ALA A 1327 9.31 -2.51 24.36
CA ALA A 1327 9.30 -3.75 23.59
C ALA A 1327 9.11 -3.53 22.09
N ILE A 1328 8.79 -2.32 21.64
CA ILE A 1328 8.59 -2.09 20.21
C ILE A 1328 9.90 -1.66 19.53
N GLY A 1329 10.98 -1.48 20.28
CA GLY A 1329 12.25 -1.07 19.73
C GLY A 1329 12.81 -2.06 18.72
N PRO A 1330 12.85 -3.36 19.06
CA PRO A 1330 13.39 -4.33 18.11
C PRO A 1330 12.65 -4.34 16.79
N LEU A 1331 11.32 -4.18 16.79
CA LEU A 1331 10.58 -4.18 15.54
C LEU A 1331 10.99 -2.99 14.68
N ARG A 1332 11.15 -1.82 15.30
CA ARG A 1332 11.54 -0.63 14.56
C ARG A 1332 12.93 -0.82 13.99
N LEU A 1333 13.84 -1.43 14.77
CA LEU A 1333 15.19 -1.66 14.29
C LEU A 1333 15.17 -2.62 13.11
N SER A 1334 14.31 -3.64 13.18
CA SER A 1334 14.21 -4.60 12.08
C SER A 1334 13.69 -3.92 10.82
N THR A 1335 12.79 -2.96 10.99
CA THR A 1335 12.25 -2.25 9.83
C THR A 1335 13.26 -1.28 9.26
N LEU A 1336 14.14 -0.73 10.11
CA LEU A 1336 15.16 0.22 9.65
C LEU A 1336 15.98 -0.37 8.50
N THR A 1337 16.25 -1.67 8.57
CA THR A 1337 17.00 -2.37 7.55
C THR A 1337 16.04 -3.24 6.75
N VAL A 1338 16.42 -3.58 5.53
CA VAL A 1338 15.55 -4.41 4.70
C VAL A 1338 15.71 -5.84 5.18
N SER A 1339 14.90 -6.26 6.14
CA SER A 1339 14.95 -7.61 6.69
C SER A 1339 13.90 -8.54 6.12
N GLN A 1340 12.75 -8.02 5.70
CA GLN A 1340 11.65 -8.81 5.14
C GLN A 1340 11.12 -9.84 6.13
N SER A 1341 11.39 -9.65 7.41
CA SER A 1341 10.94 -10.58 8.45
C SER A 1341 10.86 -9.83 9.76
N LEU A 1342 10.15 -10.43 10.71
CA LEU A 1342 9.98 -9.83 12.02
C LEU A 1342 10.48 -10.76 13.12
N PRO A 1343 11.16 -10.23 14.14
CA PRO A 1343 11.64 -11.10 15.21
C PRO A 1343 10.47 -11.79 15.89
N VAL A 1344 10.67 -13.06 16.25
CA VAL A 1344 9.60 -13.81 16.91
C VAL A 1344 9.55 -13.52 18.40
N LEU A 1345 10.70 -13.57 19.07
CA LEU A 1345 10.72 -13.31 20.51
C LEU A 1345 10.25 -11.90 20.84
N SER A 1346 10.72 -10.90 20.08
CA SER A 1346 10.31 -9.52 20.34
C SER A 1346 8.81 -9.34 20.12
N THR A 1347 8.29 -9.88 19.01
CA THR A 1347 6.87 -9.74 18.72
C THR A 1347 6.04 -10.40 19.81
N LEU A 1348 6.45 -11.58 20.25
CA LEU A 1348 5.71 -12.28 21.29
C LEU A 1348 5.76 -11.50 22.59
N GLN A 1349 6.90 -10.92 22.93
CA GLN A 1349 6.99 -10.14 24.17
C GLN A 1349 6.04 -8.96 24.11
N LEU A 1350 5.99 -8.29 22.95
CA LEU A 1350 5.10 -7.14 22.80
C LEU A 1350 3.65 -7.56 22.94
N TYR A 1351 3.27 -8.66 22.30
CA TYR A 1351 1.89 -9.14 22.39
C TYR A 1351 1.55 -9.55 23.81
N CYS A 1352 2.49 -10.20 24.50
CA CYS A 1352 2.23 -10.62 25.88
C CYS A 1352 2.04 -9.40 26.76
N SER A 1353 2.85 -8.36 26.55
CA SER A 1353 2.71 -7.16 27.36
C SER A 1353 1.36 -6.51 27.12
N SER A 1354 0.93 -6.45 25.85
CA SER A 1354 -0.37 -5.85 25.54
C SER A 1354 -1.49 -6.65 26.18
N ALA A 1355 -1.40 -7.98 26.11
CA ALA A 1355 -2.44 -8.82 26.71
C ALA A 1355 -2.48 -8.63 28.22
N LEU A 1356 -1.31 -8.52 28.85
CA LEU A 1356 -1.27 -8.31 30.30
C LEU A 1356 -1.89 -6.98 30.66
N GLU A 1357 -1.60 -5.93 29.87
CA GLU A 1357 -2.16 -4.62 30.16
C GLU A 1357 -3.67 -4.66 30.04
N ASN A 1358 -4.18 -5.34 29.00
CA ASN A 1358 -5.62 -5.43 28.80
C ASN A 1358 -6.27 -6.22 29.93
N THR A 1359 -5.65 -7.32 30.38
CA THR A 1359 -6.24 -8.09 31.45
C THR A 1359 -6.20 -7.33 32.78
N VAL A 1360 -5.19 -6.48 32.98
CA VAL A 1360 -5.10 -5.72 34.22
C VAL A 1360 -6.16 -4.63 34.23
N SER A 1361 -6.36 -3.96 33.10
CA SER A 1361 -7.35 -2.89 33.01
C SER A 1361 -8.78 -3.39 32.82
N ASN A 1362 -8.99 -4.67 32.49
CA ASN A 1362 -10.33 -5.19 32.30
C ASN A 1362 -10.71 -6.34 33.22
N ARG A 1363 -9.77 -6.87 34.00
CA ARG A 1363 -10.04 -7.98 34.92
C ARG A 1363 -10.61 -9.21 34.21
N LEU A 1364 -10.04 -9.53 33.04
CA LEU A 1364 -10.47 -10.67 32.24
C LEU A 1364 -11.98 -10.62 31.94
N SER A 1365 -12.38 -9.58 31.21
CA SER A 1365 -13.77 -9.39 30.84
C SER A 1365 -14.03 -9.41 29.34
N THR A 1366 -13.01 -9.23 28.51
CA THR A 1366 -13.16 -9.23 27.06
C THR A 1366 -12.19 -10.23 26.44
N GLU A 1367 -12.52 -10.64 25.22
CA GLU A 1367 -11.69 -11.60 24.49
C GLU A 1367 -10.33 -11.02 24.09
N ASP A 1368 -10.16 -9.69 24.16
CA ASP A 1368 -8.91 -9.06 23.80
C ASP A 1368 -7.79 -9.33 24.81
N CYS A 1369 -8.13 -9.91 25.96
CA CYS A 1369 -7.14 -10.21 26.99
C CYS A 1369 -6.40 -11.52 26.75
N LEU A 1370 -6.75 -12.25 25.69
CA LEU A 1370 -6.10 -13.51 25.37
C LEU A 1370 -5.07 -13.33 24.26
N ILE A 1371 -4.00 -14.11 24.36
CA ILE A 1371 -2.92 -14.04 23.37
C ILE A 1371 -3.42 -14.64 22.05
N PRO A 1372 -3.21 -13.99 20.90
CA PRO A 1372 -3.68 -14.53 19.61
C PRO A 1372 -2.79 -15.56 18.93
N LEU A 1373 -2.85 -16.79 19.43
CA LEU A 1373 -2.08 -17.92 18.92
C LEU A 1373 -3.05 -19.10 18.83
N PHE A 1374 -3.70 -19.23 17.68
CA PHE A 1374 -4.67 -20.28 17.43
C PHE A 1374 -4.01 -21.40 16.61
N SER A 1375 -4.82 -22.42 16.30
CA SER A 1375 -4.33 -23.56 15.52
C SER A 1375 -3.99 -23.20 14.08
N GLU A 1376 -4.44 -22.03 13.59
CA GLU A 1376 -4.14 -21.64 12.21
C GLU A 1376 -2.64 -21.55 11.98
N ALA A 1377 -1.89 -21.16 13.01
CA ALA A 1377 -0.44 -21.05 12.88
C ALA A 1377 0.19 -22.38 12.51
N LEU A 1378 -0.52 -23.49 12.73
CA LEU A 1378 0.00 -24.81 12.40
C LEU A 1378 0.18 -24.98 10.89
N ARG A 1379 -0.43 -24.11 10.10
CA ARG A 1379 -0.32 -24.20 8.64
C ARG A 1379 0.44 -23.02 8.03
N SER A 1380 0.96 -22.10 8.84
CA SER A 1380 1.71 -20.97 8.31
C SER A 1380 2.94 -20.61 9.11
N CYS A 1381 3.29 -21.36 10.16
CA CYS A 1381 4.46 -21.09 10.98
C CYS A 1381 5.21 -22.37 11.26
N LYS A 1382 5.39 -23.21 10.23
CA LYS A 1382 6.10 -24.48 10.38
C LYS A 1382 7.61 -24.32 10.39
N GLN A 1383 8.13 -23.12 10.12
CA GLN A 1383 9.56 -22.87 10.11
C GLN A 1383 10.07 -22.27 11.41
N HIS A 1384 9.22 -22.15 12.42
CA HIS A 1384 9.61 -21.58 13.70
C HIS A 1384 9.84 -22.68 14.73
N ASP A 1385 10.57 -22.31 15.79
CA ASP A 1385 10.89 -23.23 16.88
C ASP A 1385 9.71 -23.37 17.84
N VAL A 1386 9.94 -24.11 18.93
CA VAL A 1386 8.92 -24.33 19.94
C VAL A 1386 8.93 -23.26 21.02
N ARG A 1387 9.98 -22.45 21.09
CA ARG A 1387 10.04 -21.40 22.11
C ARG A 1387 8.83 -20.47 22.08
N PRO A 1388 8.31 -20.03 20.92
CA PRO A 1388 7.13 -19.14 20.94
C PRO A 1388 5.98 -19.72 21.74
N TRP A 1389 5.66 -20.98 21.50
CA TRP A 1389 4.57 -21.61 22.21
C TRP A 1389 4.90 -21.71 23.69
N MET A 1390 6.19 -21.87 24.02
CA MET A 1390 6.57 -21.97 25.43
C MET A 1390 6.27 -20.66 26.14
N GLN A 1391 6.61 -19.53 25.50
CA GLN A 1391 6.35 -18.23 26.12
C GLN A 1391 4.85 -18.00 26.25
N ALA A 1392 4.10 -18.32 25.19
CA ALA A 1392 2.66 -18.12 25.22
C ALA A 1392 2.03 -18.95 26.33
N LEU A 1393 2.45 -20.21 26.47
CA LEU A 1393 1.90 -21.08 27.50
C LEU A 1393 2.27 -20.55 28.89
N ARG A 1394 3.51 -20.07 29.06
CA ARG A 1394 3.93 -19.56 30.35
C ARG A 1394 3.07 -18.37 30.77
N TYR A 1395 2.74 -17.51 29.82
CA TYR A 1395 1.91 -16.36 30.17
C TYR A 1395 0.41 -16.65 30.15
N THR A 1396 -0.01 -17.78 29.60
CA THR A 1396 -1.44 -18.12 29.56
C THR A 1396 -1.84 -18.92 30.80
N MET A 1397 -0.95 -19.80 31.27
CA MET A 1397 -1.25 -20.59 32.45
C MET A 1397 -1.51 -19.69 33.65
N TYR A 1398 -0.86 -18.52 33.66
CA TYR A 1398 -1.03 -17.56 34.74
C TYR A 1398 -2.48 -17.11 34.83
N GLN A 1399 -3.05 -16.70 33.68
CA GLN A 1399 -4.44 -16.26 33.68
C GLN A 1399 -5.38 -17.42 33.96
N ASN A 1400 -5.05 -18.61 33.44
CA ASN A 1400 -5.90 -19.78 33.67
C ASN A 1400 -6.01 -20.06 35.16
N GLN A 1401 -4.89 -20.05 35.88
CA GLN A 1401 -4.93 -20.31 37.31
C GLN A 1401 -5.46 -19.11 38.08
N LEU A 1402 -5.32 -17.90 37.53
CA LEU A 1402 -5.80 -16.69 38.19
C LEU A 1402 -7.31 -16.58 38.11
N LEU A 1403 -7.94 -17.29 37.18
CA LEU A 1403 -9.40 -17.24 37.05
C LEU A 1403 -10.10 -17.61 38.35
N GLU A 1404 -9.46 -18.40 39.20
CA GLU A 1404 -10.06 -18.82 40.45
C GLU A 1404 -10.20 -17.69 41.46
N LYS A 1405 -9.51 -16.56 41.25
CA LYS A 1405 -9.59 -15.42 42.16
C LYS A 1405 -10.51 -14.32 41.66
N ILE A 1406 -11.31 -14.58 40.64
CA ILE A 1406 -12.24 -13.61 40.08
C ILE A 1406 -13.66 -14.09 40.33
N LYS A 1407 -14.49 -13.21 40.89
CA LYS A 1407 -15.87 -13.55 41.18
C LYS A 1407 -16.82 -13.20 40.04
N GLU A 1408 -16.55 -12.13 39.31
CA GLU A 1408 -17.41 -11.74 38.20
C GLU A 1408 -17.21 -12.69 37.02
N GLN A 1409 -18.15 -12.61 36.07
CA GLN A 1409 -18.09 -13.46 34.88
C GLN A 1409 -16.88 -13.09 34.04
N THR A 1410 -16.16 -14.11 33.57
CA THR A 1410 -14.98 -13.95 32.74
C THR A 1410 -15.14 -14.74 31.44
N VAL A 1411 -14.23 -14.47 30.51
CA VAL A 1411 -14.25 -15.13 29.20
C VAL A 1411 -13.69 -16.54 29.37
N PRO A 1412 -14.10 -17.49 28.53
CA PRO A 1412 -13.58 -18.86 28.66
C PRO A 1412 -12.13 -18.94 28.22
N ILE A 1413 -11.28 -19.46 29.11
CA ILE A 1413 -9.86 -19.60 28.83
C ILE A 1413 -9.43 -21.05 28.69
N ARG A 1414 -10.21 -22.00 29.22
CA ARG A 1414 -9.85 -23.41 29.12
C ARG A 1414 -9.69 -23.86 27.67
N SER A 1415 -10.61 -23.43 26.80
CA SER A 1415 -10.54 -23.81 25.39
C SER A 1415 -9.26 -23.27 24.75
N HIS A 1416 -8.95 -22.01 25.00
CA HIS A 1416 -7.74 -21.41 24.42
C HIS A 1416 -6.49 -22.11 24.93
N LEU A 1417 -6.46 -22.41 26.23
CA LEU A 1417 -5.30 -23.09 26.81
C LEU A 1417 -5.12 -24.48 26.20
N MET A 1418 -6.22 -25.21 26.04
CA MET A 1418 -6.12 -26.55 25.47
C MET A 1418 -5.66 -26.47 24.01
N GLU A 1419 -6.14 -25.46 23.29
CA GLU A 1419 -5.76 -25.30 21.89
C GLU A 1419 -4.26 -25.03 21.79
N LEU A 1420 -3.76 -24.14 22.65
CA LEU A 1420 -2.35 -23.80 22.65
C LEU A 1420 -1.52 -25.03 23.00
N GLY A 1421 -1.99 -25.81 23.97
CA GLY A 1421 -1.25 -27.00 24.36
C GLY A 1421 -1.19 -28.02 23.24
N LEU A 1422 -2.29 -28.21 22.52
CA LEU A 1422 -2.30 -29.17 21.42
C LEU A 1422 -1.36 -28.72 20.30
N THR A 1423 -1.40 -27.44 19.94
CA THR A 1423 -0.52 -26.96 18.88
C THR A 1423 0.94 -27.09 19.30
N ALA A 1424 1.24 -26.75 20.55
CA ALA A 1424 2.61 -26.85 21.03
C ALA A 1424 3.06 -28.29 21.02
N ALA A 1425 2.17 -29.21 21.39
CA ALA A 1425 2.53 -30.63 21.40
C ALA A 1425 2.83 -31.10 19.98
N LYS A 1426 2.05 -30.63 19.01
CA LYS A 1426 2.27 -31.03 17.63
C LYS A 1426 3.65 -30.57 17.16
N PHE A 1427 3.98 -29.30 17.40
CA PHE A 1427 5.28 -28.79 16.98
C PHE A 1427 6.42 -29.47 17.74
N ALA A 1428 6.23 -29.76 19.03
CA ALA A 1428 7.28 -30.41 19.81
C ALA A 1428 7.53 -31.82 19.30
N ARG A 1429 6.46 -32.54 18.94
CA ARG A 1429 6.63 -33.90 18.45
C ARG A 1429 7.21 -33.94 17.04
N LYS A 1430 6.88 -32.95 16.21
CA LYS A 1430 7.40 -32.92 14.84
C LYS A 1430 8.89 -32.66 14.75
N ARG A 1431 9.57 -32.29 15.85
CA ARG A 1431 11.00 -32.03 15.80
C ARG A 1431 11.80 -32.98 16.68
N GLY A 1432 11.22 -34.10 17.10
CA GLY A 1432 11.93 -35.05 17.94
C GLY A 1432 11.89 -34.77 19.42
N ASN A 1433 11.32 -33.65 19.86
CA ASN A 1433 11.26 -33.31 21.28
C ASN A 1433 10.18 -34.19 21.91
N VAL A 1434 10.54 -35.46 22.14
CA VAL A 1434 9.59 -36.39 22.73
C VAL A 1434 9.30 -36.05 24.20
N SER A 1435 10.32 -35.59 24.94
CA SER A 1435 10.10 -35.24 26.34
C SER A 1435 9.16 -34.05 26.47
N LEU A 1436 9.44 -32.98 25.72
CA LEU A 1436 8.60 -31.80 25.77
C LEU A 1436 7.19 -32.12 25.29
N ALA A 1437 7.07 -32.92 24.22
CA ALA A 1437 5.75 -33.27 23.71
C ALA A 1437 4.97 -34.07 24.74
N THR A 1438 5.64 -35.01 25.42
CA THR A 1438 4.95 -35.80 26.43
C THR A 1438 4.50 -34.93 27.58
N ARG A 1439 5.34 -33.98 27.99
CA ARG A 1439 4.96 -33.09 29.09
C ARG A 1439 3.74 -32.25 28.72
N LEU A 1440 3.75 -31.69 27.50
CA LEU A 1440 2.63 -30.88 27.06
C LEU A 1440 1.35 -31.70 26.94
N LEU A 1441 1.47 -32.92 26.40
CA LEU A 1441 0.28 -33.77 26.26
C LEU A 1441 -0.27 -34.14 27.63
N ALA A 1442 0.61 -34.44 28.59
CA ALA A 1442 0.16 -34.81 29.92
C ALA A 1442 -0.54 -33.63 30.60
N GLN A 1443 0.02 -32.43 30.48
CA GLN A 1443 -0.64 -31.29 31.12
C GLN A 1443 -1.95 -30.94 30.41
N CYS A 1444 -2.01 -31.17 29.10
CA CYS A 1444 -3.24 -30.87 28.35
C CYS A 1444 -4.36 -31.84 28.72
N SER A 1445 -4.02 -33.13 28.87
CA SER A 1445 -5.03 -34.12 29.21
C SER A 1445 -5.54 -33.96 30.64
N GLU A 1446 -4.76 -33.29 31.50
CA GLU A 1446 -5.14 -33.07 32.90
C GLU A 1446 -5.42 -34.38 33.62
N THR A 1453 10.61 -41.77 31.08
CA THR A 1453 11.99 -41.85 30.65
C THR A 1453 12.24 -43.14 29.86
N THR A 1454 11.17 -43.90 29.62
CA THR A 1454 11.24 -45.14 28.88
C THR A 1454 10.11 -45.20 27.86
N ALA A 1455 10.32 -45.98 26.80
CA ALA A 1455 9.31 -46.12 25.76
C ALA A 1455 8.05 -46.76 26.30
N GLN A 1456 8.19 -47.78 27.15
CA GLN A 1456 7.02 -48.46 27.72
C GLN A 1456 6.23 -47.57 28.65
N ASP A 1457 6.86 -46.55 29.24
CA ASP A 1457 6.13 -45.65 30.14
C ASP A 1457 5.01 -44.93 29.41
N LEU A 1458 5.29 -44.43 28.20
CA LEU A 1458 4.26 -43.73 27.44
C LEU A 1458 3.12 -44.67 27.07
N VAL A 1459 3.45 -45.91 26.70
CA VAL A 1459 2.41 -46.87 26.33
C VAL A 1459 1.53 -47.18 27.53
N GLN A 1460 2.14 -47.38 28.70
CA GLN A 1460 1.37 -47.68 29.90
C GLN A 1460 0.59 -46.48 30.41
N HIS A 1461 1.04 -45.26 30.12
CA HIS A 1461 0.33 -44.07 30.58
C HIS A 1461 -0.69 -43.53 29.59
N PHE A 1462 -0.65 -43.95 28.33
CA PHE A 1462 -1.60 -43.46 27.34
C PHE A 1462 -2.55 -44.52 26.78
N LYS A 1463 -2.20 -45.79 26.89
CA LYS A 1463 -3.08 -46.85 26.37
C LYS A 1463 -4.08 -47.28 27.43
N LYS A 1474 -14.15 -30.25 22.77
CA LYS A 1474 -14.29 -30.25 21.32
C LYS A 1474 -13.01 -30.74 20.65
N TRP A 1475 -11.96 -30.88 21.43
CA TRP A 1475 -10.67 -31.34 20.93
C TRP A 1475 -10.35 -32.78 21.33
N GLY A 1476 -11.35 -33.55 21.78
CA GLY A 1476 -11.14 -34.92 22.18
C GLY A 1476 -10.50 -35.77 21.10
N PRO A 1477 -11.14 -35.84 19.93
CA PRO A 1477 -10.56 -36.65 18.85
C PRO A 1477 -9.16 -36.21 18.48
N GLU A 1478 -8.90 -34.90 18.46
CA GLU A 1478 -7.56 -34.43 18.12
C GLU A 1478 -6.56 -34.90 19.17
N LEU A 1479 -6.95 -34.86 20.44
CA LEU A 1479 -6.05 -35.29 21.50
C LEU A 1479 -5.73 -36.78 21.35
N ASP A 1480 -6.74 -37.60 21.04
CA ASP A 1480 -6.50 -39.02 20.88
C ASP A 1480 -5.58 -39.27 19.69
N ILE A 1481 -5.80 -38.56 18.58
CA ILE A 1481 -4.97 -38.72 17.40
C ILE A 1481 -3.53 -38.36 17.72
N GLU A 1482 -3.34 -37.27 18.49
CA GLU A 1482 -1.99 -36.86 18.85
C GLU A 1482 -1.32 -37.90 19.73
N LYS A 1483 -2.07 -38.49 20.66
CA LYS A 1483 -1.48 -39.51 21.52
C LYS A 1483 -1.01 -40.69 20.68
N THR A 1484 -1.85 -41.12 19.73
CA THR A 1484 -1.48 -42.24 18.88
C THR A 1484 -0.26 -41.90 18.03
N LYS A 1485 -0.21 -40.67 17.50
CA LYS A 1485 0.93 -40.26 16.70
C LYS A 1485 2.21 -40.25 17.52
N LEU A 1486 2.12 -39.77 18.76
CA LEU A 1486 3.31 -39.74 19.63
C LEU A 1486 3.78 -41.16 19.90
N LEU A 1487 2.85 -42.07 20.16
CA LEU A 1487 3.23 -43.45 20.43
C LEU A 1487 3.90 -44.06 19.21
N TYR A 1488 3.38 -43.78 18.02
CA TYR A 1488 3.97 -44.32 16.80
C TYR A 1488 5.36 -43.76 16.56
N THR A 1489 5.54 -42.46 16.81
CA THR A 1489 6.85 -41.84 16.62
C THR A 1489 7.87 -42.39 17.61
N ALA A 1490 7.41 -42.70 18.83
CA ALA A 1490 8.33 -43.23 19.84
C ALA A 1490 8.93 -44.56 19.39
N GLY A 1491 8.12 -45.41 18.76
CA GLY A 1491 8.62 -46.70 18.31
C GLY A 1491 7.64 -47.85 18.46
N GLN A 1492 6.50 -47.60 19.10
CA GLN A 1492 5.48 -48.63 19.30
C GLN A 1492 4.42 -48.49 18.22
N SER A 1493 4.77 -48.99 17.03
CA SER A 1493 3.84 -48.92 15.90
C SER A 1493 2.61 -49.79 16.11
N THR A 1494 2.79 -50.97 16.70
CA THR A 1494 1.65 -51.86 16.93
C THR A 1494 0.65 -51.25 17.91
N HIS A 1495 1.14 -50.75 19.04
CA HIS A 1495 0.24 -50.16 20.03
C HIS A 1495 -0.45 -48.92 19.46
N ALA A 1496 0.29 -48.07 18.75
CA ALA A 1496 -0.30 -46.88 18.17
C ALA A 1496 -1.36 -47.24 17.15
N MET A 1497 -1.08 -48.24 16.31
CA MET A 1497 -2.04 -48.65 15.30
C MET A 1497 -3.30 -49.22 15.95
N GLU A 1498 -3.14 -50.01 17.01
CA GLU A 1498 -4.30 -50.58 17.69
C GLU A 1498 -5.17 -49.47 18.29
N MET A 1499 -4.55 -48.51 18.96
CA MET A 1499 -5.31 -47.42 19.54
C MET A 1499 -6.00 -46.59 18.47
N LEU A 1500 -5.29 -46.34 17.36
CA LEU A 1500 -5.88 -45.55 16.27
C LEU A 1500 -7.08 -46.27 15.68
N SER A 1501 -6.98 -47.59 15.50
CA SER A 1501 -8.09 -48.34 14.93
C SER A 1501 -9.29 -48.29 15.87
N SER A 1502 -9.03 -48.45 17.18
CA SER A 1502 -10.12 -48.40 18.15
C SER A 1502 -10.78 -47.03 18.12
N CYS A 1503 -9.96 -45.98 18.02
CA CYS A 1503 -10.49 -44.61 17.99
C CYS A 1503 -11.33 -44.42 16.73
N ALA A 1504 -10.89 -45.00 15.61
CA ALA A 1504 -11.64 -44.85 14.37
C ALA A 1504 -13.01 -45.51 14.51
N ILE A 1505 -13.05 -46.70 15.12
CA ILE A 1505 -14.34 -47.38 15.28
C ILE A 1505 -15.24 -46.56 16.19
N SER A 1506 -14.68 -46.01 17.27
CA SER A 1506 -15.48 -45.20 18.18
C SER A 1506 -15.98 -43.92 17.51
N PHE A 1507 -15.19 -43.36 16.59
CA PHE A 1507 -15.58 -42.14 15.90
C PHE A 1507 -16.63 -42.39 14.84
N CYS A 1508 -16.61 -43.56 14.18
CA CYS A 1508 -17.61 -43.85 13.16
C CYS A 1508 -19.02 -43.82 13.72
N LYS A 1509 -19.18 -44.04 15.03
CA LYS A 1509 -20.48 -44.04 15.68
C LYS A 1509 -20.79 -42.70 16.35
N SER A 1510 -19.95 -41.70 16.14
CA SER A 1510 -20.15 -40.38 16.74
C SER A 1510 -21.22 -39.62 15.95
N VAL A 1511 -21.39 -38.34 16.27
CA VAL A 1511 -22.38 -37.51 15.60
C VAL A 1511 -21.78 -36.80 14.39
N LYS A 1512 -20.80 -35.93 14.63
CA LYS A 1512 -20.19 -35.21 13.51
C LYS A 1512 -19.10 -36.04 12.83
N ALA A 1513 -18.01 -36.32 13.55
CA ALA A 1513 -16.88 -37.10 13.04
C ALA A 1513 -16.56 -36.76 11.60
N GLU A 1514 -16.42 -35.46 11.34
CA GLU A 1514 -16.12 -35.00 9.99
C GLU A 1514 -14.70 -35.36 9.57
N TYR A 1515 -13.70 -34.83 10.27
CA TYR A 1515 -12.31 -35.10 9.94
C TYR A 1515 -11.68 -36.18 10.81
N ALA A 1516 -12.26 -36.51 11.96
CA ALA A 1516 -11.68 -37.53 12.83
C ALA A 1516 -11.61 -38.89 12.13
N VAL A 1517 -12.73 -39.36 11.58
CA VAL A 1517 -12.75 -40.65 10.90
C VAL A 1517 -11.81 -40.65 9.69
N ALA A 1518 -11.90 -39.60 8.87
CA ALA A 1518 -11.05 -39.52 7.68
C ALA A 1518 -9.57 -39.56 8.04
N LYS A 1519 -9.13 -38.70 8.95
CA LYS A 1519 -7.72 -38.68 9.34
C LYS A 1519 -7.29 -39.98 9.99
N SER A 1520 -8.12 -40.56 10.85
CA SER A 1520 -7.76 -41.81 11.51
C SER A 1520 -7.54 -42.93 10.50
N ILE A 1521 -8.50 -43.13 9.59
CA ILE A 1521 -8.33 -44.21 8.62
C ILE A 1521 -7.18 -43.91 7.65
N LEU A 1522 -7.01 -42.65 7.24
CA LEU A 1522 -5.92 -42.33 6.32
C LEU A 1522 -4.57 -42.61 6.97
N THR A 1523 -4.40 -42.19 8.23
CA THR A 1523 -3.13 -42.43 8.90
C THR A 1523 -2.92 -43.92 9.12
N LEU A 1524 -4.00 -44.66 9.42
CA LEU A 1524 -3.86 -46.10 9.63
C LEU A 1524 -3.41 -46.77 8.34
N ALA A 1525 -3.99 -46.36 7.20
CA ALA A 1525 -3.61 -46.94 5.93
C ALA A 1525 -2.16 -46.62 5.60
N LYS A 1526 -1.73 -45.38 5.87
CA LYS A 1526 -0.36 -45.00 5.58
C LYS A 1526 0.61 -45.83 6.43
N TRP A 1527 0.27 -46.01 7.71
CA TRP A 1527 1.12 -46.80 8.59
C TRP A 1527 1.18 -48.25 8.12
N ILE A 1528 0.05 -48.77 7.64
CA ILE A 1528 0.03 -50.16 7.16
C ILE A 1528 0.92 -50.28 5.93
N GLN A 1529 0.85 -49.30 5.03
CA GLN A 1529 1.67 -49.33 3.83
C GLN A 1529 3.15 -49.25 4.17
N ALA A 1530 3.50 -48.46 5.18
CA ALA A 1530 4.91 -48.34 5.57
C ALA A 1530 5.46 -49.69 5.98
N GLU A 1531 4.79 -50.38 6.89
CA GLU A 1531 5.23 -51.69 7.38
C GLU A 1531 4.44 -52.79 6.67
N TRP A 1532 4.61 -52.86 5.35
CA TRP A 1532 3.92 -53.86 4.54
C TRP A 1532 4.53 -55.25 4.66
N LYS A 1533 5.76 -55.36 5.14
CA LYS A 1533 6.40 -56.67 5.26
C LYS A 1533 5.88 -57.46 6.47
N GLU A 1534 5.50 -56.78 7.55
CA GLU A 1534 5.00 -57.45 8.74
C GLU A 1534 3.51 -57.21 8.99
N ILE A 1535 2.74 -56.87 7.96
CA ILE A 1535 1.31 -56.63 8.13
C ILE A 1535 0.52 -57.40 7.09
N SER A 1536 1.21 -58.00 6.12
CA SER A 1536 0.54 -58.76 5.09
C SER A 1536 -0.17 -59.98 5.66
N GLY A 1537 0.47 -60.67 6.61
CA GLY A 1537 -0.14 -61.85 7.20
C GLY A 1537 -1.45 -61.55 7.90
N GLN A 1538 -1.48 -60.47 8.69
CA GLN A 1538 -2.71 -60.13 9.39
C GLN A 1538 -3.83 -59.81 8.41
N LEU A 1539 -3.51 -59.05 7.35
CA LEU A 1539 -4.52 -58.71 6.37
C LEU A 1539 -5.04 -59.96 5.68
N LYS A 1540 -4.15 -60.89 5.36
CA LYS A 1540 -4.57 -62.12 4.70
C LYS A 1540 -5.48 -62.93 5.62
N GLN A 1541 -5.15 -62.99 6.90
CA GLN A 1541 -5.98 -63.74 7.84
C GLN A 1541 -7.35 -63.08 7.95
N VAL A 1542 -7.39 -61.75 7.98
CA VAL A 1542 -8.66 -61.04 8.08
C VAL A 1542 -9.51 -61.33 6.86
N TYR A 1543 -8.90 -61.30 5.67
CA TYR A 1543 -9.64 -61.58 4.45
C TYR A 1543 -10.18 -63.01 4.45
N ARG A 1544 -9.35 -63.96 4.88
CA ARG A 1544 -9.78 -65.35 4.92
C ARG A 1544 -10.94 -65.54 5.89
N ALA A 1545 -10.88 -64.90 7.06
CA ALA A 1545 -11.95 -65.02 8.04
C ALA A 1545 -13.22 -64.35 7.54
N GLN A 1546 -13.09 -63.26 6.77
CA GLN A 1546 -14.27 -62.56 6.27
C GLN A 1546 -15.06 -63.46 5.32
N HIS A 1547 -14.38 -64.20 4.45
CA HIS A 1547 -15.01 -65.10 3.50
C HIS A 1547 -14.91 -66.52 4.05
N GLN A 1548 -15.90 -66.90 4.84
CA GLN A 1548 -15.93 -68.23 5.45
C GLN A 1548 -17.37 -68.69 5.66
N LEU A 1554 -6.02 -64.52 14.42
CA LEU A 1554 -6.42 -63.12 14.39
C LEU A 1554 -6.11 -62.44 15.73
N SER A 1555 -5.11 -61.58 15.73
CA SER A 1555 -4.70 -60.86 16.94
C SER A 1555 -5.67 -59.71 17.17
N THR A 1556 -5.35 -58.85 18.14
CA THR A 1556 -6.22 -57.71 18.43
C THR A 1556 -6.35 -56.79 17.23
N LEU A 1557 -5.23 -56.52 16.55
CA LEU A 1557 -5.28 -55.66 15.37
C LEU A 1557 -6.10 -56.27 14.26
N SER A 1558 -5.96 -57.59 14.04
CA SER A 1558 -6.71 -58.26 12.99
C SER A 1558 -8.21 -58.19 13.25
N LYS A 1559 -8.65 -58.58 14.45
CA LYS A 1559 -10.07 -58.54 14.75
C LYS A 1559 -10.60 -57.11 14.73
N ASN A 1560 -9.78 -56.15 15.18
CA ASN A 1560 -10.22 -54.76 15.18
C ASN A 1560 -10.45 -54.27 13.76
N ILE A 1561 -9.51 -54.57 12.85
CA ILE A 1561 -9.65 -54.14 11.46
C ILE A 1561 -10.85 -54.83 10.83
N LEU A 1562 -11.05 -56.11 11.13
CA LEU A 1562 -12.18 -56.84 10.56
C LEU A 1562 -13.49 -56.22 11.03
N THR A 1563 -13.56 -55.85 12.31
CA THR A 1563 -14.78 -55.25 12.85
C THR A 1563 -15.04 -53.90 12.19
N LEU A 1564 -13.98 -53.11 11.99
CA LEU A 1564 -14.15 -51.80 11.36
C LEU A 1564 -14.55 -51.93 9.90
N ILE A 1565 -14.08 -52.98 9.22
CA ILE A 1565 -14.41 -53.17 7.81
C ILE A 1565 -15.88 -53.55 7.63
N GLU A 1566 -16.41 -54.41 8.50
CA GLU A 1566 -17.80 -54.84 8.41
C GLU A 1566 -18.79 -53.86 9.02
N LEU A 1567 -18.43 -52.59 9.18
CA LEU A 1567 -19.36 -51.63 9.75
C LEU A 1567 -20.56 -51.46 8.82
N PRO A 1568 -21.79 -51.41 9.37
CA PRO A 1568 -22.96 -51.24 8.52
C PRO A 1568 -23.01 -49.87 7.86
N SER A 1569 -23.63 -49.83 6.69
CA SER A 1569 -23.77 -48.60 5.93
C SER A 1569 -25.22 -48.15 5.86
N ARG A 1579 -20.50 -48.64 -7.15
CA ARG A 1579 -19.97 -47.99 -5.95
C ARG A 1579 -19.80 -48.99 -4.82
N ILE A 1580 -19.18 -50.13 -5.13
CA ILE A 1580 -18.94 -51.18 -4.15
C ILE A 1580 -17.84 -52.08 -4.69
N GLU A 1581 -17.15 -52.78 -3.79
CA GLU A 1581 -16.07 -53.68 -4.16
C GLU A 1581 -16.47 -55.11 -3.82
N SER A 1582 -16.40 -55.99 -4.81
CA SER A 1582 -16.75 -57.39 -4.65
C SER A 1582 -15.56 -58.27 -5.01
N GLU A 1583 -15.34 -59.32 -4.22
CA GLU A 1583 -14.23 -60.23 -4.48
C GLU A 1583 -14.44 -61.07 -5.73
N SER A 1584 -15.66 -61.16 -6.24
CA SER A 1584 -15.92 -61.94 -7.45
C SER A 1584 -15.26 -61.33 -8.68
N THR A 1585 -14.88 -60.06 -8.62
CA THR A 1585 -14.25 -59.37 -9.74
C THR A 1585 -12.84 -58.87 -9.42
N VAL A 1586 -12.55 -58.56 -8.15
CA VAL A 1586 -11.22 -58.08 -7.78
C VAL A 1586 -10.22 -59.21 -7.60
N HIS A 1587 -10.64 -60.46 -7.77
CA HIS A 1587 -9.75 -61.61 -7.61
C HIS A 1587 -9.21 -62.12 -8.95
N ILE A 1588 -8.95 -61.21 -9.88
CA ILE A 1588 -8.42 -61.60 -11.19
C ILE A 1588 -6.95 -61.17 -11.25
N GLY A 1589 -6.29 -61.19 -10.10
CA GLY A 1589 -4.89 -60.80 -10.03
C GLY A 1589 -4.51 -60.02 -8.79
N VAL A 1590 -5.48 -59.33 -8.19
CA VAL A 1590 -5.21 -58.55 -6.98
C VAL A 1590 -5.04 -59.49 -5.80
N GLY A 1591 -3.98 -59.26 -5.02
CA GLY A 1591 -3.72 -60.10 -3.87
C GLY A 1591 -4.74 -59.90 -2.76
N GLU A 1592 -4.82 -60.91 -1.90
CA GLU A 1592 -5.77 -60.85 -0.78
C GLU A 1592 -5.48 -59.69 0.16
N PRO A 1593 -4.26 -59.48 0.68
CA PRO A 1593 -4.05 -58.34 1.59
C PRO A 1593 -4.28 -57.00 0.91
N ASP A 1594 -4.09 -56.93 -0.41
CA ASP A 1594 -4.29 -55.68 -1.13
C ASP A 1594 -5.75 -55.28 -1.18
N PHE A 1595 -6.67 -56.23 -0.96
CA PHE A 1595 -8.10 -55.93 -0.99
C PHE A 1595 -8.54 -55.16 0.25
N ILE A 1596 -7.88 -55.41 1.38
CA ILE A 1596 -8.22 -54.72 2.63
C ILE A 1596 -8.00 -53.21 2.49
N LEU A 1597 -6.92 -52.81 1.82
CA LEU A 1597 -6.65 -51.38 1.65
C LEU A 1597 -7.76 -50.73 0.85
N GLY A 1598 -8.18 -51.36 -0.25
CA GLY A 1598 -9.24 -50.79 -1.06
C GLY A 1598 -10.54 -50.71 -0.27
N GLN A 1599 -10.82 -51.74 0.54
CA GLN A 1599 -12.04 -51.73 1.34
C GLN A 1599 -11.99 -50.59 2.35
N LEU A 1600 -10.82 -50.36 2.95
CA LEU A 1600 -10.68 -49.28 3.92
C LEU A 1600 -10.90 -47.93 3.26
N TYR A 1601 -10.35 -47.75 2.07
CA TYR A 1601 -10.53 -46.47 1.37
C TYR A 1601 -12.01 -46.28 1.04
N HIS A 1602 -12.68 -47.35 0.63
CA HIS A 1602 -14.10 -47.25 0.31
C HIS A 1602 -14.87 -46.88 1.55
N LEU A 1603 -14.48 -47.44 2.71
CA LEU A 1603 -15.15 -47.14 3.95
C LEU A 1603 -14.99 -45.66 4.29
N SER A 1604 -13.79 -45.13 4.08
CA SER A 1604 -13.55 -43.72 4.36
C SER A 1604 -14.39 -42.83 3.45
N SER A 1605 -14.50 -43.20 2.17
CA SER A 1605 -15.28 -42.41 1.23
C SER A 1605 -16.77 -42.44 1.58
N VAL A 1606 -17.29 -43.60 1.97
CA VAL A 1606 -18.71 -43.71 2.31
C VAL A 1606 -19.02 -43.00 3.62
N GLN A 1607 -18.16 -43.17 4.64
CA GLN A 1607 -18.40 -42.54 5.93
C GLN A 1607 -18.11 -41.03 5.90
N ALA A 1608 -17.19 -40.58 5.05
CA ALA A 1608 -16.84 -39.17 4.95
C ALA A 1608 -16.94 -38.72 3.51
N PRO A 1609 -18.15 -38.45 3.02
CA PRO A 1609 -18.33 -38.01 1.63
C PRO A 1609 -17.97 -36.56 1.37
N GLU A 1610 -17.30 -35.87 2.28
CA GLU A 1610 -16.93 -34.48 2.09
C GLU A 1610 -15.42 -34.25 2.02
N VAL A 1611 -14.60 -35.21 2.39
CA VAL A 1611 -13.16 -35.07 2.36
C VAL A 1611 -12.64 -35.56 1.02
N ALA A 1612 -11.88 -34.71 0.33
CA ALA A 1612 -11.33 -35.06 -0.98
C ALA A 1612 -10.17 -36.03 -0.89
N LYS A 1613 -9.44 -36.05 0.23
CA LYS A 1613 -8.31 -36.96 0.37
C LYS A 1613 -8.77 -38.42 0.33
N SER A 1614 -9.89 -38.73 0.98
CA SER A 1614 -10.38 -40.10 0.99
C SER A 1614 -10.72 -40.54 -0.43
N TRP A 1615 -11.40 -39.68 -1.18
CA TRP A 1615 -11.77 -40.02 -2.55
C TRP A 1615 -10.53 -40.18 -3.40
N ALA A 1616 -9.53 -39.31 -3.22
CA ALA A 1616 -8.31 -39.41 -4.01
C ALA A 1616 -7.58 -40.71 -3.73
N ALA A 1617 -7.50 -41.12 -2.46
CA ALA A 1617 -6.82 -42.36 -2.12
C ALA A 1617 -7.54 -43.57 -2.71
N LEU A 1618 -8.86 -43.64 -2.52
CA LEU A 1618 -9.62 -44.77 -3.05
C LEU A 1618 -9.50 -44.82 -4.56
N ALA A 1619 -9.59 -43.66 -5.21
CA ALA A 1619 -9.50 -43.57 -6.66
C ALA A 1619 -8.14 -44.03 -7.15
N SER A 1620 -7.07 -43.59 -6.49
CA SER A 1620 -5.73 -43.98 -6.91
C SER A 1620 -5.54 -45.49 -6.78
N TRP A 1621 -6.04 -46.07 -5.68
CA TRP A 1621 -5.89 -47.52 -5.52
C TRP A 1621 -6.66 -48.27 -6.60
N ALA A 1622 -7.90 -47.84 -6.87
CA ALA A 1622 -8.71 -48.50 -7.89
C ALA A 1622 -8.06 -48.39 -9.26
N TYR A 1623 -7.56 -47.21 -9.62
CA TYR A 1623 -6.92 -47.03 -10.92
C TYR A 1623 -5.64 -47.85 -11.03
N ARG A 1624 -4.81 -47.84 -9.99
CA ARG A 1624 -3.57 -48.60 -10.02
C ARG A 1624 -3.84 -50.08 -10.21
N TRP A 1625 -4.84 -50.62 -9.51
CA TRP A 1625 -5.10 -52.05 -9.69
C TRP A 1625 -5.81 -52.34 -11.00
N GLY A 1626 -6.61 -51.40 -11.51
CA GLY A 1626 -7.30 -51.64 -12.76
C GLY A 1626 -6.33 -51.70 -13.92
N ARG A 1627 -5.33 -50.81 -13.92
CA ARG A 1627 -4.35 -50.81 -15.01
C ARG A 1627 -3.61 -52.14 -15.09
N LYS A 1628 -3.40 -52.79 -13.94
CA LYS A 1628 -2.70 -54.07 -13.91
C LYS A 1628 -3.61 -55.24 -14.24
N VAL A 1629 -4.85 -55.25 -13.72
CA VAL A 1629 -5.75 -56.36 -14.02
C VAL A 1629 -6.10 -56.38 -15.50
N VAL A 1630 -6.32 -55.21 -16.11
CA VAL A 1630 -6.66 -55.17 -17.53
C VAL A 1630 -5.49 -55.69 -18.36
N ASP A 1631 -4.28 -55.27 -18.02
CA ASP A 1631 -3.11 -55.71 -18.78
C ASP A 1631 -2.88 -57.22 -18.63
N ASN A 1632 -3.06 -57.74 -17.41
CA ASN A 1632 -2.87 -59.16 -17.18
C ASN A 1632 -3.99 -60.01 -17.76
N ALA A 1633 -5.17 -59.43 -18.00
CA ALA A 1633 -6.30 -60.17 -18.55
C ALA A 1633 -6.37 -60.08 -20.07
N SER A 1634 -5.41 -59.43 -20.72
CA SER A 1634 -5.42 -59.31 -22.17
C SER A 1634 -4.06 -59.67 -22.75
N UNK A 1646 -18.63 -69.03 -12.60
CA UNK A 1646 -19.28 -70.34 -12.63
C UNK A 1646 -20.63 -70.26 -13.31
N UNK A 1647 -21.37 -69.17 -13.05
CA UNK A 1647 -22.68 -68.99 -13.64
C UNK A 1647 -22.59 -68.78 -15.15
N UNK A 1648 -21.49 -68.17 -15.61
CA UNK A 1648 -21.33 -67.92 -17.05
C UNK A 1648 -21.31 -69.23 -17.83
N UNK A 1649 -20.59 -70.24 -17.31
CA UNK A 1649 -20.53 -71.52 -18.01
C UNK A 1649 -21.91 -72.16 -18.09
N UNK A 1650 -22.67 -72.12 -16.99
CA UNK A 1650 -24.00 -72.71 -16.99
C UNK A 1650 -24.90 -71.99 -17.97
N UNK A 1651 -24.83 -70.65 -18.01
CA UNK A 1651 -25.66 -69.89 -18.93
C UNK A 1651 -25.31 -70.20 -20.36
N UNK A 1652 -24.02 -70.32 -20.67
CA UNK A 1652 -23.59 -70.63 -22.03
C UNK A 1652 -24.06 -72.02 -22.43
N UNK A 1653 -23.96 -72.99 -21.51
CA UNK A 1653 -24.38 -74.34 -21.82
C UNK A 1653 -25.89 -74.41 -22.05
N UNK A 1654 -26.65 -73.67 -21.23
CA UNK A 1654 -28.11 -73.68 -21.39
C UNK A 1654 -28.53 -72.99 -22.68
N UNK A 1655 -27.85 -71.90 -23.05
CA UNK A 1655 -28.21 -71.19 -24.27
C UNK A 1655 -27.76 -71.94 -25.51
N UNK A 1656 -26.68 -72.72 -25.41
CA UNK A 1656 -26.15 -73.49 -26.53
C UNK A 1656 -26.39 -75.00 -26.34
N UNK A 1657 -27.54 -75.36 -25.80
CA UNK A 1657 -27.87 -76.75 -25.56
C UNK A 1657 -28.15 -77.48 -26.89
N UNK A 1663 -17.41 -82.85 -24.94
CA UNK A 1663 -16.84 -82.29 -23.72
C UNK A 1663 -15.79 -81.23 -24.04
N UNK A 1664 -14.94 -81.52 -25.02
CA UNK A 1664 -13.91 -80.57 -25.41
C UNK A 1664 -14.49 -79.33 -26.06
N UNK A 1665 -15.68 -79.45 -26.67
CA UNK A 1665 -16.31 -78.29 -27.31
C UNK A 1665 -16.62 -77.21 -26.29
N UNK A 1666 -17.15 -77.59 -25.13
CA UNK A 1666 -17.48 -76.60 -24.10
C UNK A 1666 -16.23 -75.89 -23.61
N UNK A 1667 -15.15 -76.64 -23.38
CA UNK A 1667 -13.91 -76.04 -22.90
C UNK A 1667 -13.35 -75.09 -23.95
N UNK A 1668 -13.37 -75.49 -25.22
CA UNK A 1668 -12.85 -74.63 -26.28
C UNK A 1668 -13.67 -73.35 -26.39
N UNK A 1669 -15.00 -73.47 -26.31
CA UNK A 1669 -15.85 -72.29 -26.40
C UNK A 1669 -15.59 -71.35 -25.22
N UNK A 1670 -15.47 -71.92 -24.02
CA UNK A 1670 -15.22 -71.08 -22.84
C UNK A 1670 -13.88 -70.37 -22.96
N UNK A 1671 -12.86 -71.07 -23.44
CA UNK A 1671 -11.54 -70.46 -23.58
C UNK A 1671 -11.55 -69.37 -24.65
N UNK A 1672 -12.27 -69.59 -25.75
CA UNK A 1672 -12.33 -68.59 -26.81
C UNK A 1672 -13.17 -67.39 -26.40
N UNK A 1673 -14.11 -67.58 -25.48
CA UNK A 1673 -14.95 -66.47 -25.03
C UNK A 1673 -14.14 -65.39 -24.32
N UNK A 1674 -12.98 -65.74 -23.76
CA UNK A 1674 -12.14 -64.77 -23.05
C UNK A 1674 -10.67 -64.98 -23.38
N UNK A 1675 -10.37 -65.47 -24.59
CA UNK A 1675 -8.98 -65.69 -24.98
C UNK A 1675 -8.22 -64.38 -25.07
N UNK A 1676 -8.82 -63.36 -25.68
CA UNK A 1676 -8.17 -62.06 -25.82
C UNK A 1676 -9.15 -60.92 -25.57
N UNK A 1677 -10.17 -61.15 -24.75
CA UNK A 1677 -11.16 -60.12 -24.44
C UNK A 1677 -10.66 -59.20 -23.35
N UNK A 1703 -13.89 -52.75 -33.27
CA UNK A 1703 -13.71 -53.81 -34.26
C UNK A 1703 -13.46 -55.15 -33.58
N UNK A 1704 -13.70 -55.19 -32.26
CA UNK A 1704 -13.49 -56.43 -31.51
C UNK A 1704 -14.58 -57.45 -31.79
N UNK A 1705 -15.78 -56.99 -32.18
CA UNK A 1705 -16.88 -57.92 -32.47
C UNK A 1705 -16.53 -58.82 -33.65
N UNK A 1706 -15.94 -58.26 -34.71
CA UNK A 1706 -15.59 -59.07 -35.86
C UNK A 1706 -14.55 -60.13 -35.49
N UNK A 1707 -13.54 -59.73 -34.72
CA UNK A 1707 -12.50 -60.67 -34.32
C UNK A 1707 -13.08 -61.78 -33.45
N UNK A 1708 -13.96 -61.42 -32.51
CA UNK A 1708 -14.57 -62.42 -31.65
C UNK A 1708 -15.42 -63.39 -32.46
N UNK A 1709 -16.21 -62.87 -33.41
CA UNK A 1709 -17.05 -63.73 -34.23
C UNK A 1709 -16.19 -64.67 -35.07
N UNK A 1710 -15.11 -64.16 -35.65
CA UNK A 1710 -14.24 -64.99 -36.47
C UNK A 1710 -13.59 -66.09 -35.63
N UNK A 1711 -13.13 -65.74 -34.43
CA UNK A 1711 -12.51 -66.73 -33.56
C UNK A 1711 -13.51 -67.79 -33.15
N UNK A 1712 -14.74 -67.38 -32.82
CA UNK A 1712 -15.76 -68.34 -32.42
C UNK A 1712 -16.11 -69.26 -33.58
N UNK A 1713 -16.22 -68.73 -34.79
CA UNK A 1713 -16.56 -69.55 -35.94
C UNK A 1713 -15.44 -70.52 -36.27
N UNK A 1714 -14.19 -70.08 -36.15
CA UNK A 1714 -13.06 -70.96 -36.44
C UNK A 1714 -12.82 -71.99 -35.34
N UNK A 1715 -13.27 -71.71 -34.11
CA UNK A 1715 -13.07 -72.64 -33.01
C UNK A 1715 -14.26 -73.58 -32.83
N UNK A 1716 -15.46 -73.02 -32.63
CA UNK A 1716 -16.65 -73.84 -32.44
C UNK A 1716 -17.04 -74.54 -33.75
N UNK A 1717 -17.30 -73.77 -34.79
CA UNK A 1717 -17.68 -74.33 -36.08
C UNK A 1717 -16.45 -74.68 -36.91
N GLU A 1723 -27.54 -65.57 -31.17
CA GLU A 1723 -26.58 -66.33 -30.39
C GLU A 1723 -26.29 -65.65 -29.06
N GLY A 1724 -26.22 -66.45 -27.99
CA GLY A 1724 -25.95 -65.94 -26.67
C GLY A 1724 -24.49 -65.70 -26.32
N VAL A 1725 -23.58 -65.99 -27.25
CA VAL A 1725 -22.16 -65.79 -26.98
C VAL A 1725 -21.85 -64.31 -26.86
N ILE A 1726 -22.54 -63.47 -27.64
CA ILE A 1726 -22.31 -62.02 -27.58
C ILE A 1726 -22.66 -61.48 -26.19
N LYS A 1727 -23.77 -61.96 -25.62
CA LYS A 1727 -24.16 -61.49 -24.29
C LYS A 1727 -23.11 -61.85 -23.25
N VAL A 1728 -22.61 -63.09 -23.28
CA VAL A 1728 -21.60 -63.51 -22.31
C VAL A 1728 -20.33 -62.69 -22.49
N TRP A 1729 -19.92 -62.47 -23.74
CA TRP A 1729 -18.70 -61.69 -23.99
C TRP A 1729 -18.86 -60.27 -23.48
N ARG A 1730 -20.01 -59.64 -23.74
CA ARG A 1730 -20.23 -58.28 -23.28
C ARG A 1730 -20.26 -58.22 -21.75
N LYS A 1731 -20.87 -59.22 -21.12
CA LYS A 1731 -20.94 -59.24 -19.66
C LYS A 1731 -19.56 -59.36 -19.04
N VAL A 1732 -18.73 -60.28 -19.55
CA VAL A 1732 -17.39 -60.44 -18.99
C VAL A 1732 -16.54 -59.20 -19.27
N VAL A 1733 -16.70 -58.59 -20.45
CA VAL A 1733 -15.92 -57.40 -20.78
C VAL A 1733 -16.29 -56.26 -19.83
N ASP A 1734 -17.58 -56.06 -19.59
CA ASP A 1734 -18.00 -55.00 -18.69
C ASP A 1734 -17.60 -55.30 -17.25
N ARG A 1735 -17.53 -56.58 -16.90
CA ARG A 1735 -17.14 -56.95 -15.54
C ARG A 1735 -15.67 -56.68 -15.28
N ILE A 1736 -14.81 -56.94 -16.27
CA ILE A 1736 -13.38 -56.71 -16.10
C ILE A 1736 -13.03 -55.24 -15.84
N PHE A 1737 -13.84 -54.29 -16.29
CA PHE A 1737 -13.58 -52.88 -16.08
C PHE A 1737 -14.21 -52.32 -14.81
N SER A 1738 -14.44 -53.16 -13.80
CA SER A 1738 -15.04 -52.68 -12.55
C SER A 1738 -14.14 -51.67 -11.86
N LEU A 1739 -12.84 -51.97 -11.78
CA LEU A 1739 -11.91 -51.05 -11.13
C LEU A 1739 -11.88 -49.72 -11.86
N TYR A 1740 -11.88 -49.74 -13.19
CA TYR A 1740 -11.87 -48.50 -13.95
C TYR A 1740 -13.14 -47.70 -13.69
N LYS A 1741 -14.28 -48.38 -13.61
CA LYS A 1741 -15.53 -47.68 -13.37
C LYS A 1741 -15.49 -46.99 -12.00
N LEU A 1742 -15.01 -47.71 -10.98
CA LEU A 1742 -14.92 -47.14 -9.65
C LEU A 1742 -13.96 -45.95 -9.63
N SER A 1743 -12.81 -46.07 -10.30
CA SER A 1743 -11.85 -44.99 -10.34
C SER A 1743 -12.42 -43.77 -11.04
N CYS A 1744 -13.16 -44.00 -12.14
CA CYS A 1744 -13.75 -42.87 -12.87
C CYS A 1744 -14.74 -42.14 -11.98
N SER A 1745 -15.60 -42.88 -11.29
CA SER A 1745 -16.58 -42.24 -10.41
C SER A 1745 -15.89 -41.46 -9.31
N ALA A 1746 -14.84 -42.04 -8.72
CA ALA A 1746 -14.11 -41.36 -7.65
C ALA A 1746 -13.46 -40.08 -8.15
N TYR A 1747 -12.78 -40.13 -9.32
CA TYR A 1747 -12.15 -38.91 -9.84
C TYR A 1747 -13.19 -37.85 -10.14
N PHE A 1748 -14.33 -38.23 -10.71
CA PHE A 1748 -15.34 -37.23 -11.00
C PHE A 1748 -15.86 -36.58 -9.72
N THR A 1749 -16.09 -37.38 -8.68
CA THR A 1749 -16.57 -36.83 -7.42
C THR A 1749 -15.52 -35.93 -6.78
N PHE A 1750 -14.25 -36.34 -6.82
CA PHE A 1750 -13.17 -35.53 -6.24
C PHE A 1750 -13.06 -34.19 -6.95
N LEU A 1751 -13.09 -34.22 -8.28
CA LEU A 1751 -12.99 -32.99 -9.05
C LEU A 1751 -14.19 -32.09 -8.75
N LYS A 1752 -15.36 -32.70 -8.57
CA LYS A 1752 -16.57 -31.94 -8.27
C LYS A 1752 -16.41 -31.25 -6.92
N LEU A 1753 -15.81 -31.96 -5.95
CA LEU A 1753 -15.61 -31.39 -4.62
C LEU A 1753 -14.64 -30.22 -4.68
N ASN A 1754 -13.61 -30.32 -5.53
CA ASN A 1754 -12.62 -29.26 -5.65
C ASN A 1754 -13.03 -28.18 -6.65
N ALA A 1755 -14.33 -28.03 -6.92
CA ALA A 1755 -14.81 -27.03 -7.86
C ALA A 1755 -14.50 -25.62 -7.36
N GLN A 1775 -8.70 -26.39 -2.33
CA GLN A 1775 -8.71 -27.28 -1.17
C GLN A 1775 -7.65 -28.36 -1.31
N SER A 1776 -7.17 -28.58 -2.53
CA SER A 1776 -6.15 -29.58 -2.82
C SER A 1776 -5.09 -28.98 -3.74
N THR A 1777 -3.90 -29.57 -3.68
CA THR A 1777 -2.79 -29.09 -4.51
C THR A 1777 -3.12 -29.27 -5.98
N ASP A 1778 -2.65 -28.34 -6.81
CA ASP A 1778 -2.91 -28.42 -8.24
C ASP A 1778 -2.31 -29.67 -8.85
N ASP A 1779 -1.26 -30.23 -8.23
CA ASP A 1779 -0.64 -31.43 -8.76
C ASP A 1779 -1.63 -32.59 -8.77
N MET A 1780 -2.41 -32.74 -7.70
CA MET A 1780 -3.38 -33.82 -7.64
C MET A 1780 -4.45 -33.64 -8.72
N ILE A 1781 -4.89 -32.40 -8.93
CA ILE A 1781 -5.91 -32.12 -9.93
C ILE A 1781 -5.38 -32.46 -11.32
N VAL A 1782 -4.13 -32.07 -11.60
CA VAL A 1782 -3.54 -32.36 -12.90
C VAL A 1782 -3.42 -33.86 -13.11
N MET A 1783 -2.97 -34.59 -12.08
CA MET A 1783 -2.84 -36.04 -12.21
C MET A 1783 -4.18 -36.69 -12.45
N ALA A 1784 -5.22 -36.27 -11.72
CA ALA A 1784 -6.55 -36.86 -11.90
C ALA A 1784 -7.07 -36.58 -13.30
N THR A 1785 -6.91 -35.35 -13.79
CA THR A 1785 -7.39 -35.01 -15.12
C THR A 1785 -6.66 -35.81 -16.19
N LEU A 1786 -5.33 -35.94 -16.06
CA LEU A 1786 -4.57 -36.71 -17.04
C LEU A 1786 -5.00 -38.17 -17.04
N ARG A 1787 -5.22 -38.74 -15.86
CA ARG A 1787 -5.63 -40.14 -15.78
C ARG A 1787 -7.01 -40.32 -16.42
N LEU A 1788 -7.93 -39.38 -16.16
CA LEU A 1788 -9.26 -39.48 -16.74
C LEU A 1788 -9.18 -39.40 -18.26
N LEU A 1789 -8.33 -38.50 -18.77
CA LEU A 1789 -8.18 -38.37 -20.22
C LEU A 1789 -7.62 -39.65 -20.82
N ARG A 1790 -6.63 -40.24 -20.15
CA ARG A 1790 -6.04 -41.48 -20.65
C ARG A 1790 -7.08 -42.58 -20.68
N LEU A 1791 -7.92 -42.64 -19.64
CA LEU A 1791 -8.95 -43.68 -19.59
C LEU A 1791 -9.97 -43.47 -20.71
N LEU A 1792 -10.31 -42.21 -20.98
CA LEU A 1792 -11.28 -41.91 -22.03
C LEU A 1792 -10.73 -42.13 -23.42
N VAL A 1793 -9.40 -42.10 -23.59
CA VAL A 1793 -8.82 -42.31 -24.91
C VAL A 1793 -8.47 -43.77 -25.15
N LYS A 1794 -7.77 -44.41 -24.23
CA LYS A 1794 -7.40 -45.81 -24.39
C LYS A 1794 -8.62 -46.73 -24.41
N HIS A 1795 -9.48 -46.61 -23.41
CA HIS A 1795 -10.70 -47.43 -23.30
C HIS A 1795 -11.90 -46.51 -23.33
N ALA A 1796 -12.39 -46.21 -24.54
CA ALA A 1796 -13.55 -45.33 -24.69
C ALA A 1796 -14.87 -46.11 -24.76
N GLY A 1797 -15.01 -46.99 -25.74
CA GLY A 1797 -16.22 -47.77 -25.90
C GLY A 1797 -16.44 -48.82 -24.83
N GLU A 1798 -15.38 -49.21 -24.11
CA GLU A 1798 -15.54 -50.22 -23.07
C GLU A 1798 -16.34 -49.70 -21.87
N LEU A 1799 -16.18 -48.42 -21.52
CA LEU A 1799 -16.90 -47.85 -20.38
C LEU A 1799 -17.39 -46.44 -20.71
N ARG A 1800 -17.92 -46.25 -21.92
CA ARG A 1800 -18.42 -44.94 -22.33
C ARG A 1800 -19.63 -44.50 -21.51
N GLN A 1801 -20.39 -45.45 -20.97
CA GLN A 1801 -21.57 -45.12 -20.18
C GLN A 1801 -21.24 -44.27 -18.96
N TYR A 1802 -20.00 -44.30 -18.47
CA TYR A 1802 -19.59 -43.52 -17.30
C TYR A 1802 -18.97 -42.18 -17.68
N LEU A 1803 -18.03 -42.19 -18.63
CA LEU A 1803 -17.37 -40.95 -19.04
C LEU A 1803 -18.35 -40.01 -19.75
N GLU A 1804 -19.22 -40.55 -20.60
CA GLU A 1804 -20.18 -39.72 -21.32
C GLU A 1804 -21.03 -38.90 -20.37
N HIS A 1805 -21.40 -39.47 -19.23
CA HIS A 1805 -22.21 -38.75 -18.26
C HIS A 1805 -21.38 -37.92 -17.30
N GLY A 1806 -20.18 -38.39 -16.94
CA GLY A 1806 -19.35 -37.63 -16.02
C GLY A 1806 -18.82 -36.33 -16.62
N LEU A 1807 -18.44 -36.37 -17.90
CA LEU A 1807 -17.91 -35.17 -18.56
C LEU A 1807 -18.97 -34.09 -18.77
N GLU A 1808 -20.25 -34.39 -18.57
CA GLU A 1808 -21.31 -33.42 -18.75
C GLU A 1808 -21.69 -32.68 -17.47
N THR A 1809 -20.99 -32.92 -16.36
CA THR A 1809 -21.32 -32.24 -15.11
C THR A 1809 -20.12 -31.70 -14.34
N THR A 1810 -18.89 -31.98 -14.76
CA THR A 1810 -17.74 -31.48 -14.04
C THR A 1810 -17.55 -29.98 -14.27
N PRO A 1811 -16.95 -29.27 -13.31
CA PRO A 1811 -16.76 -27.82 -13.47
C PRO A 1811 -15.69 -27.54 -14.51
N THR A 1812 -15.37 -26.26 -14.73
CA THR A 1812 -14.36 -25.89 -15.70
C THR A 1812 -13.04 -25.50 -15.08
N ALA A 1813 -13.01 -25.14 -13.81
CA ALA A 1813 -11.74 -24.77 -13.16
C ALA A 1813 -10.71 -25.89 -13.13
N PRO A 1814 -11.03 -27.12 -12.71
CA PRO A 1814 -10.00 -28.17 -12.69
C PRO A 1814 -9.46 -28.53 -14.07
N TRP A 1815 -10.18 -28.24 -15.15
CA TRP A 1815 -9.73 -28.55 -16.50
C TRP A 1815 -9.06 -27.37 -17.19
N ARG A 1816 -8.42 -26.49 -16.44
CA ARG A 1816 -7.74 -25.33 -16.99
C ARG A 1816 -6.23 -25.50 -17.06
N GLY A 1817 -5.72 -26.71 -16.84
CA GLY A 1817 -4.28 -26.94 -16.88
C GLY A 1817 -3.82 -27.90 -17.95
N ILE A 1818 -4.74 -28.64 -18.57
CA ILE A 1818 -4.37 -29.60 -19.61
C ILE A 1818 -5.08 -29.28 -20.91
N ILE A 1819 -5.35 -28.00 -21.16
CA ILE A 1819 -6.03 -27.59 -22.39
C ILE A 1819 -5.27 -28.06 -23.63
N PRO A 1820 -3.94 -27.90 -23.74
CA PRO A 1820 -3.26 -28.37 -24.95
C PRO A 1820 -3.48 -29.85 -25.20
N GLN A 1821 -3.54 -30.65 -24.13
CA GLN A 1821 -3.75 -32.09 -24.30
C GLN A 1821 -5.14 -32.34 -24.89
N LEU A 1822 -6.14 -31.59 -24.40
CA LEU A 1822 -7.50 -31.75 -24.90
C LEU A 1822 -7.56 -31.40 -26.38
N PHE A 1823 -6.85 -30.33 -26.76
CA PHE A 1823 -6.84 -29.91 -28.16
C PHE A 1823 -6.14 -30.95 -29.03
N SER A 1824 -5.03 -31.50 -28.54
CA SER A 1824 -4.29 -32.50 -29.32
C SER A 1824 -5.06 -33.80 -29.46
N ARG A 1825 -5.92 -34.12 -28.49
CA ARG A 1825 -6.71 -35.36 -28.56
C ARG A 1825 -8.04 -35.18 -29.28
N LEU A 1826 -8.14 -34.19 -30.17
CA LEU A 1826 -9.39 -33.95 -30.89
C LEU A 1826 -9.53 -34.81 -32.14
N ASN A 1827 -8.46 -35.50 -32.57
CA ASN A 1827 -8.50 -36.35 -33.74
C ASN A 1827 -8.57 -37.83 -33.39
N HIS A 1828 -9.21 -38.17 -32.28
CA HIS A 1828 -9.33 -39.56 -31.87
C HIS A 1828 -10.18 -40.34 -32.88
N PRO A 1829 -9.82 -41.59 -33.17
CA PRO A 1829 -10.62 -42.37 -34.13
C PRO A 1829 -11.94 -42.82 -33.54
N GLU A 1830 -12.75 -41.87 -33.07
CA GLU A 1830 -14.04 -42.16 -32.49
C GLU A 1830 -15.00 -41.03 -32.87
N VAL A 1831 -16.25 -41.16 -32.45
CA VAL A 1831 -17.29 -40.18 -32.72
C VAL A 1831 -17.70 -39.44 -31.47
N TYR A 1832 -18.07 -40.16 -30.41
CA TYR A 1832 -18.48 -39.50 -29.17
C TYR A 1832 -17.31 -38.89 -28.43
N VAL A 1833 -16.09 -39.40 -28.61
CA VAL A 1833 -14.94 -38.85 -27.92
C VAL A 1833 -14.68 -37.41 -28.36
N ARG A 1834 -14.63 -37.18 -29.68
CA ARG A 1834 -14.41 -35.83 -30.18
C ARG A 1834 -15.54 -34.91 -29.77
N GLN A 1835 -16.78 -35.40 -29.83
CA GLN A 1835 -17.92 -34.57 -29.45
C GLN A 1835 -17.83 -34.17 -27.99
N SER A 1836 -17.47 -35.12 -27.12
CA SER A 1836 -17.37 -34.83 -25.70
C SER A 1836 -16.25 -33.81 -25.43
N ILE A 1837 -15.12 -33.98 -26.10
CA ILE A 1837 -14.01 -33.04 -25.90
C ILE A 1837 -14.42 -31.66 -26.37
N CYS A 1838 -15.10 -31.58 -27.52
CA CYS A 1838 -15.52 -30.28 -28.04
C CYS A 1838 -16.52 -29.62 -27.09
N ASN A 1839 -17.45 -30.41 -26.54
CA ASN A 1839 -18.43 -29.86 -25.61
C ASN A 1839 -17.74 -29.33 -24.36
N LEU A 1840 -16.78 -30.10 -23.84
CA LEU A 1840 -16.07 -29.67 -22.64
C LEU A 1840 -15.30 -28.38 -22.90
N LEU A 1841 -14.64 -28.30 -24.06
CA LEU A 1841 -13.89 -27.09 -24.39
C LEU A 1841 -14.83 -25.90 -24.53
N CYS A 1842 -15.99 -26.10 -25.17
CA CYS A 1842 -16.94 -25.02 -25.33
C CYS A 1842 -17.44 -24.53 -23.99
N ARG A 1843 -17.72 -25.46 -23.07
CA ARG A 1843 -18.20 -25.08 -21.75
C ARG A 1843 -17.12 -24.32 -20.99
N VAL A 1844 -15.85 -24.77 -21.12
CA VAL A 1844 -14.76 -24.10 -20.43
C VAL A 1844 -14.55 -22.70 -21.01
N ALA A 1845 -14.87 -22.51 -22.29
CA ALA A 1845 -14.69 -21.21 -22.91
C ALA A 1845 -15.50 -20.14 -22.18
N GLN A 1846 -16.70 -20.47 -21.74
CA GLN A 1846 -17.53 -19.51 -21.03
C GLN A 1846 -16.91 -19.21 -19.68
N ASP A 1847 -16.96 -17.93 -19.27
CA ASP A 1847 -16.44 -17.41 -18.03
C ASP A 1847 -14.91 -17.44 -17.98
N SER A 1848 -14.26 -17.95 -19.02
CA SER A 1848 -12.80 -18.04 -19.10
C SER A 1848 -12.41 -18.10 -20.58
N PRO A 1849 -12.62 -17.02 -21.34
CA PRO A 1849 -12.24 -17.05 -22.76
C PRO A 1849 -10.77 -16.81 -23.03
N HIS A 1850 -10.03 -16.25 -22.09
CA HIS A 1850 -8.60 -15.99 -22.32
C HIS A 1850 -7.75 -17.27 -22.30
N LEU A 1851 -8.36 -18.46 -22.26
CA LEU A 1851 -7.62 -19.70 -22.24
C LEU A 1851 -7.81 -20.55 -23.49
N ILE A 1852 -8.86 -20.31 -24.27
CA ILE A 1852 -9.15 -21.07 -25.48
C ILE A 1852 -9.33 -20.08 -26.63
N LEU A 1853 -8.80 -18.86 -26.44
CA LEU A 1853 -8.93 -17.84 -27.47
C LEU A 1853 -7.87 -18.00 -28.56
N TYR A 1854 -6.61 -17.80 -28.18
CA TYR A 1854 -5.51 -17.93 -29.14
C TYR A 1854 -5.34 -19.33 -29.72
N PRO A 1855 -5.33 -20.41 -28.94
CA PRO A 1855 -5.16 -21.73 -29.56
C PRO A 1855 -6.25 -22.07 -30.56
N ALA A 1856 -7.51 -21.85 -30.19
CA ALA A 1856 -8.61 -22.16 -31.10
C ALA A 1856 -8.59 -21.30 -32.35
N ILE A 1857 -8.33 -20.00 -32.20
CA ILE A 1857 -8.30 -19.14 -33.40
C ILE A 1857 -7.11 -19.50 -34.30
N VAL A 1858 -5.94 -19.76 -33.71
CA VAL A 1858 -4.79 -20.11 -34.53
C VAL A 1858 -5.06 -21.42 -35.28
N GLY A 1859 -5.64 -22.39 -34.59
CA GLY A 1859 -5.93 -23.67 -35.23
C GLY A 1859 -6.97 -23.54 -36.32
N THR A 1860 -7.96 -22.67 -36.14
CA THR A 1860 -9.01 -22.50 -37.15
C THR A 1860 -8.43 -21.95 -38.45
N ILE A 1861 -7.51 -21.00 -38.36
CA ILE A 1861 -6.89 -20.41 -39.54
C ILE A 1861 -5.62 -21.16 -39.90
N GLN A 1919 -8.11 -34.55 -42.90
CA GLN A 1919 -9.30 -34.93 -42.16
C GLN A 1919 -10.03 -33.69 -41.64
N ALA A 1920 -11.36 -33.76 -41.65
CA ALA A 1920 -12.20 -32.65 -41.18
C ALA A 1920 -12.39 -32.64 -39.68
N MET A 1921 -11.95 -33.69 -38.97
CA MET A 1921 -12.12 -33.73 -37.52
C MET A 1921 -11.32 -32.63 -36.85
N MET A 1922 -10.12 -32.36 -37.35
CA MET A 1922 -9.27 -31.32 -36.77
C MET A 1922 -9.71 -29.90 -37.15
N GLN A 1923 -10.78 -29.77 -37.92
CA GLN A 1923 -11.30 -28.48 -38.35
C GLN A 1923 -12.74 -28.22 -37.93
N ASP A 1924 -13.58 -29.26 -37.99
CA ASP A 1924 -14.99 -29.09 -37.60
C ASP A 1924 -15.10 -28.73 -36.11
N CYS A 1925 -14.36 -29.45 -35.26
CA CYS A 1925 -14.41 -29.18 -33.84
C CYS A 1925 -13.94 -27.76 -33.56
N TYR A 1926 -12.88 -27.33 -34.24
CA TYR A 1926 -12.37 -25.98 -34.04
C TYR A 1926 -13.42 -24.96 -34.48
N SER A 1927 -14.15 -25.29 -35.55
CA SER A 1927 -15.18 -24.38 -36.05
C SER A 1927 -16.28 -24.19 -34.99
N LYS A 1928 -16.78 -25.29 -34.43
CA LYS A 1928 -17.83 -25.11 -33.41
C LYS A 1928 -17.28 -24.44 -32.17
N ILE A 1929 -16.03 -24.71 -31.80
CA ILE A 1929 -15.45 -24.09 -30.61
C ILE A 1929 -15.36 -22.58 -30.81
N VAL A 1930 -14.84 -22.15 -31.95
CA VAL A 1930 -14.72 -20.71 -32.20
C VAL A 1930 -16.10 -20.08 -32.32
N ASP A 1931 -17.07 -20.81 -32.88
CA ASP A 1931 -18.41 -20.24 -33.01
C ASP A 1931 -19.03 -20.04 -31.64
N LYS A 1932 -18.88 -21.01 -30.74
CA LYS A 1932 -19.42 -20.88 -29.40
C LYS A 1932 -18.75 -19.74 -28.66
N LEU A 1933 -17.43 -19.59 -28.85
CA LEU A 1933 -16.73 -18.51 -28.18
C LEU A 1933 -17.16 -17.15 -28.72
N SER A 1934 -17.42 -17.07 -30.02
CA SER A 1934 -17.85 -15.83 -30.66
C SER A 1934 -19.32 -15.52 -30.43
N SER A 1935 -20.10 -16.48 -29.93
CA SER A 1935 -21.52 -16.24 -29.70
C SER A 1935 -21.77 -15.20 -28.61
N ALA A 1936 -20.75 -14.86 -27.83
CA ALA A 1936 -20.87 -13.86 -26.77
C ALA A 1936 -20.40 -12.48 -27.20
N ASN A 1937 -19.16 -12.38 -27.67
CA ASN A 1937 -18.58 -11.12 -28.13
C ASN A 1937 -17.97 -11.33 -29.51
N PRO A 1938 -18.78 -11.33 -30.56
CA PRO A 1938 -18.24 -11.53 -31.91
C PRO A 1938 -17.27 -10.45 -32.34
N THR A 1939 -17.45 -9.21 -31.87
CA THR A 1939 -16.54 -8.13 -32.24
C THR A 1939 -15.12 -8.42 -31.78
N MET A 1940 -14.97 -8.89 -30.54
CA MET A 1940 -13.65 -9.20 -30.02
C MET A 1940 -13.01 -10.34 -30.80
N VAL A 1941 -13.80 -11.35 -31.16
CA VAL A 1941 -13.28 -12.49 -31.91
C VAL A 1941 -12.79 -12.02 -33.28
N LEU A 1942 -13.58 -11.19 -33.96
CA LEU A 1942 -13.17 -10.71 -35.26
C LEU A 1942 -11.90 -9.86 -35.15
N GLN A 1943 -11.83 -9.03 -34.10
CA GLN A 1943 -10.66 -8.19 -33.91
C GLN A 1943 -9.40 -9.01 -33.67
N VAL A 1944 -9.49 -10.04 -32.84
CA VAL A 1944 -8.32 -10.87 -32.59
C VAL A 1944 -7.94 -11.63 -33.85
N GLN A 1945 -8.93 -12.08 -34.63
CA GLN A 1945 -8.59 -12.79 -35.86
C GLN A 1945 -7.82 -11.88 -36.80
N MET A 1946 -8.28 -10.63 -36.92
CA MET A 1946 -7.62 -9.67 -37.79
C MET A 1946 -6.22 -9.39 -37.28
N LEU A 1947 -6.07 -9.31 -35.95
CA LEU A 1947 -4.75 -9.04 -35.37
C LEU A 1947 -3.79 -10.17 -35.69
N VAL A 1948 -4.27 -11.42 -35.57
CA VAL A 1948 -3.41 -12.57 -35.87
C VAL A 1948 -3.01 -12.54 -37.33
N ALA A 1949 -3.97 -12.24 -38.22
CA ALA A 1949 -3.66 -12.19 -39.65
C ALA A 1949 -2.62 -11.12 -39.94
N GLU A 1950 -2.78 -9.94 -39.31
CA GLU A 1950 -1.83 -8.85 -39.54
C GLU A 1950 -0.45 -9.24 -39.03
N LEU A 1951 -0.39 -9.90 -37.87
CA LEU A 1951 0.90 -10.31 -37.33
C LEU A 1951 1.58 -11.30 -38.26
N ARG A 1952 0.79 -12.24 -38.81
CA ARG A 1952 1.36 -13.22 -39.73
C ARG A 1952 1.87 -12.54 -40.98
N ARG A 1953 1.16 -11.51 -41.45
CA ARG A 1953 1.58 -10.79 -42.64
C ARG A 1953 2.87 -10.01 -42.39
N VAL A 1954 2.98 -9.38 -41.22
CA VAL A 1954 4.18 -8.60 -40.90
C VAL A 1954 5.32 -9.48 -40.40
N THR A 1955 5.08 -10.79 -40.25
CA THR A 1955 6.13 -11.69 -39.78
C THR A 1955 7.39 -11.57 -40.62
N VAL A 1956 7.29 -11.87 -41.91
CA VAL A 1956 8.42 -11.79 -42.84
C VAL A 1956 8.06 -10.79 -43.93
N LEU A 1957 8.84 -9.73 -44.03
CA LEU A 1957 8.59 -8.71 -45.04
C LEU A 1957 9.00 -9.24 -46.41
N TRP A 1958 8.48 -8.58 -47.46
CA TRP A 1958 8.80 -9.01 -48.82
C TRP A 1958 10.28 -8.83 -49.12
N ASP A 1959 10.92 -7.81 -48.52
CA ASP A 1959 12.34 -7.58 -48.77
C ASP A 1959 13.17 -8.76 -48.26
N GLU A 1960 12.90 -9.21 -47.03
CA GLU A 1960 13.65 -10.33 -46.47
C GLU A 1960 13.41 -11.59 -47.27
N LEU A 1961 12.15 -11.86 -47.65
CA LEU A 1961 11.85 -13.05 -48.42
C LEU A 1961 12.55 -13.02 -49.76
N TRP A 1962 12.56 -11.86 -50.42
CA TRP A 1962 13.21 -11.75 -51.71
C TRP A 1962 14.72 -11.96 -51.57
N LEU A 1963 15.33 -11.39 -50.53
CA LEU A 1963 16.76 -11.56 -50.34
C LEU A 1963 17.09 -13.02 -50.09
N GLY A 1964 16.31 -13.70 -49.25
CA GLY A 1964 16.57 -15.11 -48.97
C GLY A 1964 16.41 -15.95 -50.24
N VAL A 1965 15.36 -15.67 -51.02
CA VAL A 1965 15.15 -16.42 -52.25
C VAL A 1965 16.29 -16.21 -53.22
N LEU A 1966 16.76 -14.97 -53.35
CA LEU A 1966 17.85 -14.67 -54.26
C LEU A 1966 19.12 -15.38 -53.81
N LEU A 1967 19.41 -15.38 -52.51
CA LEU A 1967 20.60 -16.05 -52.01
C LEU A 1967 20.53 -17.54 -52.27
N GLN A 1968 19.36 -18.15 -52.01
CA GLN A 1968 19.21 -19.59 -52.23
C GLN A 1968 19.36 -19.92 -53.72
N GLN A 1969 18.76 -19.10 -54.58
CA GLN A 1969 18.85 -19.36 -56.02
C GLN A 1969 20.30 -19.24 -56.49
N HIS A 1970 21.02 -18.23 -56.00
CA HIS A 1970 22.42 -18.05 -56.41
C HIS A 1970 23.27 -19.22 -55.92
N MET A 1971 23.01 -19.69 -54.69
CA MET A 1971 23.78 -20.81 -54.16
C MET A 1971 23.50 -22.09 -54.92
N TYR A 1972 22.25 -22.32 -55.30
CA TYR A 1972 21.87 -23.53 -56.03
C TYR A 1972 22.06 -23.40 -57.53
N VAL A 1973 22.50 -22.24 -58.02
CA VAL A 1973 22.70 -22.07 -59.45
C VAL A 1973 23.77 -23.00 -59.99
N LEU A 1974 24.88 -23.12 -59.27
CA LEU A 1974 25.96 -23.99 -59.69
C LEU A 1974 26.08 -25.21 -58.78
N UNK A 2006 17.47 -22.43 -64.58
CA UNK A 2006 16.72 -23.54 -65.16
C UNK A 2006 15.22 -23.39 -64.90
N UNK A 2007 14.49 -24.48 -65.04
CA UNK A 2007 13.05 -24.45 -64.81
C UNK A 2007 12.73 -24.14 -63.35
N UNK A 2008 13.48 -24.73 -62.42
CA UNK A 2008 13.24 -24.49 -61.00
C UNK A 2008 13.45 -23.03 -60.65
N UNK A 2009 14.54 -22.43 -61.16
CA UNK A 2009 14.82 -21.03 -60.87
C UNK A 2009 13.71 -20.13 -61.41
N UNK A 2010 13.27 -20.39 -62.64
CA UNK A 2010 12.21 -19.58 -63.24
C UNK A 2010 10.91 -19.71 -62.44
N UNK A 2011 10.58 -20.94 -62.04
CA UNK A 2011 9.36 -21.15 -61.27
C UNK A 2011 9.43 -20.43 -59.93
N UNK A 2012 10.58 -20.51 -59.26
CA UNK A 2012 10.73 -19.85 -57.96
C UNK A 2012 10.61 -18.34 -58.13
N UNK A 2013 11.24 -17.78 -59.16
CA UNK A 2013 11.17 -16.34 -59.39
C UNK A 2013 9.74 -15.91 -59.68
N UNK A 2014 9.02 -16.69 -60.50
CA UNK A 2014 7.64 -16.35 -60.82
C UNK A 2014 6.77 -16.40 -59.56
N UNK A 2015 6.96 -17.43 -58.73
CA UNK A 2015 6.17 -17.53 -57.52
C UNK A 2015 6.45 -16.37 -56.58
N UNK A 2016 7.73 -16.00 -56.44
CA UNK A 2016 8.09 -14.89 -55.57
C UNK A 2016 7.49 -13.59 -56.08
N UNK A 2017 7.54 -13.36 -57.39
CA UNK A 2017 6.98 -12.15 -57.96
C UNK A 2017 5.46 -12.10 -57.77
N UNK A 2018 4.79 -13.24 -57.96
CA UNK A 2018 3.35 -13.29 -57.79
C UNK A 2018 2.95 -13.03 -56.34
N UNK A 2019 3.73 -13.57 -55.39
CA UNK A 2019 3.41 -13.38 -53.99
C UNK A 2019 3.59 -11.92 -53.57
N UNK A 2020 4.48 -11.20 -54.23
CA UNK A 2020 4.74 -9.80 -53.94
C UNK A 2020 4.02 -8.85 -54.89
N UNK A 2021 3.13 -9.38 -55.73
CA UNK A 2021 2.37 -8.59 -56.70
C UNK A 2021 3.28 -7.77 -57.61
N PRO A 2031 2.24 1.94 -46.84
CA PRO A 2031 3.48 2.71 -46.83
C PRO A 2031 4.68 1.88 -47.25
N HIS A 2032 4.98 0.82 -46.50
CA HIS A 2032 6.12 -0.02 -46.84
C HIS A 2032 5.91 -0.73 -48.18
N GLU A 2033 4.66 -1.12 -48.47
CA GLU A 2033 4.37 -1.80 -49.72
C GLU A 2033 4.63 -0.89 -50.91
N LYS A 2034 4.13 0.34 -50.86
CA LYS A 2034 4.33 1.28 -51.97
C LYS A 2034 5.81 1.64 -52.11
N TRP A 2035 6.51 1.82 -50.99
CA TRP A 2035 7.92 2.16 -51.05
C TRP A 2035 8.72 1.06 -51.73
N PHE A 2036 8.47 -0.19 -51.35
CA PHE A 2036 9.19 -1.31 -51.97
C PHE A 2036 8.83 -1.45 -53.43
N GLN A 2037 7.54 -1.27 -53.77
CA GLN A 2037 7.12 -1.39 -55.15
C GLN A 2037 7.76 -0.34 -56.03
N ASP A 2038 7.88 0.89 -55.53
CA ASP A 2038 8.49 1.97 -56.30
C ASP A 2038 10.02 1.95 -56.24
N ASN A 2039 10.61 1.23 -55.31
CA ASN A 2039 12.06 1.17 -55.21
C ASN A 2039 12.68 -0.02 -55.93
N TYR A 2040 11.98 -1.16 -55.97
CA TYR A 2040 12.48 -2.36 -56.63
C TYR A 2040 11.41 -2.97 -57.51
N GLY A 2041 10.73 -2.12 -58.29
CA GLY A 2041 9.68 -2.58 -59.17
C GLY A 2041 10.15 -3.10 -60.52
N ASP A 2042 11.45 -3.09 -60.78
CA ASP A 2042 12.01 -3.57 -62.02
C ASP A 2042 12.48 -5.02 -61.95
N ALA A 2043 12.22 -5.71 -60.84
CA ALA A 2043 12.64 -7.11 -60.71
C ALA A 2043 11.95 -7.98 -61.76
N ILE A 2044 10.64 -7.79 -61.95
CA ILE A 2044 9.91 -8.59 -62.94
C ILE A 2044 10.43 -8.30 -64.33
N GLU A 2045 10.62 -7.01 -64.66
CA GLU A 2045 11.11 -6.64 -65.97
C GLU A 2045 12.51 -7.19 -66.21
N ASN A 2046 13.38 -7.09 -65.19
CA ASN A 2046 14.75 -7.61 -65.34
C ASN A 2046 14.73 -9.11 -65.56
N ALA A 2047 13.90 -9.83 -64.79
CA ALA A 2047 13.84 -11.28 -64.95
C ALA A 2047 13.33 -11.65 -66.33
N LEU A 2048 12.30 -10.95 -66.82
CA LEU A 2048 11.76 -11.24 -68.14
C LEU A 2048 12.79 -10.97 -69.22
N GLU A 2049 13.54 -9.86 -69.09
CA GLU A 2049 14.54 -9.53 -70.09
C GLU A 2049 15.69 -10.53 -70.08
N LYS A 2050 16.10 -10.99 -68.89
CA LYS A 2050 17.19 -11.95 -68.78
C LYS A 2050 16.74 -13.38 -69.04
N LEU A 2051 15.44 -13.63 -69.16
CA LEU A 2051 14.97 -14.99 -69.42
C LEU A 2051 15.46 -15.51 -70.75
N LYS A 2052 15.44 -14.68 -71.78
CA LYS A 2052 15.90 -15.08 -73.11
C LYS A 2052 17.42 -15.15 -73.16
N UNK A 2064 22.86 -13.37 -66.52
CA UNK A 2064 21.95 -13.35 -65.38
C UNK A 2064 22.48 -12.43 -64.28
N UNK A 2065 22.98 -11.26 -64.68
CA UNK A 2065 23.50 -10.30 -63.71
C UNK A 2065 22.42 -9.61 -62.89
N UNK A 2066 21.15 -9.72 -63.32
CA UNK A 2066 20.07 -9.09 -62.57
C UNK A 2066 19.95 -9.68 -61.17
N UNK A 2067 20.04 -11.01 -61.06
CA UNK A 2067 19.94 -11.64 -59.75
C UNK A 2067 21.08 -11.20 -58.83
N UNK A 2068 22.30 -11.17 -59.36
CA UNK A 2068 23.45 -10.76 -58.55
C UNK A 2068 23.30 -9.32 -58.11
N UNK A 2069 22.87 -8.43 -59.02
CA UNK A 2069 22.70 -7.03 -58.68
C UNK A 2069 21.64 -6.86 -57.60
N UNK A 2070 20.51 -7.58 -57.74
CA UNK A 2070 19.44 -7.47 -56.74
C UNK A 2070 19.91 -7.98 -55.39
N UNK A 2071 20.64 -9.10 -55.37
CA UNK A 2071 21.13 -9.63 -54.11
C UNK A 2071 22.11 -8.67 -53.45
N UNK A 2072 23.01 -8.08 -54.23
CA UNK A 2072 23.97 -7.14 -53.68
C UNK A 2072 23.26 -5.91 -53.13
N UNK A 2073 22.27 -5.39 -53.87
CA UNK A 2073 21.55 -4.21 -53.40
C UNK A 2073 20.79 -4.52 -52.11
N UNK A 2074 20.15 -5.69 -52.03
CA UNK A 2074 19.42 -6.05 -50.83
C UNK A 2074 20.37 -6.20 -49.64
N UNK A 2075 21.52 -6.84 -49.85
CA UNK A 2075 22.48 -7.02 -48.77
C UNK A 2075 23.01 -5.67 -48.28
N UNK A 2076 23.28 -4.75 -49.21
CA UNK A 2076 23.78 -3.44 -48.83
C UNK A 2076 22.72 -2.64 -48.08
N UNK A 2077 21.47 -2.71 -48.54
CA UNK A 2077 20.39 -1.99 -47.89
C UNK A 2077 20.01 -2.59 -46.54
N UNK A 2078 20.35 -3.86 -46.32
CA UNK A 2078 20.00 -4.51 -45.05
C UNK A 2078 20.69 -3.81 -43.87
N UNK A 2079 21.96 -3.43 -44.04
CA UNK A 2079 22.71 -2.77 -42.99
C UNK A 2079 22.39 -1.28 -42.95
N TYR A 2084 17.35 -0.69 -39.45
CA TYR A 2084 16.95 -1.62 -38.41
C TYR A 2084 15.70 -1.14 -37.68
N ILE A 2085 15.58 0.17 -37.54
CA ILE A 2085 14.43 0.77 -36.86
C ILE A 2085 13.23 0.74 -37.80
N LEU A 2086 12.09 0.29 -37.29
CA LEU A 2086 10.87 0.20 -38.07
C LEU A 2086 9.75 0.99 -37.37
N ARG A 2087 8.78 1.43 -38.16
CA ARG A 2087 7.65 2.20 -37.67
C ARG A 2087 6.38 1.38 -37.81
N LEU A 2088 5.51 1.49 -36.80
CA LEU A 2088 4.25 0.74 -36.83
C LEU A 2088 3.36 1.17 -38.00
N GLU A 2089 3.28 2.47 -38.25
CA GLU A 2089 2.45 2.97 -39.35
C GLU A 2089 2.94 2.43 -40.69
N GLU A 2090 4.26 2.39 -40.89
CA GLU A 2090 4.80 1.89 -42.14
C GLU A 2090 4.74 0.37 -42.23
N ILE A 2091 4.98 -0.33 -41.13
CA ILE A 2091 4.94 -1.79 -41.14
C ILE A 2091 3.51 -2.28 -41.36
N SER A 2092 2.57 -1.78 -40.56
CA SER A 2092 1.18 -2.20 -40.69
C SER A 2092 0.24 -1.14 -40.13
N PRO A 2093 -0.56 -0.49 -40.98
CA PRO A 2093 -1.46 0.56 -40.47
C PRO A 2093 -2.56 0.02 -39.56
N TRP A 2094 -2.93 -1.25 -39.68
CA TRP A 2094 -3.98 -1.79 -38.82
C TRP A 2094 -3.55 -1.83 -37.35
N LEU A 2095 -2.29 -2.19 -37.10
CA LEU A 2095 -1.81 -2.24 -35.72
C LEU A 2095 -1.85 -0.86 -35.07
N ALA A 2096 -1.48 0.17 -35.82
CA ALA A 2096 -1.49 1.52 -35.28
C ALA A 2096 -2.92 1.99 -35.07
N ALA A 2097 -3.08 2.97 -34.17
CA ALA A 2097 -4.34 3.60 -33.79
C ALA A 2097 -5.25 2.66 -33.01
N MET A 2098 -4.84 1.41 -32.77
CA MET A 2098 -5.66 0.48 -32.02
C MET A 2098 -5.62 0.82 -30.54
N THR A 2099 -6.80 1.00 -29.94
CA THR A 2099 -6.90 1.34 -28.53
C THR A 2099 -8.27 0.96 -28.01
N ASN A 2100 -8.40 0.99 -26.68
CA ASN A 2100 -9.65 0.65 -25.99
C ASN A 2100 -10.16 -0.74 -26.38
N THR A 2101 -9.23 -1.68 -26.47
CA THR A 2101 -9.57 -3.05 -26.83
C THR A 2101 -9.63 -3.94 -25.61
N GLU A 2102 -10.62 -4.83 -25.58
CA GLU A 2102 -10.82 -5.77 -24.48
C GLU A 2102 -10.14 -7.11 -24.73
N ILE A 2103 -9.23 -7.16 -25.71
CA ILE A 2103 -8.53 -8.41 -26.01
C ILE A 2103 -7.60 -8.79 -24.86
N ALA A 2104 -7.31 -10.08 -24.77
CA ALA A 2104 -6.44 -10.60 -23.72
C ALA A 2104 -4.99 -10.61 -24.18
N LEU A 2105 -4.08 -10.55 -23.21
CA LEU A 2105 -2.66 -10.55 -23.52
C LEU A 2105 -2.26 -11.92 -24.06
N PRO A 2106 -1.21 -11.99 -24.89
CA PRO A 2106 -0.79 -13.29 -25.42
C PRO A 2106 -0.14 -14.18 -24.38
N GLY A 2107 -0.97 -14.84 -23.57
CA GLY A 2107 -0.53 -15.73 -22.51
C GLY A 2107 -0.81 -15.18 -21.13
N GLU A 2108 -1.93 -15.63 -20.55
CA GLU A 2108 -2.36 -15.21 -19.22
C GLU A 2108 -2.95 -16.42 -18.49
N VAL A 2109 -2.25 -17.55 -18.54
CA VAL A 2109 -2.71 -18.77 -17.89
C VAL A 2109 -3.00 -18.53 -16.40
N SER A 2110 -2.10 -17.85 -15.71
CA SER A 2110 -2.26 -17.57 -14.28
C SER A 2110 -2.51 -16.06 -14.13
N ALA A 2111 -3.78 -15.67 -14.29
CA ALA A 2111 -4.15 -14.26 -14.15
C ALA A 2111 -5.63 -14.20 -13.79
N ARG A 2112 -5.92 -13.97 -12.51
CA ARG A 2112 -7.31 -13.90 -12.07
C ARG A 2112 -8.00 -12.68 -12.69
N ASP A 2113 -7.31 -11.54 -12.73
CA ASP A 2113 -7.82 -10.30 -13.28
C ASP A 2113 -7.00 -10.04 -14.54
N THR A 2114 -7.51 -10.50 -15.68
CA THR A 2114 -6.83 -10.32 -16.95
C THR A 2114 -6.70 -8.83 -17.29
N VAL A 2115 -5.60 -8.50 -17.95
CA VAL A 2115 -5.30 -7.13 -18.37
C VAL A 2115 -5.50 -7.05 -19.87
N THR A 2116 -6.27 -6.05 -20.31
CA THR A 2116 -6.54 -5.87 -21.73
C THR A 2116 -5.47 -5.00 -22.37
N ILE A 2117 -5.26 -5.21 -23.68
CA ILE A 2117 -4.27 -4.45 -24.41
C ILE A 2117 -4.79 -3.05 -24.69
N HIS A 2118 -4.02 -2.04 -24.29
CA HIS A 2118 -4.40 -0.65 -24.48
C HIS A 2118 -3.85 -0.08 -25.78
N SER A 2119 -2.59 -0.35 -26.10
CA SER A 2119 -2.00 0.16 -27.34
C SER A 2119 -0.81 -0.70 -27.72
N VAL A 2120 -0.24 -0.40 -28.90
CA VAL A 2120 0.91 -1.09 -29.45
C VAL A 2120 2.02 -0.08 -29.66
N GLY A 2121 3.25 -0.47 -29.33
CA GLY A 2121 4.40 0.42 -29.50
C GLY A 2121 4.59 0.77 -30.98
N GLY A 2122 4.80 2.06 -31.24
CA GLY A 2122 4.99 2.52 -32.60
C GLY A 2122 6.35 2.20 -33.19
N THR A 2123 7.35 1.92 -32.35
CA THR A 2123 8.69 1.60 -32.80
C THR A 2123 8.96 0.12 -32.61
N ILE A 2124 9.42 -0.53 -33.68
CA ILE A 2124 9.74 -1.96 -33.68
C ILE A 2124 11.18 -2.12 -34.10
N THR A 2125 11.98 -2.79 -33.27
CA THR A 2125 13.38 -3.01 -33.54
C THR A 2125 13.62 -4.44 -34.03
N ILE A 2126 14.84 -4.69 -34.51
CA ILE A 2126 15.23 -5.99 -35.01
C ILE A 2126 16.58 -6.36 -34.41
N LEU A 2127 16.68 -7.61 -33.93
CA LEU A 2127 17.92 -8.08 -33.33
C LEU A 2127 18.96 -8.40 -34.41
N PRO A 2128 20.24 -8.12 -34.16
CA PRO A 2128 21.29 -8.40 -35.13
C PRO A 2128 21.86 -9.82 -35.03
N THR A 2129 20.97 -10.80 -34.99
CA THR A 2129 21.36 -12.20 -34.90
C THR A 2129 21.24 -12.87 -36.26
N LYS A 2130 21.40 -14.20 -36.29
CA LYS A 2130 21.30 -14.93 -37.54
C LYS A 2130 19.91 -14.83 -38.15
N THR A 2131 18.88 -15.14 -37.36
CA THR A 2131 17.50 -15.06 -37.86
C THR A 2131 16.94 -13.66 -37.82
N LYS A 2132 17.56 -12.75 -37.07
CA LYS A 2132 17.13 -11.35 -36.94
C LYS A 2132 15.67 -11.23 -36.54
N PRO A 2133 15.30 -11.59 -35.32
CA PRO A 2133 13.90 -11.49 -34.91
C PRO A 2133 13.51 -10.03 -34.66
N LYS A 2134 12.19 -9.80 -34.59
CA LYS A 2134 11.63 -8.48 -34.37
C LYS A 2134 11.06 -8.41 -32.97
N LYS A 2135 11.41 -7.36 -32.23
CA LYS A 2135 10.93 -7.15 -30.87
C LYS A 2135 9.92 -6.01 -30.85
N LEU A 2136 8.77 -6.26 -30.24
CA LEU A 2136 7.71 -5.27 -30.14
C LEU A 2136 7.31 -5.10 -28.68
N LEU A 2137 6.41 -4.15 -28.42
CA LEU A 2137 5.94 -3.88 -27.07
C LEU A 2137 4.44 -3.66 -27.08
N PHE A 2138 3.77 -4.08 -26.01
CA PHE A 2138 2.33 -3.95 -25.85
C PHE A 2138 2.04 -3.19 -24.57
N LEU A 2139 1.24 -2.14 -24.65
CA LEU A 2139 0.88 -1.33 -23.49
C LEU A 2139 -0.48 -1.80 -23.03
N GLY A 2140 -0.56 -2.30 -21.79
CA GLY A 2140 -1.80 -2.78 -21.23
C GLY A 2140 -2.65 -1.69 -20.61
N SER A 2141 -3.82 -2.12 -20.12
CA SER A 2141 -4.76 -1.19 -19.50
C SER A 2141 -4.20 -0.60 -18.20
N ASP A 2142 -3.36 -1.33 -17.50
CA ASP A 2142 -2.77 -0.86 -16.25
C ASP A 2142 -1.54 0.03 -16.46
N GLY A 2143 -1.38 0.58 -17.66
CA GLY A 2143 -0.25 1.46 -18.00
C GLY A 2143 1.09 0.78 -17.75
N LYS A 2144 1.18 -0.50 -18.07
CA LYS A 2144 2.40 -1.28 -17.89
C LYS A 2144 2.85 -1.83 -19.24
N SER A 2145 4.10 -1.57 -19.60
CA SER A 2145 4.63 -2.03 -20.87
C SER A 2145 5.07 -3.49 -20.76
N TYR A 2146 4.80 -4.26 -21.81
CA TYR A 2146 5.16 -5.68 -21.86
C TYR A 2146 5.89 -5.95 -23.17
N PRO A 2147 7.17 -6.29 -23.13
CA PRO A 2147 7.91 -6.55 -24.37
C PRO A 2147 7.72 -7.98 -24.83
N TYR A 2148 7.87 -8.17 -26.15
CA TYR A 2148 7.73 -9.48 -26.76
C TYR A 2148 8.69 -9.60 -27.93
N LEU A 2149 9.08 -10.84 -28.21
CA LEU A 2149 10.01 -11.17 -29.29
C LEU A 2149 9.20 -11.97 -30.31
N PHE A 2150 9.11 -11.46 -31.53
CA PHE A 2150 8.36 -12.13 -32.59
C PHE A 2150 9.33 -13.03 -33.35
N LYS A 2151 9.31 -14.32 -33.02
CA LYS A 2151 10.20 -15.27 -33.67
C LYS A 2151 9.55 -15.86 -34.92
N GLY A 2152 10.34 -15.93 -35.99
CA GLY A 2152 9.87 -16.46 -37.26
C GLY A 2152 10.80 -17.55 -37.76
N LEU A 2153 10.36 -18.27 -38.79
CA LEU A 2153 11.14 -19.37 -39.39
C LEU A 2153 11.46 -20.46 -38.36
N GLU A 2154 10.53 -20.69 -37.43
CA GLU A 2154 10.71 -21.69 -36.40
C GLU A 2154 9.34 -22.20 -35.98
N ASP A 2155 9.28 -23.50 -35.64
CA ASP A 2155 8.01 -24.11 -35.22
C ASP A 2155 7.48 -23.53 -33.92
N LEU A 2156 8.31 -23.49 -32.88
CA LEU A 2156 7.98 -22.98 -31.55
C LEU A 2156 6.93 -23.82 -30.82
N HIS A 2157 6.54 -24.96 -31.39
CA HIS A 2157 5.54 -25.81 -30.74
C HIS A 2157 6.12 -26.60 -29.58
N LEU A 2158 7.35 -27.11 -29.73
CA LEU A 2158 7.95 -27.88 -28.66
C LEU A 2158 8.31 -26.97 -27.48
N ASP A 2159 8.68 -25.72 -27.78
CA ASP A 2159 9.04 -24.79 -26.73
C ASP A 2159 7.86 -24.57 -25.80
N GLU A 2160 6.64 -24.57 -26.35
CA GLU A 2160 5.46 -24.38 -25.54
C GLU A 2160 5.29 -25.55 -24.59
N ARG A 2161 5.60 -26.76 -25.06
CA ARG A 2161 5.48 -27.95 -24.23
C ARG A 2161 6.49 -27.89 -23.09
N ILE A 2162 7.70 -27.39 -23.39
CA ILE A 2162 8.73 -27.29 -22.36
C ILE A 2162 8.25 -26.38 -21.24
N MET A 2163 7.63 -25.26 -21.60
CA MET A 2163 7.13 -24.33 -20.60
C MET A 2163 6.04 -24.96 -19.75
N GLN A 2164 5.14 -25.74 -20.35
CA GLN A 2164 4.08 -26.38 -19.57
C GLN A 2164 4.71 -27.36 -18.59
N PHE A 2165 5.75 -28.07 -19.04
CA PHE A 2165 6.42 -29.02 -18.16
C PHE A 2165 7.03 -28.28 -16.98
N LEU A 2166 7.65 -27.12 -17.25
CA LEU A 2166 8.25 -26.34 -16.19
C LEU A 2166 7.18 -25.83 -15.23
N SER A 2167 6.01 -25.46 -15.76
CA SER A 2167 4.93 -24.98 -14.92
C SER A 2167 4.46 -26.07 -13.97
N ILE A 2168 4.31 -27.30 -14.49
CA ILE A 2168 3.88 -28.39 -13.63
C ILE A 2168 4.93 -28.67 -12.57
N VAL A 2169 6.21 -28.60 -12.96
CA VAL A 2169 7.28 -28.84 -11.99
C VAL A 2169 7.20 -27.79 -10.89
N ASN A 2170 6.96 -26.54 -11.27
CA ASN A 2170 6.86 -25.46 -10.29
C ASN A 2170 5.68 -25.73 -9.36
N THR A 2171 4.58 -26.21 -9.92
CA THR A 2171 3.39 -26.50 -9.12
C THR A 2171 3.70 -27.57 -8.09
N MET A 2172 4.56 -28.53 -8.45
CA MET A 2172 4.91 -29.60 -7.51
C MET A 2172 5.66 -29.10 -6.29
N PHE A 2173 6.18 -27.87 -6.31
CA PHE A 2173 6.92 -27.29 -5.20
C PHE A 2173 6.08 -26.35 -4.33
N ALA A 2174 4.77 -26.25 -4.60
CA ALA A 2174 3.94 -25.35 -3.80
C ALA A 2174 3.74 -25.83 -2.36
N THR A 2175 3.75 -27.14 -2.13
CA THR A 2175 3.56 -27.65 -0.77
C THR A 2175 4.73 -27.30 0.14
N ILE A 2176 5.95 -27.59 -0.28
CA ILE A 2176 7.13 -27.30 0.54
C ILE A 2176 7.40 -25.80 0.63
N ASN A 2177 7.10 -25.04 -0.43
CA ASN A 2177 7.35 -23.60 -0.42
C ASN A 2177 6.64 -22.86 0.71
N ARG A 2178 5.73 -23.51 1.41
CA ARG A 2178 5.00 -22.88 2.51
C ARG A 2178 5.70 -23.05 3.85
N GLN A 2179 6.88 -23.70 3.89
CA GLN A 2179 7.59 -23.89 5.14
C GLN A 2179 9.09 -23.63 4.98
N GLU A 2180 9.47 -22.73 4.09
CA GLU A 2180 10.88 -22.42 3.87
C GLU A 2180 11.00 -21.03 3.26
N THR A 2181 11.89 -20.21 3.82
CA THR A 2181 12.07 -18.86 3.30
C THR A 2181 12.52 -18.85 1.85
N PRO A 2182 13.59 -19.57 1.44
CA PRO A 2182 13.99 -19.54 0.03
C PRO A 2182 13.04 -20.42 -0.78
N ARG A 2183 12.17 -19.77 -1.55
CA ARG A 2183 11.19 -20.47 -2.36
C ARG A 2183 11.85 -21.29 -3.48
N PHE A 2184 11.24 -22.45 -3.76
CA PHE A 2184 11.70 -23.37 -4.79
C PHE A 2184 10.95 -22.99 -6.05
N HIS A 2185 11.58 -22.21 -6.94
CA HIS A 2185 10.92 -21.81 -8.16
C HIS A 2185 11.85 -21.95 -9.36
N ALA A 2186 11.23 -22.13 -10.53
CA ALA A 2186 11.91 -22.30 -11.81
C ALA A 2186 11.37 -21.21 -12.73
N ARG A 2187 12.13 -20.12 -12.87
CA ARG A 2187 11.71 -19.02 -13.71
C ARG A 2187 11.58 -19.45 -15.17
N HIS A 2188 10.50 -19.02 -15.81
CA HIS A 2188 10.23 -19.34 -17.21
C HIS A 2188 9.28 -18.29 -17.76
N TYR A 2189 9.24 -18.20 -19.08
CA TYR A 2189 8.38 -17.25 -19.77
C TYR A 2189 7.27 -18.00 -20.51
N SER A 2190 6.44 -17.24 -21.22
CA SER A 2190 5.32 -17.78 -21.98
C SER A 2190 5.56 -17.60 -23.47
N VAL A 2191 5.30 -18.66 -24.23
CA VAL A 2191 5.47 -18.66 -25.68
C VAL A 2191 4.17 -19.10 -26.31
N THR A 2192 3.72 -18.39 -27.33
CA THR A 2192 2.47 -18.72 -28.04
C THR A 2192 2.73 -18.79 -29.53
N PRO A 2193 2.58 -19.96 -30.15
CA PRO A 2193 2.81 -20.06 -31.60
C PRO A 2193 1.68 -19.40 -32.37
N LEU A 2194 2.04 -18.58 -33.34
CA LEU A 2194 1.08 -17.86 -34.18
C LEU A 2194 0.84 -18.57 -35.50
N GLY A 2195 0.88 -19.90 -35.50
CA GLY A 2195 0.67 -20.67 -36.70
C GLY A 2195 1.51 -21.92 -36.74
N THR A 2196 2.32 -22.05 -37.78
CA THR A 2196 3.19 -23.21 -37.94
C THR A 2196 4.66 -22.84 -38.12
N ARG A 2197 4.96 -21.61 -38.53
CA ARG A 2197 6.36 -21.22 -38.72
C ARG A 2197 6.69 -19.95 -37.94
N SER A 2198 5.69 -19.31 -37.34
CA SER A 2198 5.91 -18.09 -36.57
C SER A 2198 5.39 -18.26 -35.15
N GLY A 2199 5.72 -17.29 -34.29
CA GLY A 2199 5.29 -17.34 -32.91
C GLY A 2199 5.77 -16.13 -32.14
N LEU A 2200 5.22 -15.97 -30.94
CA LEU A 2200 5.54 -14.86 -30.05
C LEU A 2200 6.13 -15.43 -28.76
N ILE A 2201 7.13 -14.75 -28.22
CA ILE A 2201 7.80 -15.18 -26.99
C ILE A 2201 7.84 -14.01 -26.02
N GLN A 2202 7.53 -14.26 -24.76
CA GLN A 2202 7.55 -13.19 -23.77
C GLN A 2202 8.99 -12.79 -23.47
N TRP A 2203 9.24 -11.49 -23.44
CA TRP A 2203 10.57 -10.94 -23.17
C TRP A 2203 10.71 -10.71 -21.67
N VAL A 2204 11.61 -11.45 -21.03
CA VAL A 2204 11.81 -11.30 -19.60
C VAL A 2204 12.73 -10.11 -19.34
N ASP A 2205 12.29 -9.20 -18.49
CA ASP A 2205 13.04 -8.00 -18.13
C ASP A 2205 13.56 -8.09 -16.71
N GLY A 2206 14.50 -7.20 -16.40
CA GLY A 2206 15.11 -7.15 -15.08
C GLY A 2206 16.28 -8.09 -14.90
N ALA A 2207 16.60 -8.91 -15.89
CA ALA A 2207 17.70 -9.85 -15.83
C ALA A 2207 18.75 -9.49 -16.86
N THR A 2208 20.02 -9.73 -16.52
CA THR A 2208 21.12 -9.42 -17.41
C THR A 2208 22.01 -10.64 -17.59
N PRO A 2209 22.56 -10.85 -18.78
CA PRO A 2209 23.43 -12.01 -19.00
C PRO A 2209 24.73 -11.89 -18.24
N LEU A 2210 25.29 -13.06 -17.90
CA LEU A 2210 26.56 -13.08 -17.16
C LEU A 2210 27.73 -12.65 -18.04
N PHE A 2211 27.69 -13.00 -19.32
CA PHE A 2211 28.77 -12.64 -20.24
C PHE A 2211 29.09 -11.15 -20.17
N GLY A 2212 28.06 -10.31 -20.08
CA GLY A 2212 28.30 -8.88 -20.00
C GLY A 2212 29.31 -8.52 -18.94
N LEU A 2213 29.14 -9.07 -17.73
CA LEU A 2213 30.05 -8.79 -16.64
C LEU A 2213 31.49 -9.07 -17.08
N TYR A 2214 31.71 -10.26 -17.64
CA TYR A 2214 33.04 -10.64 -18.09
C TYR A 2214 33.58 -9.60 -19.05
N LYS A 2215 32.75 -9.22 -20.04
CA LYS A 2215 33.18 -8.22 -21.01
C LYS A 2215 33.62 -6.95 -20.32
N ARG A 2216 32.82 -6.48 -19.36
CA ARG A 2216 33.16 -5.26 -18.64
C ARG A 2216 34.53 -5.39 -17.99
N TRP A 2217 34.79 -6.53 -17.34
CA TRP A 2217 36.09 -6.72 -16.70
C TRP A 2217 37.21 -6.53 -17.70
N GLN A 2218 37.07 -7.12 -18.89
CA GLN A 2218 38.09 -6.99 -19.91
C GLN A 2218 38.39 -5.52 -20.18
N GLN A 2219 37.33 -4.73 -20.38
CA GLN A 2219 37.52 -3.31 -20.63
C GLN A 2219 38.32 -2.67 -19.51
N ARG A 2220 37.96 -2.97 -18.26
CA ARG A 2220 38.69 -2.40 -17.13
C ARG A 2220 40.16 -2.76 -17.23
N GLU A 2221 40.46 -4.03 -17.50
CA GLU A 2221 41.85 -4.45 -17.61
C GLU A 2221 42.54 -3.66 -18.70
N ALA A 2222 41.85 -3.47 -19.84
CA ALA A 2222 42.45 -2.72 -20.94
C ALA A 2222 42.81 -1.32 -20.48
N ALA A 2223 41.95 -0.70 -19.66
CA ALA A 2223 42.24 0.65 -19.17
C ALA A 2223 43.57 0.68 -18.45
N LEU A 2224 43.86 -0.36 -17.65
CA LEU A 2224 45.11 -0.40 -16.93
C LEU A 2224 46.28 -0.37 -17.90
N GLN A 2225 46.17 -1.12 -19.00
CA GLN A 2225 47.24 -1.15 -19.98
C GLN A 2225 47.51 0.23 -20.55
N ALA A 2226 46.48 1.08 -20.59
CA ALA A 2226 46.67 2.43 -21.12
C ALA A 2226 47.40 3.31 -20.12
N GLN A 2227 47.27 3.03 -18.83
CA GLN A 2227 47.96 3.84 -17.82
C GLN A 2227 49.45 3.57 -17.82
N LYS A 2228 49.84 2.30 -17.87
CA LYS A 2228 51.25 1.93 -17.87
C LYS A 2228 51.44 0.52 -18.41
N ILE A 2241 40.18 -2.22 -28.04
CA ILE A 2241 39.24 -3.23 -28.47
C ILE A 2241 39.57 -4.57 -27.81
N VAL A 2242 38.65 -5.04 -26.95
CA VAL A 2242 38.83 -6.30 -26.25
C VAL A 2242 38.76 -7.45 -27.25
N PRO A 2243 39.50 -8.54 -27.06
CA PRO A 2243 39.45 -9.65 -28.00
C PRO A 2243 38.31 -10.61 -27.71
N ARG A 2244 37.83 -11.25 -28.77
CA ARG A 2244 36.74 -12.21 -28.71
C ARG A 2244 37.25 -13.51 -28.08
N PRO A 2245 36.38 -14.27 -27.40
CA PRO A 2245 36.83 -15.52 -26.78
C PRO A 2245 37.52 -16.46 -27.76
N SER A 2246 37.04 -16.54 -29.00
CA SER A 2246 37.66 -17.43 -29.98
C SER A 2246 39.09 -17.01 -30.28
N GLU A 2247 39.32 -15.71 -30.43
CA GLU A 2247 40.66 -15.21 -30.72
C GLU A 2247 41.62 -15.53 -29.58
N LEU A 2248 41.17 -15.30 -28.34
CA LEU A 2248 42.02 -15.59 -27.19
C LEU A 2248 42.33 -17.07 -27.08
N TYR A 2249 41.30 -17.92 -27.28
CA TYR A 2249 41.53 -19.36 -27.19
C TYR A 2249 42.50 -19.83 -28.25
N TYR A 2250 42.36 -19.33 -29.48
CA TYR A 2250 43.29 -19.74 -30.54
C TYR A 2250 44.69 -19.23 -30.26
N SER A 2251 44.82 -18.00 -29.73
CA SER A 2251 46.13 -17.46 -29.44
C SER A 2251 46.83 -18.26 -28.35
N LYS A 2252 46.05 -18.79 -27.39
CA LYS A 2252 46.63 -19.57 -26.31
C LYS A 2252 46.86 -21.03 -26.71
N ILE A 2253 46.13 -21.54 -27.70
CA ILE A 2253 46.29 -22.92 -28.13
C ILE A 2253 47.32 -23.08 -29.23
N GLY A 2254 47.65 -22.02 -29.97
CA GLY A 2254 48.62 -22.09 -31.03
C GLY A 2254 49.99 -22.55 -30.56
N PRO A 2255 50.65 -21.73 -29.74
CA PRO A 2255 51.99 -22.12 -29.25
C PRO A 2255 51.99 -23.46 -28.51
N ALA A 2256 50.93 -23.75 -27.75
CA ALA A 2256 50.88 -25.02 -27.03
C ALA A 2256 50.90 -26.20 -27.99
N LEU A 2257 50.18 -26.09 -29.11
CA LEU A 2257 50.15 -27.18 -30.08
C LEU A 2257 51.44 -27.23 -30.90
N LYS A 2258 52.01 -26.07 -31.20
CA LYS A 2258 53.25 -26.02 -31.98
C LYS A 2258 54.46 -26.49 -31.18
N THR A 2259 54.38 -26.44 -29.85
CA THR A 2259 55.50 -26.87 -29.02
C THR A 2259 55.52 -28.37 -28.76
N VAL A 2260 54.54 -29.11 -29.28
CA VAL A 2260 54.48 -30.55 -29.09
C VAL A 2260 54.66 -31.34 -30.38
N GLY A 2261 54.44 -30.72 -31.55
CA GLY A 2261 54.60 -31.43 -32.80
C GLY A 2261 53.50 -31.19 -33.82
N LEU A 2262 52.27 -30.97 -33.37
CA LEU A 2262 51.16 -30.72 -34.26
C LEU A 2262 51.11 -29.25 -34.66
N SER A 2263 50.11 -28.89 -35.45
CA SER A 2263 49.92 -27.52 -35.91
C SER A 2263 48.45 -27.17 -35.81
N LEU A 2264 48.09 -26.00 -36.34
CA LEU A 2264 46.70 -25.54 -36.31
C LEU A 2264 45.84 -26.18 -37.38
N ASP A 2265 46.43 -26.87 -38.35
CA ASP A 2265 45.68 -27.52 -39.41
C ASP A 2265 45.22 -28.94 -39.06
N VAL A 2266 45.66 -29.47 -37.92
CA VAL A 2266 45.26 -30.81 -37.53
C VAL A 2266 43.79 -30.82 -37.13
N SER A 2267 43.17 -32.00 -37.20
CA SER A 2267 41.77 -32.14 -36.85
C SER A 2267 41.57 -31.91 -35.37
N ARG A 2268 40.39 -31.39 -35.02
CA ARG A 2268 40.08 -31.11 -33.62
C ARG A 2268 40.00 -32.39 -32.80
N ARG A 2269 39.54 -33.49 -33.41
CA ARG A 2269 39.44 -34.75 -32.68
C ARG A 2269 40.81 -35.28 -32.29
N ASP A 2270 41.84 -35.01 -33.09
CA ASP A 2270 43.20 -35.48 -32.81
C ASP A 2270 43.98 -34.40 -32.07
N TRP A 2271 43.45 -33.99 -30.92
CA TRP A 2271 44.06 -32.98 -30.08
C TRP A 2271 44.48 -33.58 -28.75
N PRO A 2272 45.73 -33.37 -28.32
CA PRO A 2272 46.17 -33.95 -27.05
C PRO A 2272 45.36 -33.39 -25.88
N LEU A 2273 45.11 -34.25 -24.89
CA LEU A 2273 44.34 -33.82 -23.72
C LEU A 2273 45.17 -32.94 -22.80
N HIS A 2274 46.46 -33.22 -22.67
CA HIS A 2274 47.31 -32.41 -21.79
C HIS A 2274 47.41 -30.97 -22.29
N VAL A 2275 47.48 -30.76 -23.60
CA VAL A 2275 47.57 -29.41 -24.14
C VAL A 2275 46.31 -28.62 -23.79
N MET A 2276 45.15 -29.23 -24.02
CA MET A 2276 43.89 -28.56 -23.72
C MET A 2276 43.77 -28.27 -22.23
N LYS A 2277 44.17 -29.23 -21.39
CA LYS A 2277 44.08 -29.02 -19.94
C LYS A 2277 45.00 -27.88 -19.51
N ALA A 2278 46.21 -27.82 -20.07
CA ALA A 2278 47.13 -26.74 -19.70
C ALA A 2278 46.58 -25.39 -20.13
N VAL A 2279 46.01 -25.31 -21.34
CA VAL A 2279 45.45 -24.04 -21.80
C VAL A 2279 44.30 -23.62 -20.91
N LEU A 2280 43.43 -24.58 -20.55
CA LEU A 2280 42.29 -24.26 -19.70
C LEU A 2280 42.76 -23.78 -18.32
N GLU A 2281 43.80 -24.43 -17.77
CA GLU A 2281 44.30 -24.02 -16.46
C GLU A 2281 44.89 -22.62 -16.53
N GLU A 2282 45.62 -22.31 -17.60
CA GLU A 2282 46.20 -20.98 -17.73
C GLU A 2282 45.12 -19.93 -17.84
N LEU A 2283 44.08 -20.19 -18.64
CA LEU A 2283 43.00 -19.23 -18.79
C LEU A 2283 42.26 -19.05 -17.47
N MET A 2284 42.06 -20.16 -16.73
CA MET A 2284 41.37 -20.08 -15.45
C MET A 2284 42.15 -19.23 -14.46
N GLU A 2285 43.47 -19.43 -14.40
CA GLU A 2285 44.30 -18.66 -13.50
C GLU A 2285 44.43 -17.21 -13.92
N ALA A 2286 44.20 -16.92 -15.20
CA ALA A 2286 44.31 -15.54 -15.68
C ALA A 2286 43.06 -14.71 -15.41
N THR A 2287 41.94 -15.35 -15.03
CA THR A 2287 40.70 -14.64 -14.76
C THR A 2287 40.32 -14.75 -13.28
N PRO A 2288 39.68 -13.72 -12.71
CA PRO A 2288 39.29 -13.78 -11.30
C PRO A 2288 37.89 -14.36 -11.13
N PRO A 2289 37.65 -15.13 -10.07
CA PRO A 2289 36.33 -15.71 -9.86
C PRO A 2289 35.38 -14.86 -9.02
N ASN A 2290 35.74 -13.59 -8.78
CA ASN A 2290 34.92 -12.70 -7.98
C ASN A 2290 34.04 -11.77 -8.82
N LEU A 2291 33.93 -12.03 -10.13
CA LEU A 2291 33.10 -11.18 -10.97
C LEU A 2291 31.62 -11.25 -10.58
N LEU A 2292 31.13 -12.44 -10.25
CA LEU A 2292 29.73 -12.58 -9.87
C LEU A 2292 29.48 -12.33 -8.39
N ALA A 2293 30.37 -12.77 -7.51
CA ALA A 2293 30.17 -12.56 -6.08
C ALA A 2293 30.21 -11.08 -5.73
N LYS A 2294 31.22 -10.35 -6.23
CA LYS A 2294 31.32 -8.93 -5.94
C LYS A 2294 30.16 -8.15 -6.54
N GLU A 2295 29.66 -8.58 -7.70
CA GLU A 2295 28.53 -7.88 -8.31
C GLU A 2295 27.29 -7.98 -7.43
N LEU A 2296 27.00 -9.20 -6.96
CA LEU A 2296 25.82 -9.39 -6.11
C LEU A 2296 26.01 -8.71 -4.77
N TRP A 2297 27.26 -8.61 -4.29
CA TRP A 2297 27.52 -7.96 -3.01
C TRP A 2297 27.32 -6.45 -3.12
N SER A 2298 27.84 -5.84 -4.19
CA SER A 2298 27.71 -4.40 -4.37
C SER A 2298 26.28 -4.01 -4.72
N SER A 2299 25.53 -4.90 -5.38
CA SER A 2299 24.16 -4.58 -5.75
C SER A 2299 23.28 -4.40 -4.51
N CYS A 2300 23.46 -5.24 -3.50
CA CYS A 2300 22.67 -5.15 -2.28
C CYS A 2300 22.96 -3.85 -1.52
N THR A 2301 22.09 -3.55 -0.57
CA THR A 2301 22.19 -2.35 0.26
C THR A 2301 22.63 -2.62 1.69
N THR A 2302 22.05 -3.61 2.35
CA THR A 2302 22.37 -3.98 3.72
C THR A 2302 22.79 -5.43 3.78
N PRO A 2303 23.53 -5.82 4.83
CA PRO A 2303 23.95 -7.23 4.94
C PRO A 2303 22.79 -8.21 4.92
N ASP A 2304 21.64 -7.85 5.49
CA ASP A 2304 20.50 -8.76 5.49
C ASP A 2304 20.08 -9.05 4.06
N GLU A 2305 20.03 -8.01 3.23
CA GLU A 2305 19.66 -8.18 1.84
C GLU A 2305 20.67 -9.05 1.12
N TRP A 2306 21.96 -8.88 1.46
CA TRP A 2306 23.01 -9.66 0.83
C TRP A 2306 22.82 -11.14 1.16
N TRP A 2307 22.54 -11.46 2.42
CA TRP A 2307 22.35 -12.85 2.81
C TRP A 2307 21.14 -13.44 2.12
N ARG A 2308 20.03 -12.69 2.08
CA ARG A 2308 18.82 -13.19 1.44
C ARG A 2308 19.05 -13.43 -0.05
N VAL A 2309 19.72 -12.49 -0.72
CA VAL A 2309 19.98 -12.64 -2.15
C VAL A 2309 20.88 -13.83 -2.42
N THR A 2310 21.93 -14.00 -1.59
CA THR A 2310 22.84 -15.13 -1.79
C THR A 2310 22.11 -16.45 -1.63
N GLN A 2311 21.28 -16.57 -0.60
CA GLN A 2311 20.54 -17.82 -0.39
C GLN A 2311 19.58 -18.08 -1.54
N SER A 2312 18.86 -17.04 -1.99
CA SER A 2312 17.93 -17.23 -3.09
C SER A 2312 18.66 -17.65 -4.36
N TYR A 2313 19.82 -17.04 -4.62
CA TYR A 2313 20.58 -17.38 -5.81
C TYR A 2313 21.04 -18.84 -5.77
N ALA A 2314 21.54 -19.28 -4.61
CA ALA A 2314 22.00 -20.66 -4.51
C ALA A 2314 20.85 -21.64 -4.72
N ARG A 2315 19.70 -21.38 -4.11
CA ARG A 2315 18.56 -22.28 -4.27
C ARG A 2315 18.07 -22.31 -5.72
N SER A 2316 17.97 -21.13 -6.35
CA SER A 2316 17.51 -21.08 -7.74
C SER A 2316 18.49 -21.80 -8.66
N THR A 2317 19.79 -21.62 -8.43
CA THR A 2317 20.79 -22.28 -9.27
C THR A 2317 20.67 -23.79 -9.14
N ALA A 2318 20.51 -24.30 -7.91
CA ALA A 2318 20.39 -25.74 -7.72
C ALA A 2318 19.14 -26.29 -8.39
N VAL A 2319 18.01 -25.58 -8.24
CA VAL A 2319 16.76 -26.03 -8.84
C VAL A 2319 16.90 -26.09 -10.36
N MET A 2320 17.43 -25.03 -10.96
CA MET A 2320 17.58 -25.01 -12.41
C MET A 2320 18.57 -26.07 -12.88
N SER A 2321 19.63 -26.32 -12.10
CA SER A 2321 20.60 -27.33 -12.51
C SER A 2321 19.95 -28.70 -12.57
N MET A 2322 19.20 -29.07 -11.52
CA MET A 2322 18.54 -30.38 -11.52
C MET A 2322 17.50 -30.47 -12.62
N VAL A 2323 16.71 -29.41 -12.82
CA VAL A 2323 15.67 -29.44 -13.86
C VAL A 2323 16.32 -29.60 -15.23
N GLY A 2324 17.37 -28.82 -15.51
CA GLY A 2324 18.04 -28.91 -16.79
C GLY A 2324 18.65 -30.26 -17.03
N TYR A 2325 19.25 -30.85 -16.00
CA TYR A 2325 19.85 -32.17 -16.17
C TYR A 2325 18.79 -33.23 -16.43
N ILE A 2326 17.65 -33.13 -15.75
CA ILE A 2326 16.59 -34.11 -15.95
C ILE A 2326 15.98 -33.97 -17.35
N ILE A 2327 15.73 -32.74 -17.79
CA ILE A 2327 15.14 -32.54 -19.11
C ILE A 2327 16.18 -32.71 -20.21
N GLY A 2328 17.47 -32.53 -19.90
CA GLY A 2328 18.51 -32.68 -20.89
C GLY A 2328 18.85 -31.40 -21.63
N LEU A 2329 18.83 -30.27 -20.92
CA LEU A 2329 19.14 -28.99 -21.53
C LEU A 2329 20.61 -28.91 -21.94
N GLY A 2330 20.87 -28.17 -23.02
CA GLY A 2330 22.21 -28.00 -23.53
C GLY A 2330 22.45 -26.57 -23.98
N ASP A 2331 23.68 -26.32 -24.44
CA ASP A 2331 24.11 -25.01 -24.93
C ASP A 2331 23.89 -23.94 -23.86
N ARG A 2332 24.45 -24.21 -22.68
CA ARG A 2332 24.34 -23.28 -21.55
C ARG A 2332 25.50 -22.30 -21.52
N HIS A 2333 25.62 -21.51 -22.58
CA HIS A 2333 26.70 -20.54 -22.63
C HIS A 2333 26.34 -19.31 -21.79
N LEU A 2334 27.33 -18.44 -21.60
CA LEU A 2334 27.13 -17.23 -20.81
C LEU A 2334 25.98 -16.37 -21.30
N ASP A 2335 25.72 -16.33 -22.61
CA ASP A 2335 24.63 -15.50 -23.10
C ASP A 2335 23.26 -16.12 -22.86
N ASN A 2336 23.19 -17.42 -22.51
CA ASN A 2336 21.93 -18.09 -22.27
C ASN A 2336 21.53 -18.11 -20.80
N VAL A 2337 22.32 -17.52 -19.92
CA VAL A 2337 22.03 -17.48 -18.49
C VAL A 2337 21.94 -16.03 -18.05
N LEU A 2338 20.86 -15.69 -17.35
CA LEU A 2338 20.62 -14.35 -16.86
C LEU A 2338 20.44 -14.39 -15.35
N ILE A 2339 20.82 -13.30 -14.68
CA ILE A 2339 20.71 -13.21 -13.23
C ILE A 2339 19.94 -11.95 -12.87
N ASP A 2340 19.08 -12.05 -11.85
CA ASP A 2340 18.27 -10.94 -11.38
C ASP A 2340 18.93 -10.38 -10.13
N MET A 2341 19.57 -9.22 -10.26
CA MET A 2341 20.23 -8.62 -9.11
C MET A 2341 19.27 -8.23 -8.00
N THR A 2342 17.98 -8.07 -8.31
CA THR A 2342 17.01 -7.71 -7.28
C THR A 2342 16.65 -8.88 -6.37
N THR A 2343 16.62 -10.10 -6.90
CA THR A 2343 16.29 -11.28 -6.11
C THR A 2343 17.36 -12.37 -6.13
N GLY A 2344 18.25 -12.38 -7.12
CA GLY A 2344 19.29 -13.39 -7.20
C GLY A 2344 18.94 -14.61 -7.99
N GLU A 2345 17.69 -14.76 -8.43
CA GLU A 2345 17.29 -15.93 -9.20
C GLU A 2345 17.96 -15.96 -10.58
N VAL A 2346 18.10 -17.15 -11.12
CA VAL A 2346 18.72 -17.39 -12.41
C VAL A 2346 17.62 -17.74 -13.41
N VAL A 2347 17.79 -17.28 -14.65
CA VAL A 2347 16.84 -17.54 -15.73
C VAL A 2347 17.57 -18.03 -16.97
N HIS A 2348 16.97 -19.00 -17.66
CA HIS A 2348 17.52 -19.60 -18.86
C HIS A 2348 16.71 -19.10 -20.05
N ILE A 2349 17.30 -19.13 -21.24
CA ILE A 2349 16.57 -18.65 -22.41
C ILE A 2349 16.37 -19.65 -23.55
N ASP A 2350 17.45 -20.09 -24.19
CA ASP A 2350 17.34 -21.04 -25.28
C ASP A 2350 17.04 -22.46 -24.82
N TYR A 2351 16.20 -23.15 -25.59
CA TYR A 2351 15.80 -24.52 -25.32
C TYR A 2351 15.76 -25.37 -26.59
N ASN A 2352 16.44 -24.92 -27.65
CA ASN A 2352 16.46 -25.66 -28.91
C ASN A 2352 17.51 -26.77 -28.94
N VAL A 2353 18.39 -26.86 -27.94
CA VAL A 2353 19.42 -27.88 -27.91
C VAL A 2353 19.14 -28.77 -26.70
N CYS A 2354 17.87 -28.93 -26.37
CA CYS A 2354 17.47 -29.75 -25.24
C CYS A 2354 17.31 -31.21 -25.64
N PHE A 2355 16.99 -32.05 -24.64
CA PHE A 2355 16.79 -33.49 -24.83
C PHE A 2355 18.05 -34.19 -25.34
N GLU A 2356 19.17 -33.93 -24.66
CA GLU A 2356 20.48 -34.50 -24.99
C GLU A 2356 20.91 -34.24 -26.42
N LYS A 2357 20.41 -33.16 -27.03
CA LYS A 2357 20.79 -32.85 -28.41
C LYS A 2357 22.21 -32.32 -28.53
N GLY A 2358 22.76 -31.78 -27.44
CA GLY A 2358 24.12 -31.26 -27.47
C GLY A 2358 25.20 -32.32 -27.48
N LYS A 2359 24.86 -33.56 -27.15
CA LYS A 2359 25.84 -34.63 -27.12
C LYS A 2359 26.26 -35.07 -28.52
N SER A 2360 25.58 -34.61 -29.57
CA SER A 2360 25.91 -34.97 -30.95
C SER A 2360 25.99 -33.69 -31.77
N LEU A 2361 27.17 -33.10 -31.81
CA LEU A 2361 27.43 -31.87 -32.56
C LEU A 2361 28.85 -31.94 -33.09
N ARG A 2362 29.36 -30.83 -33.61
CA ARG A 2362 30.72 -30.81 -34.14
C ARG A 2362 31.73 -31.03 -33.02
N VAL A 2363 31.32 -30.78 -31.79
CA VAL A 2363 32.14 -30.94 -30.59
C VAL A 2363 31.19 -31.31 -29.46
N PRO A 2364 31.10 -32.59 -29.11
CA PRO A 2364 30.17 -32.99 -28.03
C PRO A 2364 30.57 -32.43 -26.68
N GLU A 2365 29.54 -32.22 -25.86
CA GLU A 2365 29.69 -31.69 -24.51
C GLU A 2365 29.29 -32.77 -23.51
N LYS A 2366 30.08 -32.91 -22.44
CA LYS A 2366 29.82 -33.90 -21.41
C LYS A 2366 29.64 -33.26 -20.04
N VAL A 2367 28.85 -32.19 -19.98
CA VAL A 2367 28.58 -31.47 -18.74
C VAL A 2367 27.06 -31.40 -18.55
N PRO A 2368 26.53 -31.91 -17.44
CA PRO A 2368 25.07 -31.84 -17.24
C PRO A 2368 24.54 -30.42 -17.17
N PHE A 2369 25.31 -29.49 -16.59
CA PHE A 2369 24.92 -28.10 -16.47
C PHE A 2369 26.17 -27.25 -16.43
N ARG A 2370 26.02 -25.98 -16.08
CA ARG A 2370 27.15 -25.05 -16.00
C ARG A 2370 27.53 -24.83 -14.54
N MET A 2371 28.77 -25.20 -14.21
CA MET A 2371 29.33 -25.07 -12.86
C MET A 2371 30.75 -24.52 -12.98
N THR A 2372 30.89 -23.44 -13.74
CA THR A 2372 32.20 -22.81 -13.94
C THR A 2372 32.72 -22.19 -12.64
N GLN A 2373 33.90 -21.57 -12.76
CA GLN A 2373 34.56 -20.94 -11.62
C GLN A 2373 33.70 -19.84 -11.01
N ASN A 2374 33.19 -18.92 -11.83
CA ASN A 2374 32.36 -17.83 -11.32
C ASN A 2374 31.03 -18.32 -10.76
N ILE A 2375 30.47 -19.38 -11.33
CA ILE A 2375 29.20 -19.90 -10.84
C ILE A 2375 29.36 -20.55 -9.46
N GLU A 2376 30.42 -21.34 -9.29
CA GLU A 2376 30.64 -22.00 -8.00
C GLU A 2376 31.09 -21.03 -6.92
N THR A 2377 31.89 -20.03 -7.27
CA THR A 2377 32.36 -19.07 -6.28
C THR A 2377 31.25 -18.22 -5.68
N ALA A 2378 30.21 -17.87 -6.44
CA ALA A 2378 29.12 -17.06 -5.91
C ALA A 2378 28.23 -17.80 -4.93
N LEU A 2379 28.37 -19.12 -4.79
CA LEU A 2379 27.53 -19.87 -3.86
C LEU A 2379 28.02 -19.78 -2.42
N GLY A 2380 29.26 -19.35 -2.20
CA GLY A 2380 29.78 -19.25 -0.85
C GLY A 2380 31.19 -19.81 -0.72
N VAL A 2381 31.72 -19.82 0.51
CA VAL A 2381 33.06 -20.35 0.73
C VAL A 2381 33.08 -21.86 0.56
N THR A 2382 32.00 -22.54 0.96
CA THR A 2382 31.96 -24.00 0.82
C THR A 2382 31.90 -24.42 -0.64
N GLY A 2383 31.12 -23.73 -1.45
CA GLY A 2383 31.01 -24.06 -2.86
C GLY A 2383 29.71 -24.76 -3.19
N VAL A 2384 29.79 -26.08 -3.44
CA VAL A 2384 28.63 -26.88 -3.78
C VAL A 2384 28.29 -27.89 -2.69
N GLU A 2385 28.91 -27.78 -1.52
CA GLU A 2385 28.67 -28.69 -0.41
C GLU A 2385 27.69 -28.16 0.62
N GLY A 2386 27.08 -27.00 0.39
CA GLY A 2386 26.16 -26.45 1.36
C GLY A 2386 24.69 -26.53 0.98
N VAL A 2387 24.07 -25.37 0.77
CA VAL A 2387 22.67 -25.32 0.40
C VAL A 2387 22.45 -25.86 -1.01
N PHE A 2388 23.47 -25.78 -1.87
CA PHE A 2388 23.35 -26.26 -3.24
C PHE A 2388 23.08 -27.76 -3.30
N ARG A 2389 23.91 -28.55 -2.62
CA ARG A 2389 23.74 -30.01 -2.62
C ARG A 2389 22.40 -30.42 -2.00
N LEU A 2390 22.03 -29.83 -0.86
CA LEU A 2390 20.77 -30.18 -0.22
C LEU A 2390 19.59 -29.80 -1.10
N SER A 2391 19.65 -28.62 -1.74
CA SER A 2391 18.56 -28.20 -2.60
C SER A 2391 18.42 -29.15 -3.78
N CYS A 2392 19.55 -29.57 -4.35
CA CYS A 2392 19.51 -30.49 -5.48
C CYS A 2392 18.89 -31.81 -5.06
N GLU A 2393 19.28 -32.31 -3.88
CA GLU A 2393 18.72 -33.57 -3.40
C GLU A 2393 17.22 -33.46 -3.19
N GLN A 2394 16.76 -32.33 -2.63
CA GLN A 2394 15.34 -32.14 -2.39
C GLN A 2394 14.58 -32.08 -3.71
N VAL A 2395 15.13 -31.37 -4.69
CA VAL A 2395 14.47 -31.26 -5.99
C VAL A 2395 14.35 -32.64 -6.63
N LEU A 2396 15.43 -33.43 -6.58
CA LEU A 2396 15.38 -34.76 -7.17
C LEU A 2396 14.38 -35.63 -6.44
N HIS A 2397 14.30 -35.50 -5.11
CA HIS A 2397 13.35 -36.32 -4.36
C HIS A 2397 11.92 -35.99 -4.77
N ILE A 2398 11.61 -34.70 -4.91
CA ILE A 2398 10.27 -34.30 -5.31
C ILE A 2398 9.94 -34.81 -6.70
N MET A 2399 10.90 -34.67 -7.63
CA MET A 2399 10.65 -35.14 -9.00
C MET A 2399 10.47 -36.64 -9.06
N ARG A 2400 11.31 -37.40 -8.34
CA ARG A 2400 11.21 -38.85 -8.34
C ARG A 2400 9.90 -39.32 -7.72
N ARG A 2401 9.44 -38.66 -6.66
CA ARG A 2401 8.20 -39.06 -6.02
C ARG A 2401 7.01 -38.91 -6.97
N GLY A 2402 6.98 -37.82 -7.73
CA GLY A 2402 5.90 -37.57 -8.67
C GLY A 2402 6.29 -37.75 -10.12
N ARG A 2403 7.06 -38.80 -10.43
CA ARG A 2403 7.47 -39.02 -11.80
C ARG A 2403 6.34 -39.52 -12.69
N GLU A 2404 5.26 -40.03 -12.10
CA GLU A 2404 4.15 -40.52 -12.91
C GLU A 2404 3.53 -39.40 -13.74
N THR A 2405 3.29 -38.24 -13.11
CA THR A 2405 2.70 -37.12 -13.83
C THR A 2405 3.63 -36.64 -14.95
N LEU A 2406 4.93 -36.55 -14.66
CA LEU A 2406 5.88 -36.11 -15.68
C LEU A 2406 5.91 -37.08 -16.84
N LEU A 2407 5.90 -38.38 -16.56
CA LEU A 2407 5.93 -39.38 -17.63
C LEU A 2407 4.66 -39.31 -18.45
N THR A 2408 3.50 -39.12 -17.80
CA THR A 2408 2.25 -39.03 -18.54
C THR A 2408 2.25 -37.81 -19.45
N LEU A 2409 2.73 -36.68 -18.94
CA LEU A 2409 2.77 -35.47 -19.76
C LEU A 2409 3.71 -35.66 -20.94
N LEU A 2410 4.86 -36.30 -20.70
CA LEU A 2410 5.81 -36.54 -21.78
C LEU A 2410 5.20 -37.45 -22.82
N GLU A 2411 4.47 -38.49 -22.39
CA GLU A 2411 3.86 -39.41 -23.33
C GLU A 2411 2.84 -38.65 -24.18
N ALA A 2412 2.07 -37.76 -23.56
CA ALA A 2412 1.09 -36.99 -24.31
C ALA A 2412 1.79 -36.07 -25.29
N PHE A 2413 2.97 -35.58 -24.92
CA PHE A 2413 3.74 -34.69 -25.79
C PHE A 2413 4.28 -35.44 -26.99
N VAL A 2414 4.65 -36.71 -26.81
CA VAL A 2414 5.20 -37.50 -27.90
C VAL A 2414 4.16 -37.69 -29.01
N TYR A 2415 2.95 -38.10 -28.64
CA TYR A 2415 1.87 -38.30 -29.61
C TYR A 2415 1.05 -37.04 -29.74
N ASP A 2416 1.66 -36.04 -30.40
CA ASP A 2416 1.03 -34.74 -30.62
C ASP A 2416 1.27 -34.35 -32.07
N PRO A 2417 0.22 -34.21 -32.88
CA PRO A 2417 0.44 -33.82 -34.28
C PRO A 2417 1.13 -32.48 -34.47
N LEU A 2418 0.92 -31.53 -33.56
CA LEU A 2418 1.54 -30.22 -33.67
C LEU A 2418 2.88 -30.16 -32.95
N VAL A 2419 3.75 -31.13 -33.22
CA VAL A 2419 5.07 -31.22 -32.61
C VAL A 2419 6.05 -31.77 -33.64
N ASP A 2420 7.12 -31.02 -33.91
CA ASP A 2420 8.13 -31.42 -34.89
C ASP A 2420 9.34 -31.96 -34.12
N TRP A 2421 9.35 -33.26 -33.88
CA TRP A 2421 10.45 -33.88 -33.15
C TRP A 2421 11.73 -33.93 -33.99
N THR A 2422 11.63 -33.74 -35.30
CA THR A 2422 12.79 -33.78 -36.17
C THR A 2422 13.00 -32.43 -36.86
N SER A 3603 10.80 -42.68 -34.36
CA SER A 3603 11.23 -43.40 -33.15
C SER A 3603 12.09 -42.51 -32.26
N TYR A 3604 12.31 -41.27 -32.71
CA TYR A 3604 13.13 -40.35 -31.93
C TYR A 3604 12.43 -39.94 -30.64
N ALA A 3605 11.12 -39.64 -30.74
CA ALA A 3605 10.37 -39.24 -29.56
C ALA A 3605 10.35 -40.35 -28.52
N VAL A 3606 10.23 -41.60 -28.96
CA VAL A 3606 10.23 -42.72 -28.03
C VAL A 3606 11.56 -42.81 -27.31
N SER A 3607 12.65 -42.58 -28.05
CA SER A 3607 13.98 -42.63 -27.43
C SER A 3607 14.13 -41.53 -26.40
N VAL A 3608 13.66 -40.32 -26.72
CA VAL A 3608 13.75 -39.21 -25.78
C VAL A 3608 12.95 -39.53 -24.51
N TRP A 3609 11.75 -40.06 -24.70
CA TRP A 3609 10.89 -40.41 -23.57
C TRP A 3609 11.57 -41.46 -22.69
N LYS A 3610 12.18 -42.47 -23.31
CA LYS A 3610 12.86 -43.52 -22.56
C LYS A 3610 14.04 -42.94 -21.78
N ARG A 3611 14.78 -42.02 -22.40
CA ARG A 3611 15.94 -41.43 -21.72
C ARG A 3611 15.47 -40.65 -20.49
N VAL A 3612 14.43 -39.85 -20.64
CA VAL A 3612 13.92 -39.06 -19.51
C VAL A 3612 13.39 -40.00 -18.42
N LYS A 3613 12.71 -41.08 -18.84
CA LYS A 3613 12.17 -42.03 -17.87
C LYS A 3613 13.31 -42.68 -17.09
N ALA A 3614 14.39 -43.05 -17.77
CA ALA A 3614 15.51 -43.68 -17.09
C ALA A 3614 16.15 -42.69 -16.12
N LYS A 3615 16.27 -41.43 -16.53
CA LYS A 3615 16.86 -40.43 -15.65
C LYS A 3615 16.03 -40.24 -14.39
N LEU A 3616 14.70 -40.17 -14.54
CA LEU A 3616 13.82 -39.98 -13.40
C LEU A 3616 13.81 -41.21 -12.48
N GLU A 3617 13.81 -42.41 -13.06
CA GLU A 3617 13.80 -43.63 -12.26
C GLU A 3617 15.13 -43.91 -11.56
N GLY A 3618 16.19 -43.15 -11.88
CA GLY A 3618 17.48 -43.34 -11.27
C GLY A 3618 18.42 -44.22 -12.05
N ARG A 3619 17.95 -44.88 -13.10
CA ARG A 3619 18.78 -45.76 -13.92
C ARG A 3619 19.39 -45.00 -15.09
N ASP A 3620 20.06 -43.88 -14.80
CA ASP A 3620 20.69 -43.09 -15.85
C ASP A 3620 21.78 -43.89 -16.56
N VAL A 3621 22.84 -44.23 -15.83
CA VAL A 3621 23.96 -45.01 -16.39
C VAL A 3621 24.22 -46.19 -15.45
N ASP A 3622 23.52 -47.30 -15.70
CA ASP A 3622 23.64 -48.52 -14.92
C ASP A 3622 22.82 -49.63 -15.57
N PRO A 3623 23.30 -50.87 -15.56
CA PRO A 3623 22.53 -51.96 -16.18
C PRO A 3623 21.23 -52.24 -15.43
N ASN A 3624 21.35 -52.52 -14.13
CA ASN A 3624 20.19 -52.82 -13.30
C ASN A 3624 20.31 -52.23 -11.90
N ARG A 3625 21.34 -51.46 -11.61
CA ARG A 3625 21.54 -50.86 -10.29
C ARG A 3625 20.87 -49.49 -10.26
N ARG A 3626 19.88 -49.35 -9.39
CA ARG A 3626 19.15 -48.09 -9.22
C ARG A 3626 19.89 -47.21 -8.22
N MET A 3627 20.42 -46.09 -8.71
CA MET A 3627 21.15 -45.16 -7.85
C MET A 3627 20.20 -44.37 -6.97
N SER A 3628 20.72 -43.92 -5.83
CA SER A 3628 19.96 -43.14 -4.89
C SER A 3628 20.05 -41.66 -5.24
N VAL A 3629 19.25 -40.84 -4.56
CA VAL A 3629 19.26 -39.41 -4.82
C VAL A 3629 20.62 -38.81 -4.48
N ALA A 3630 21.19 -39.18 -3.33
CA ALA A 3630 22.49 -38.66 -2.93
C ALA A 3630 23.58 -39.08 -3.91
N GLU A 3631 23.58 -40.36 -4.30
CA GLU A 3631 24.59 -40.85 -5.24
C GLU A 3631 24.44 -40.16 -6.59
N GLN A 3632 23.20 -40.00 -7.06
CA GLN A 3632 22.98 -39.35 -8.35
C GLN A 3632 23.45 -37.90 -8.30
N VAL A 3633 23.14 -37.18 -7.22
CA VAL A 3633 23.55 -35.78 -7.10
C VAL A 3633 25.07 -35.68 -7.09
N ASP A 3634 25.73 -36.56 -6.32
CA ASP A 3634 27.18 -36.54 -6.25
C ASP A 3634 27.81 -36.84 -7.61
N TYR A 3635 27.29 -37.84 -8.32
CA TYR A 3635 27.84 -38.20 -9.62
C TYR A 3635 27.66 -37.06 -10.62
N VAL A 3636 26.48 -36.45 -10.65
CA VAL A 3636 26.23 -35.36 -11.58
C VAL A 3636 27.12 -34.16 -11.25
N ILE A 3637 27.27 -33.85 -9.96
CA ILE A 3637 28.11 -32.73 -9.56
C ILE A 3637 29.57 -32.97 -9.94
N LYS A 3638 30.06 -34.19 -9.70
CA LYS A 3638 31.45 -34.49 -10.04
C LYS A 3638 31.68 -34.45 -11.54
N GLU A 3639 30.71 -34.93 -12.33
CA GLU A 3639 30.88 -34.91 -13.78
C GLU A 3639 30.72 -33.50 -14.35
N ALA A 3640 29.95 -32.64 -13.70
CA ALA A 3640 29.76 -31.27 -14.18
C ALA A 3640 30.91 -30.35 -13.85
N THR A 3641 31.79 -30.73 -12.93
CA THR A 3641 32.92 -29.89 -12.54
C THR A 3641 34.27 -30.53 -12.87
N ASN A 3642 34.28 -31.68 -13.52
CA ASN A 3642 35.53 -32.35 -13.86
C ASN A 3642 36.33 -31.50 -14.84
N LEU A 3643 37.64 -31.38 -14.59
CA LEU A 3643 38.50 -30.59 -15.46
C LEU A 3643 38.66 -31.25 -16.82
N ASP A 3644 38.62 -32.59 -16.89
CA ASP A 3644 38.78 -33.27 -18.16
C ASP A 3644 37.64 -32.94 -19.12
N ASN A 3645 36.41 -32.90 -18.60
CA ASN A 3645 35.26 -32.58 -19.46
C ASN A 3645 35.27 -31.12 -19.89
N LEU A 3646 35.61 -30.21 -18.97
CA LEU A 3646 35.63 -28.79 -19.30
C LEU A 3646 36.80 -28.43 -20.21
N ALA A 3647 37.86 -29.25 -20.22
CA ALA A 3647 39.02 -28.98 -21.06
C ALA A 3647 38.80 -29.31 -22.52
N GLN A 3648 37.76 -30.09 -22.85
CA GLN A 3648 37.52 -30.45 -24.24
C GLN A 3648 36.15 -29.95 -24.72
N LEU A 3649 35.83 -28.70 -24.41
CA LEU A 3649 34.57 -28.09 -24.81
C LEU A 3649 34.81 -27.03 -25.87
N TYR A 3650 33.72 -26.57 -26.46
CA TYR A 3650 33.81 -25.55 -27.50
C TYR A 3650 34.34 -24.24 -26.94
N GLU A 3651 35.05 -23.49 -27.79
CA GLU A 3651 35.61 -22.22 -27.38
C GLU A 3651 34.52 -21.23 -26.96
N GLY A 3652 33.36 -21.26 -27.63
CA GLY A 3652 32.29 -20.34 -27.27
C GLY A 3652 31.78 -20.61 -25.87
N TRP A 3653 31.80 -21.87 -25.45
CA TRP A 3653 31.34 -22.27 -24.12
C TRP A 3653 32.53 -22.10 -23.17
N THR A 3654 32.81 -20.83 -22.86
CA THR A 3654 33.91 -20.47 -21.98
C THR A 3654 33.81 -21.19 -20.64
N ALA A 3655 34.79 -22.07 -20.37
CA ALA A 3655 34.81 -22.81 -19.12
C ALA A 3655 35.70 -22.16 -18.07
N TRP A 3656 36.59 -21.25 -18.47
CA TRP A 3656 37.47 -20.61 -17.51
C TRP A 3656 36.72 -19.53 -16.70
N VAL A 3657 35.73 -18.90 -17.30
CA VAL A 3657 34.97 -17.86 -16.61
C VAL A 3657 33.59 -18.39 -16.26
N ALA B 1 36.88 14.35 20.50
CA ALA B 1 35.58 14.98 20.34
C ALA B 1 35.71 16.50 20.27
N LYS B 2 36.62 16.97 19.42
CA LYS B 2 36.85 18.40 19.23
C LYS B 2 36.23 18.93 17.94
N LEU B 3 35.15 18.29 17.49
CA LEU B 3 34.43 18.66 16.28
C LEU B 3 33.07 19.28 16.61
N LEU B 4 33.00 20.00 17.72
CA LEU B 4 31.77 20.62 18.15
C LEU B 4 31.39 21.77 17.22
N PRO B 5 30.09 22.04 17.05
CA PRO B 5 29.66 23.12 16.16
C PRO B 5 30.05 24.47 16.74
N PRO B 6 30.17 25.51 15.90
CA PRO B 6 30.55 26.83 16.41
C PRO B 6 29.60 27.41 17.44
N GLU B 7 28.33 27.61 17.07
CA GLU B 7 27.33 28.15 17.98
C GLU B 7 25.97 28.11 17.29
N ARG B 8 24.92 28.17 18.09
CA ARG B 8 23.54 28.15 17.62
C ARG B 8 22.93 29.50 17.94
N MET B 9 22.80 30.35 16.91
CA MET B 9 22.22 31.68 17.08
C MET B 9 20.76 31.61 17.52
N LYS B 10 20.47 32.05 18.74
CA LYS B 10 19.10 32.03 19.24
C LYS B 10 18.27 33.18 18.69
N HIS B 11 18.92 34.19 18.12
CA HIS B 11 18.22 35.35 17.57
C HIS B 11 19.09 35.95 16.48
N SER B 12 18.45 36.69 15.59
CA SER B 12 19.14 37.34 14.49
C SER B 12 19.91 38.57 14.98
N ILE B 13 20.77 39.10 14.10
CA ILE B 13 21.58 40.26 14.40
C ILE B 13 21.49 41.25 13.24
N LYS B 14 21.37 42.53 13.58
CA LYS B 14 21.26 43.56 12.55
C LYS B 14 22.58 43.72 11.80
N LEU B 15 22.55 43.49 10.48
CA LEU B 15 23.74 43.60 9.66
C LEU B 15 23.98 45.03 9.19
N VAL B 16 22.90 45.79 8.95
CA VAL B 16 22.98 47.17 8.51
C VAL B 16 22.08 48.00 9.42
N ASP B 17 22.65 49.00 10.08
CA ASP B 17 21.88 49.85 10.98
C ASP B 17 20.96 50.78 10.19
N ASP B 18 20.08 51.46 10.92
CA ASP B 18 19.15 52.38 10.29
C ASP B 18 19.87 53.51 9.55
N GLN B 19 21.05 53.89 10.02
CA GLN B 19 21.82 54.95 9.38
C GLN B 19 22.55 54.46 8.13
N MET B 20 22.25 53.24 7.69
CA MET B 20 22.85 52.62 6.52
C MET B 20 24.38 52.53 6.66
N ASN B 21 24.79 51.83 7.71
CA ASN B 21 26.20 51.62 8.02
C ASN B 21 26.45 50.13 8.15
N TRP B 22 27.62 49.69 7.67
CA TRP B 22 27.99 48.29 7.74
C TRP B 22 28.38 47.91 9.16
N CYS B 23 27.82 46.80 9.66
CA CYS B 23 28.09 46.31 11.00
C CYS B 23 28.96 45.06 10.89
N ASP B 24 30.15 45.10 11.50
CA ASP B 24 31.08 43.98 11.48
C ASP B 24 30.94 43.20 12.79
N SER B 25 29.87 42.43 12.87
CA SER B 25 29.60 41.63 14.06
C SER B 25 29.13 40.21 13.76
N ALA B 26 28.94 39.86 12.49
CA ALA B 26 28.49 38.53 12.10
C ALA B 26 29.63 37.62 11.67
N ILE B 27 30.87 38.11 11.69
CA ILE B 27 32.00 37.28 11.28
C ILE B 27 32.26 36.18 12.29
N GLU B 28 32.04 36.45 13.58
CA GLU B 28 32.26 35.45 14.61
C GLU B 28 31.39 34.21 14.43
N TYR B 29 30.27 34.33 13.73
CA TYR B 29 29.37 33.21 13.51
C TYR B 29 29.63 32.50 12.19
N LEU B 30 30.64 32.92 11.43
CA LEU B 30 30.98 32.31 10.16
C LEU B 30 32.25 31.47 10.30
N LEU B 31 32.41 30.54 9.38
CA LEU B 31 33.56 29.63 9.33
C LEU B 31 34.29 29.81 8.01
N ASP B 32 35.27 28.93 7.76
CA ASP B 32 36.07 28.95 6.54
C ASP B 32 35.63 27.87 5.57
N GLN B 33 34.33 27.61 5.49
CA GLN B 33 33.74 26.62 4.62
C GLN B 33 33.18 27.26 3.35
N THR B 34 33.17 26.50 2.27
CA THR B 34 32.68 26.96 0.98
C THR B 34 31.28 26.41 0.71
N ASP B 35 30.76 26.74 -0.47
CA ASP B 35 29.43 26.30 -0.92
C ASP B 35 28.35 26.76 0.07
N VAL B 36 28.19 28.07 0.18
CA VAL B 36 27.20 28.68 1.06
C VAL B 36 26.06 29.23 0.23
N LEU B 37 24.88 29.31 0.85
CA LEU B 37 23.68 29.82 0.21
C LEU B 37 23.17 31.05 0.95
N VAL B 38 22.75 32.06 0.19
CA VAL B 38 22.24 33.31 0.73
C VAL B 38 20.86 33.58 0.12
N VAL B 39 19.95 34.12 0.93
CA VAL B 39 18.59 34.43 0.51
C VAL B 39 18.20 35.85 0.88
N GLY B 40 17.46 36.51 0.00
CA GLY B 40 17.00 37.87 0.21
C GLY B 40 15.57 38.01 -0.24
N VAL B 41 14.88 39.03 0.30
CA VAL B 41 13.49 39.29 -0.04
C VAL B 41 13.20 40.78 -0.11
N LEU B 42 12.38 41.16 -1.09
CA LEU B 42 11.97 42.54 -1.33
C LEU B 42 10.45 42.54 -1.22
N GLY B 43 9.90 43.44 -0.39
CA GLY B 43 8.47 43.48 -0.25
C GLY B 43 7.94 44.84 0.15
N LEU B 44 6.63 44.90 0.36
CA LEU B 44 5.94 46.12 0.75
C LEU B 44 5.88 46.24 2.27
N GLN B 45 5.05 47.16 2.75
CA GLN B 45 4.88 47.39 4.18
C GLN B 45 4.38 46.16 4.92
N GLY B 46 3.18 45.69 4.60
CA GLY B 46 2.64 44.53 5.28
C GLY B 46 2.55 43.21 4.52
N THR B 47 3.58 42.86 3.75
CA THR B 47 3.54 41.60 3.02
C THR B 47 3.81 40.40 3.92
N GLY B 48 4.73 40.54 4.87
CA GLY B 48 5.06 39.46 5.77
C GLY B 48 6.41 38.82 5.51
N LYS B 49 7.39 39.64 5.14
CA LYS B 49 8.73 39.12 4.86
C LYS B 49 9.36 38.50 6.11
N SER B 50 9.25 39.18 7.24
CA SER B 50 9.83 38.67 8.48
C SER B 50 9.19 37.33 8.86
N MET B 51 7.87 37.22 8.72
CA MET B 51 7.21 35.97 9.07
C MET B 51 7.68 34.84 8.17
N VAL B 52 7.83 35.13 6.87
CA VAL B 52 8.28 34.11 5.93
C VAL B 52 9.69 33.65 6.29
N MET B 53 10.59 34.59 6.55
CA MET B 53 11.96 34.21 6.91
C MET B 53 11.98 33.42 8.20
N SER B 54 11.17 33.80 9.18
CA SER B 54 11.16 33.06 10.43
C SER B 54 10.68 31.64 10.21
N LEU B 55 9.55 31.49 9.50
CA LEU B 55 9.00 30.16 9.24
C LEU B 55 9.89 29.31 8.34
N LEU B 56 10.76 29.92 7.54
CA LEU B 56 11.63 29.15 6.66
C LEU B 56 13.03 28.91 7.20
N SER B 57 13.50 29.70 8.17
CA SER B 57 14.84 29.51 8.70
C SER B 57 14.90 28.66 9.97
N ALA B 58 14.32 29.13 11.08
CA ALA B 58 14.35 28.36 12.32
C ALA B 58 13.06 28.49 13.11
N ASN B 59 11.91 28.42 12.44
CA ASN B 59 10.66 28.54 13.17
C ASN B 59 9.60 27.69 12.49
N THR B 60 8.57 27.36 13.27
CA THR B 60 7.44 26.55 12.85
C THR B 60 6.15 27.30 13.12
N PRO B 61 5.08 26.99 12.37
CA PRO B 61 3.81 27.69 12.61
C PRO B 61 3.26 27.51 14.01
N GLU B 62 3.61 26.43 14.68
CA GLU B 62 3.10 26.21 16.04
C GLU B 62 3.73 27.16 17.05
N GLU B 63 4.96 27.60 16.80
CA GLU B 63 5.63 28.51 17.73
C GLU B 63 4.95 29.87 17.74
N ASP B 64 5.02 30.53 18.90
CA ASP B 64 4.42 31.85 19.05
C ASP B 64 5.19 32.90 18.25
N GLN B 65 4.46 33.93 17.80
CA GLN B 65 5.08 34.99 17.04
C GLN B 65 6.06 35.82 17.85
N ARG B 66 6.02 35.73 19.17
CA ARG B 66 6.93 36.50 20.01
C ARG B 66 8.32 35.90 20.06
N THR B 67 8.49 34.63 19.69
CA THR B 67 9.78 33.96 19.70
C THR B 67 10.39 33.84 18.30
N TYR B 68 9.85 34.55 17.32
CA TYR B 68 10.38 34.47 15.96
C TYR B 68 11.78 35.07 15.91
N VAL B 69 12.66 34.43 15.15
CA VAL B 69 14.04 34.92 15.02
C VAL B 69 14.04 36.30 14.37
N PHE B 70 13.03 36.61 13.57
CA PHE B 70 12.90 37.89 12.89
C PHE B 70 11.73 38.63 13.52
N ARG B 71 11.98 39.84 14.02
CA ARG B 71 10.93 40.63 14.65
C ARG B 71 9.79 40.92 13.68
N ALA B 72 8.62 40.37 13.96
CA ALA B 72 7.45 40.57 13.12
C ALA B 72 6.60 41.71 13.66
N GLN B 73 5.64 42.14 12.83
CA GLN B 73 4.75 43.22 13.22
C GLN B 73 3.81 42.79 14.33
N SER B 74 3.33 43.76 15.09
CA SER B 74 2.41 43.52 16.19
C SER B 74 1.08 44.20 15.92
N ALA B 75 0.02 43.65 16.51
CA ALA B 75 -1.31 44.22 16.31
C ALA B 75 -1.39 45.64 16.84
N GLU B 76 -0.75 45.91 17.98
CA GLU B 76 -0.77 47.25 18.55
C GLU B 76 0.00 48.26 17.70
N MET B 77 0.85 47.80 16.80
CA MET B 77 1.63 48.70 15.95
C MET B 77 1.00 48.92 14.58
N LYS B 78 0.10 48.04 14.14
CA LYS B 78 -0.54 48.21 12.84
C LYS B 78 -1.47 49.41 12.79
N GLU B 79 -1.89 49.91 13.95
CA GLU B 79 -2.80 51.07 13.96
C GLU B 79 -2.12 52.30 13.39
N ARG B 80 -0.86 52.55 13.77
CA ARG B 80 -0.14 53.71 13.27
C ARG B 80 0.42 53.51 11.87
N GLY B 81 0.37 52.30 11.34
CA GLY B 81 0.89 52.04 10.00
C GLY B 81 2.37 52.28 9.85
N GLY B 82 3.17 51.84 10.82
CA GLY B 82 4.61 52.03 10.76
C GLY B 82 5.37 50.78 10.42
N ASN B 83 6.62 50.92 10.01
CA ASN B 83 7.44 49.78 9.65
C ASN B 83 8.02 49.12 10.91
N GLN B 84 8.29 47.82 10.80
CA GLN B 84 8.84 47.05 11.91
C GLN B 84 10.32 46.74 11.75
N THR B 85 10.76 46.37 10.55
CA THR B 85 12.15 46.04 10.28
C THR B 85 12.84 47.22 9.60
N SER B 86 14.02 47.57 10.10
CA SER B 86 14.81 48.66 9.56
C SER B 86 16.18 48.14 9.16
N GLY B 87 16.68 48.61 8.01
CA GLY B 87 17.97 48.16 7.55
C GLY B 87 17.91 46.74 7.02
N ILE B 88 18.98 45.98 7.25
CA ILE B 88 19.09 44.60 6.81
C ILE B 88 19.45 43.73 8.01
N ASP B 89 18.87 42.54 8.08
CA ASP B 89 19.11 41.61 9.17
C ASP B 89 19.96 40.45 8.66
N PHE B 90 20.59 39.74 9.60
CA PHE B 90 21.45 38.61 9.29
C PHE B 90 21.19 37.50 10.30
N PHE B 91 21.22 36.25 9.81
CA PHE B 91 21.01 35.06 10.62
C PHE B 91 21.40 33.86 9.79
N ILE B 92 22.14 32.93 10.41
CA ILE B 92 22.59 31.71 9.74
C ILE B 92 22.02 30.52 10.49
N THR B 93 21.36 29.63 9.76
CA THR B 93 20.76 28.44 10.35
C THR B 93 21.84 27.40 10.66
N GLN B 94 21.41 26.28 11.23
CA GLN B 94 22.34 25.21 11.58
C GLN B 94 22.81 24.44 10.36
N GLU B 95 22.21 24.66 9.19
CA GLU B 95 22.58 23.99 7.96
C GLU B 95 23.53 24.83 7.11
N ARG B 96 24.18 25.83 7.71
CA ARG B 96 25.11 26.71 7.01
C ARG B 96 24.43 27.48 5.88
N ILE B 97 23.22 27.95 6.14
CA ILE B 97 22.44 28.70 5.16
C ILE B 97 22.25 30.11 5.73
N VAL B 98 22.66 31.11 4.96
CA VAL B 98 22.55 32.51 5.36
C VAL B 98 21.24 33.10 4.87
N PHE B 99 20.56 33.82 5.76
CA PHE B 99 19.28 34.48 5.47
C PHE B 99 19.45 35.98 5.64
N LEU B 100 18.71 36.75 4.85
CA LEU B 100 18.77 38.21 4.93
C LEU B 100 17.39 38.80 4.81
N ASP B 101 17.00 39.59 5.81
CA ASP B 101 15.69 40.24 5.86
C ASP B 101 15.92 41.74 5.72
N THR B 102 15.20 42.36 4.80
CA THR B 102 15.32 43.80 4.55
C THR B 102 14.04 44.54 4.94
N GLN B 103 14.14 45.86 4.90
CA GLN B 103 13.07 46.80 5.21
C GLN B 103 12.15 46.98 4.01
N PRO B 104 10.91 47.42 4.21
CA PRO B 104 10.00 47.61 3.08
C PRO B 104 10.48 48.71 2.14
N ILE B 105 10.12 48.58 0.88
CA ILE B 105 10.49 49.52 -0.17
C ILE B 105 9.34 50.49 -0.39
N LEU B 106 9.67 51.77 -0.59
CA LEU B 106 8.67 52.82 -0.82
C LEU B 106 7.64 52.85 0.31
N SER B 107 8.12 52.65 1.53
CA SER B 107 7.25 52.65 2.70
C SER B 107 6.89 54.07 3.11
N PRO B 108 5.61 54.44 3.13
CA PRO B 108 5.25 55.82 3.53
C PRO B 108 5.65 56.13 4.96
N SER B 109 5.71 55.11 5.82
CA SER B 109 6.08 55.34 7.22
C SER B 109 7.49 55.88 7.33
N ILE B 110 8.42 55.35 6.53
CA ILE B 110 9.80 55.82 6.56
C ILE B 110 9.85 57.28 6.15
N LEU B 111 9.11 57.65 5.11
CA LEU B 111 9.10 59.03 4.64
C LEU B 111 8.52 59.94 5.73
N ASP B 112 7.42 59.53 6.35
CA ASP B 112 6.81 60.34 7.39
C ASP B 112 7.76 60.54 8.56
N HIS B 113 8.48 59.48 8.95
CA HIS B 113 9.42 59.60 10.06
C HIS B 113 10.60 60.48 9.67
N LEU B 114 10.99 60.44 8.40
CA LEU B 114 12.11 61.24 7.93
C LEU B 114 11.75 62.72 7.82
N ILE B 115 10.47 63.03 7.63
CA ILE B 115 10.05 64.43 7.52
C ILE B 115 10.39 65.19 8.80
N ASN B 116 10.09 64.59 9.95
CA ASN B 116 10.38 65.22 11.25
C ASN B 116 11.77 64.83 11.74
N ASN B 117 12.78 65.27 11.00
CA ASN B 117 14.16 64.99 11.33
C ASN B 117 15.06 66.16 10.99
N TYR B 125 19.17 65.07 -1.23
CA TYR B 125 19.38 66.35 -0.56
C TYR B 125 18.28 67.35 -0.91
N ASN B 126 17.64 67.13 -2.07
CA ASN B 126 16.57 68.03 -2.50
C ASN B 126 15.27 67.71 -1.76
N LEU B 127 14.77 66.49 -1.91
CA LEU B 127 13.53 66.06 -1.26
C LEU B 127 13.74 64.67 -0.70
N PRO B 128 13.08 64.35 0.41
CA PRO B 128 13.24 63.01 1.00
C PRO B 128 12.74 61.88 0.10
N HIS B 129 11.86 62.19 -0.86
CA HIS B 129 11.35 61.15 -1.75
C HIS B 129 12.50 60.52 -2.54
N THR B 130 13.38 61.36 -3.10
CA THR B 130 14.50 60.84 -3.86
C THR B 130 15.44 60.06 -2.96
N TYR B 131 15.57 60.50 -1.70
CA TYR B 131 16.43 59.82 -0.74
C TYR B 131 15.92 58.40 -0.49
N VAL B 132 14.62 58.26 -0.27
CA VAL B 132 14.04 56.95 -0.03
C VAL B 132 14.16 56.10 -1.28
N GLU B 133 13.95 56.71 -2.46
CA GLU B 133 14.05 55.97 -3.71
C GLU B 133 15.46 55.41 -3.91
N MET B 134 16.48 56.25 -3.70
CA MET B 134 17.84 55.76 -3.86
C MET B 134 18.16 54.70 -2.82
N GLN B 135 17.60 54.83 -1.61
CA GLN B 135 17.88 53.82 -0.59
C GLN B 135 17.34 52.47 -1.05
N SER B 136 16.12 52.47 -1.58
CA SER B 136 15.52 51.22 -2.05
C SER B 136 16.33 50.65 -3.20
N LEU B 137 16.78 51.52 -4.11
CA LEU B 137 17.57 51.05 -5.25
C LEU B 137 18.89 50.44 -4.77
N GLN B 138 19.52 51.06 -3.77
CA GLN B 138 20.78 50.55 -3.25
C GLN B 138 20.60 49.18 -2.61
N ILE B 139 19.55 49.03 -1.79
CA ILE B 139 19.32 47.74 -1.14
C ILE B 139 19.02 46.68 -2.19
N ALA B 140 18.20 47.02 -3.18
CA ALA B 140 17.87 46.05 -4.24
C ALA B 140 19.11 45.64 -5.01
N ALA B 141 19.97 46.61 -5.34
CA ALA B 141 21.18 46.29 -6.09
C ALA B 141 22.11 45.40 -5.28
N PHE B 142 22.28 45.72 -3.98
CA PHE B 142 23.16 44.92 -3.15
C PHE B 142 22.64 43.48 -3.06
N LEU B 143 21.32 43.32 -2.88
CA LEU B 143 20.74 41.99 -2.79
C LEU B 143 20.92 41.24 -4.11
N PHE B 144 20.66 41.91 -5.23
CA PHE B 144 20.80 41.27 -6.53
C PHE B 144 22.26 40.98 -6.87
N THR B 145 23.20 41.60 -6.15
CA THR B 145 24.61 41.38 -6.41
C THR B 145 25.23 40.29 -5.53
N VAL B 146 24.82 40.17 -4.27
CA VAL B 146 25.41 39.14 -3.42
C VAL B 146 24.44 38.06 -2.94
N CYS B 147 23.41 37.75 -3.74
CA CYS B 147 22.44 36.74 -3.35
C CYS B 147 22.28 35.69 -4.43
N HIS B 148 21.86 34.49 -4.01
CA HIS B 148 21.65 33.37 -4.91
C HIS B 148 20.21 33.33 -5.41
N VAL B 149 19.26 33.44 -4.49
CA VAL B 149 17.83 33.43 -4.81
C VAL B 149 17.15 34.55 -4.03
N VAL B 150 16.27 35.28 -4.70
CA VAL B 150 15.53 36.38 -4.10
C VAL B 150 14.05 36.07 -4.21
N ILE B 151 13.37 36.04 -3.07
CA ILE B 151 11.94 35.74 -3.02
C ILE B 151 11.17 37.07 -2.95
N VAL B 152 10.14 37.19 -3.78
CA VAL B 152 9.32 38.39 -3.83
C VAL B 152 7.98 38.05 -3.18
N VAL B 153 7.66 38.76 -2.10
CA VAL B 153 6.42 38.56 -1.37
C VAL B 153 5.42 39.61 -1.80
N GLN B 154 4.15 39.24 -1.85
CA GLN B 154 3.09 40.16 -2.26
C GLN B 154 1.80 39.84 -1.52
N ASP B 155 0.95 40.86 -1.40
CA ASP B 155 -0.33 40.72 -0.73
C ASP B 155 -1.46 40.48 -1.75
N TRP B 156 -1.59 41.39 -2.71
CA TRP B 156 -2.60 41.31 -3.75
C TRP B 156 -1.90 41.26 -5.11
N PHE B 157 -2.41 40.40 -5.98
CA PHE B 157 -1.81 40.27 -7.31
C PHE B 157 -2.13 41.49 -8.16
N THR B 158 -1.45 41.56 -9.32
CA THR B 158 -1.61 42.65 -10.29
C THR B 158 -1.21 44.00 -9.69
N ASP B 159 0.00 44.05 -9.14
CA ASP B 159 0.46 45.30 -8.55
C ASP B 159 0.89 46.30 -9.62
N LEU B 160 1.51 45.80 -10.70
CA LEU B 160 2.01 46.56 -11.84
C LEU B 160 3.12 47.54 -11.48
N SER B 161 3.62 47.51 -10.25
CA SER B 161 4.69 48.41 -9.82
C SER B 161 5.95 47.69 -9.37
N LEU B 162 5.82 46.50 -8.79
CA LEU B 162 7.00 45.77 -8.32
C LEU B 162 7.86 45.32 -9.50
N TYR B 163 7.23 44.89 -10.59
CA TYR B 163 8.00 44.43 -11.75
C TYR B 163 8.84 45.56 -12.33
N ARG B 164 8.27 46.78 -12.40
CA ARG B 164 9.03 47.90 -12.94
C ARG B 164 10.26 48.18 -12.06
N PHE B 165 10.07 48.13 -10.74
CA PHE B 165 11.16 48.37 -9.81
C PHE B 165 12.24 47.32 -9.97
N LEU B 166 11.84 46.05 -10.09
CA LEU B 166 12.83 44.98 -10.25
C LEU B 166 13.59 45.13 -11.56
N GLN B 167 12.89 45.49 -12.64
CA GLN B 167 13.54 45.66 -13.93
C GLN B 167 14.54 46.82 -13.89
N THR B 168 14.16 47.93 -13.27
CA THR B 168 15.07 49.07 -13.22
C THR B 168 16.18 48.88 -12.19
N ALA B 169 16.02 47.95 -11.25
CA ALA B 169 17.05 47.72 -10.25
C ALA B 169 18.23 46.94 -10.82
N GLU B 170 18.02 46.17 -11.89
CA GLU B 170 19.09 45.39 -12.49
C GLU B 170 20.07 46.25 -13.27
N MET B 171 19.69 47.47 -13.65
CA MET B 171 20.57 48.35 -14.41
C MET B 171 21.38 49.30 -13.55
N VAL B 172 21.26 49.21 -12.22
CA VAL B 172 22.01 50.07 -11.33
C VAL B 172 22.99 49.30 -10.44
N LYS B 173 23.19 48.01 -10.72
CA LYS B 173 24.10 47.22 -9.91
C LYS B 173 25.55 47.65 -10.18
N PRO B 174 26.44 47.45 -9.20
CA PRO B 174 27.84 47.86 -9.40
C PRO B 174 28.52 47.08 -10.50
N SER B 175 28.49 45.75 -10.41
CA SER B 175 29.12 44.89 -11.41
C SER B 175 28.59 43.45 -11.29
N THR B 193 28.78 37.50 -19.77
CA THR B 193 28.98 36.61 -18.63
C THR B 193 28.78 37.35 -17.31
N GLU B 194 27.52 37.57 -16.95
CA GLU B 194 27.16 38.26 -15.72
C GLU B 194 26.34 37.35 -14.82
N TYR B 195 26.32 37.66 -13.54
CA TYR B 195 25.59 36.89 -12.55
C TYR B 195 24.20 37.47 -12.35
N TYR B 196 23.19 36.60 -12.44
CA TYR B 196 21.79 37.00 -12.28
C TYR B 196 21.15 36.06 -11.26
N PRO B 197 20.85 36.53 -10.05
CA PRO B 197 20.24 35.66 -9.05
C PRO B 197 18.82 35.27 -9.42
N HIS B 198 18.40 34.11 -8.94
CA HIS B 198 17.05 33.63 -9.22
C HIS B 198 16.02 34.47 -8.48
N LEU B 199 14.87 34.65 -9.11
CA LEU B 199 13.78 35.44 -8.54
C LEU B 199 12.58 34.51 -8.33
N VAL B 200 12.15 34.38 -7.08
CA VAL B 200 11.02 33.54 -6.72
C VAL B 200 9.85 34.44 -6.36
N PHE B 201 8.68 34.15 -6.94
CA PHE B 201 7.48 34.92 -6.71
C PHE B 201 6.59 34.20 -5.70
N LEU B 202 6.21 34.91 -4.64
CA LEU B 202 5.36 34.35 -3.59
C LEU B 202 4.16 35.26 -3.38
N GLN B 203 2.99 34.64 -3.22
CA GLN B 203 1.74 35.35 -3.02
C GLN B 203 1.26 35.02 -1.61
N ASN B 204 1.44 35.96 -0.69
CA ASN B 204 1.03 35.79 0.69
C ASN B 204 -0.41 36.23 0.88
N LYS B 205 -1.08 35.61 1.86
CA LYS B 205 -2.48 35.91 2.19
C LYS B 205 -3.39 35.63 0.99
N ALA B 206 -3.11 34.55 0.28
CA ALA B 206 -3.90 34.18 -0.89
C ALA B 206 -5.28 33.69 -0.45
N ARG B 207 -6.29 34.02 -1.26
CA ARG B 207 -7.66 33.62 -0.99
C ARG B 207 -7.99 32.30 -1.67
N ARG B 208 -9.24 31.87 -1.52
CA ARG B 208 -9.67 30.60 -2.12
C ARG B 208 -9.77 30.71 -3.65
N GLU B 209 -10.15 31.88 -4.17
CA GLU B 209 -10.26 32.05 -5.61
C GLU B 209 -8.91 31.89 -6.30
N ASP B 210 -7.82 32.26 -5.64
CA ASP B 210 -6.50 32.15 -6.24
C ASP B 210 -6.11 30.69 -6.50
N PHE B 211 -6.73 29.74 -5.80
CA PHE B 211 -6.40 28.32 -5.97
C PHE B 211 -7.33 27.67 -7.00
N CYS B 212 -7.41 28.27 -8.19
CA CYS B 212 -8.24 27.77 -9.27
C CYS B 212 -7.42 27.65 -10.54
N PRO B 213 -7.67 26.64 -11.37
CA PRO B 213 -6.89 26.49 -12.61
C PRO B 213 -6.95 27.71 -13.51
N ARG B 214 -8.14 28.31 -13.67
CA ARG B 214 -8.26 29.48 -14.53
C ARG B 214 -7.45 30.65 -13.98
N LYS B 215 -7.58 30.90 -12.67
CA LYS B 215 -6.84 32.00 -12.06
C LYS B 215 -5.34 31.73 -12.14
N LEU B 216 -4.92 30.49 -11.95
CA LEU B 216 -3.51 30.15 -12.01
C LEU B 216 -2.96 30.42 -13.42
N ARG B 217 -3.70 29.99 -14.44
CA ARG B 217 -3.25 30.21 -15.82
C ARG B 217 -3.18 31.70 -16.12
N GLN B 218 -4.18 32.46 -15.66
CA GLN B 218 -4.18 33.90 -15.91
C GLN B 218 -2.98 34.56 -15.24
N MET B 219 -2.67 34.16 -14.01
CA MET B 219 -1.53 34.72 -13.30
C MET B 219 -0.23 34.41 -14.03
N HIS B 220 -0.10 33.16 -14.49
CA HIS B 220 1.12 32.76 -15.19
C HIS B 220 1.28 33.57 -16.47
N LEU B 221 0.21 33.71 -17.25
CA LEU B 221 0.28 34.47 -18.49
C LEU B 221 0.60 35.93 -18.22
N MET B 222 -0.02 36.52 -17.20
CA MET B 222 0.24 37.93 -16.89
C MET B 222 1.70 38.13 -16.49
N ILE B 223 2.24 37.22 -15.67
CA ILE B 223 3.63 37.35 -15.26
C ILE B 223 4.56 37.21 -16.46
N ASP B 224 4.23 36.28 -17.36
CA ASP B 224 5.07 36.08 -18.53
C ASP B 224 5.07 37.32 -19.43
N GLN B 225 3.90 37.93 -19.62
CA GLN B 225 3.84 39.11 -20.47
C GLN B 225 4.46 40.33 -19.79
N LEU B 226 4.44 40.38 -18.45
CA LEU B 226 5.03 41.51 -17.74
C LEU B 226 6.53 41.40 -17.56
N MET B 227 7.09 40.19 -17.65
CA MET B 227 8.52 40.00 -17.50
C MET B 227 9.13 39.41 -18.76
N ALA B 228 8.77 39.95 -19.92
CA ALA B 228 9.29 39.45 -21.18
C ALA B 228 10.80 39.66 -21.29
N HIS B 229 11.28 40.84 -20.89
CA HIS B 229 12.70 41.16 -20.95
C HIS B 229 13.31 41.34 -19.56
N SER B 230 12.92 40.47 -18.62
CA SER B 230 13.46 40.57 -17.26
C SER B 230 14.96 40.28 -17.23
N HIS B 231 15.44 39.45 -18.17
CA HIS B 231 16.84 39.07 -18.29
C HIS B 231 17.33 38.26 -17.09
N LEU B 232 16.41 37.91 -16.18
CA LEU B 232 16.75 37.14 -14.99
C LEU B 232 16.16 35.74 -15.09
N ARG B 233 16.62 34.85 -14.20
CA ARG B 233 16.15 33.48 -14.17
C ARG B 233 14.87 33.41 -13.34
N TYR B 234 13.74 33.18 -14.02
CA TYR B 234 12.46 33.10 -13.33
C TYR B 234 11.58 31.98 -13.86
N LYS B 235 12.16 31.02 -14.59
CA LYS B 235 11.40 29.90 -15.14
C LYS B 235 12.21 28.62 -14.97
N GLY B 236 11.49 27.50 -14.99
CA GLY B 236 12.11 26.19 -14.85
C GLY B 236 12.59 25.84 -13.45
N THR B 237 12.22 26.63 -12.45
CA THR B 237 12.63 26.37 -11.08
C THR B 237 11.45 26.57 -10.15
N LEU B 238 11.40 25.81 -9.06
CA LEU B 238 10.34 25.88 -8.07
C LEU B 238 8.97 25.78 -8.74
N SER B 239 8.72 24.60 -9.30
CA SER B 239 7.46 24.34 -9.99
C SER B 239 6.43 23.93 -8.95
N MET B 240 5.35 24.71 -8.85
CA MET B 240 4.30 24.38 -7.89
C MET B 240 3.54 23.13 -8.28
N LEU B 241 3.45 22.84 -9.59
CA LEU B 241 2.75 21.65 -10.04
C LEU B 241 3.48 20.38 -9.61
N GLN B 242 4.81 20.40 -9.66
CA GLN B 242 5.60 19.24 -9.28
C GLN B 242 5.54 18.94 -7.79
N CYS B 243 5.02 19.87 -6.98
CA CYS B 243 4.89 19.68 -5.55
C CYS B 243 3.58 19.03 -5.14
N ASN B 244 2.83 18.50 -6.11
CA ASN B 244 1.55 17.84 -5.88
C ASN B 244 0.50 18.80 -5.29
N VAL B 245 0.65 20.10 -5.54
CA VAL B 245 -0.31 21.06 -5.02
C VAL B 245 -1.65 20.89 -5.73
N PHE B 246 -1.61 20.61 -7.03
CA PHE B 246 -2.79 20.41 -7.87
C PHE B 246 -2.68 19.00 -8.41
N PRO B 247 -3.24 18.01 -7.70
CA PRO B 247 -3.15 16.63 -8.20
C PRO B 247 -3.77 16.38 -9.56
N GLY B 248 -4.88 17.03 -9.89
CA GLY B 248 -5.48 16.80 -11.19
C GLY B 248 -5.04 17.67 -12.34
N LEU B 249 -4.39 18.80 -12.07
CA LEU B 249 -3.95 19.66 -13.16
C LEU B 249 -2.81 19.02 -13.95
N PRO B 250 -2.94 18.89 -15.26
CA PRO B 250 -1.87 18.28 -16.06
C PRO B 250 -0.76 19.27 -16.31
N PRO B 251 0.48 18.80 -16.50
CA PRO B 251 1.59 19.73 -16.75
C PRO B 251 1.47 20.49 -18.05
N ASP B 252 0.68 20.01 -19.01
CA ASP B 252 0.52 20.69 -20.29
C ASP B 252 -0.52 21.79 -20.25
N PHE B 253 -1.24 21.97 -19.13
CA PHE B 253 -2.25 23.01 -19.05
C PHE B 253 -1.62 24.41 -19.05
N LEU B 254 -0.45 24.55 -18.42
CA LEU B 254 0.25 25.83 -18.34
C LEU B 254 1.28 25.91 -19.46
N ASP B 255 1.28 27.03 -20.18
CA ASP B 255 2.24 27.22 -21.27
C ASP B 255 3.67 27.24 -20.74
N SER B 256 3.89 27.93 -19.63
CA SER B 256 5.22 28.02 -19.02
C SER B 256 5.02 28.24 -17.52
N GLU B 257 5.18 27.18 -16.74
CA GLU B 257 5.01 27.26 -15.29
C GLU B 257 6.19 28.01 -14.67
N VAL B 258 5.97 29.27 -14.31
CA VAL B 258 7.02 30.09 -13.71
C VAL B 258 7.11 29.78 -12.22
N ASN B 259 8.17 30.27 -11.58
CA ASN B 259 8.38 30.05 -10.16
C ASN B 259 7.45 30.90 -9.28
N LEU B 260 6.21 30.43 -9.13
CA LEU B 260 5.20 31.11 -8.34
C LEU B 260 4.69 30.16 -7.26
N PHE B 261 4.52 30.69 -6.05
CA PHE B 261 4.03 29.92 -4.92
C PHE B 261 2.96 30.72 -4.22
N LEU B 262 2.05 30.02 -3.53
CA LEU B 262 0.96 30.65 -2.81
C LEU B 262 0.97 30.24 -1.34
N VAL B 263 0.63 31.18 -0.46
CA VAL B 263 0.59 30.95 0.98
C VAL B 263 -0.71 31.54 1.49
N PRO B 264 -1.63 30.74 2.03
CA PRO B 264 -2.90 31.28 2.53
C PRO B 264 -2.82 31.78 3.97
N PHE B 265 -3.98 32.14 4.52
CA PHE B 265 -4.05 32.64 5.88
C PHE B 265 -3.71 31.53 6.88
N MET B 266 -3.38 31.95 8.10
CA MET B 266 -3.04 30.99 9.15
C MET B 266 -4.24 30.14 9.53
N ASP B 267 -3.96 28.93 10.00
CA ASP B 267 -5.01 28.00 10.40
C ASP B 267 -5.65 28.44 11.70
N PHE B 286 -22.21 30.18 4.59
CA PHE B 286 -21.52 29.08 3.91
C PHE B 286 -22.45 27.89 3.74
N SER B 287 -23.75 28.17 3.63
CA SER B 287 -24.73 27.09 3.46
C SER B 287 -24.57 26.40 2.11
N LEU B 288 -24.07 27.11 1.10
CA LEU B 288 -23.89 26.51 -0.22
C LEU B 288 -22.78 25.47 -0.20
N LEU B 289 -21.64 25.80 0.39
CA LEU B 289 -20.49 24.90 0.46
C LEU B 289 -20.00 24.82 1.90
N PRO B 290 -20.67 24.04 2.75
CA PRO B 290 -20.23 23.94 4.15
C PRO B 290 -19.08 22.96 4.33
N GLY B 291 -18.02 23.39 5.02
CA GLY B 291 -16.87 22.55 5.25
C GLY B 291 -15.87 22.50 4.12
N TYR B 292 -16.01 23.35 3.12
CA TYR B 292 -15.10 23.39 1.98
C TYR B 292 -14.11 24.53 2.16
N ARG B 293 -12.82 24.21 2.23
CA ARG B 293 -11.78 25.21 2.41
C ARG B 293 -11.32 25.79 1.08
N GLY B 294 -11.15 24.96 0.06
CA GLY B 294 -10.71 25.40 -1.25
C GLY B 294 -9.22 25.50 -1.45
N HIS B 295 -8.42 25.17 -0.44
CA HIS B 295 -6.96 25.24 -0.57
C HIS B 295 -6.35 24.34 0.49
N PRO B 296 -5.10 23.90 0.30
CA PRO B 296 -4.47 23.03 1.29
C PRO B 296 -4.16 23.79 2.58
N SER B 297 -3.67 23.05 3.56
CA SER B 297 -3.33 23.64 4.84
C SER B 297 -2.16 24.60 4.71
N PHE B 298 -2.14 25.60 5.59
CA PHE B 298 -1.07 26.59 5.58
C PHE B 298 0.27 25.96 5.93
N GLN B 299 0.26 25.05 6.90
CA GLN B 299 1.50 24.39 7.32
C GLN B 299 2.10 23.55 6.19
N SER B 300 1.25 22.84 5.44
CA SER B 300 1.74 22.02 4.33
C SER B 300 2.44 22.86 3.28
N LEU B 301 1.81 23.96 2.88
CA LEU B 301 2.41 24.83 1.87
C LEU B 301 3.69 25.46 2.40
N VAL B 302 3.70 25.87 3.67
CA VAL B 302 4.91 26.47 4.22
C VAL B 302 6.06 25.47 4.20
N SER B 303 5.79 24.23 4.61
CA SER B 303 6.82 23.21 4.61
C SER B 303 7.31 22.93 3.19
N LYS B 304 6.39 22.88 2.23
CA LYS B 304 6.79 22.63 0.85
C LYS B 304 7.70 23.74 0.35
N LEU B 305 7.33 24.99 0.62
CA LEU B 305 8.15 26.11 0.18
C LEU B 305 9.53 26.04 0.83
N ARG B 306 9.59 25.69 2.11
CA ARG B 306 10.87 25.60 2.80
C ARG B 306 11.74 24.53 2.17
N SER B 307 11.16 23.38 1.85
CA SER B 307 11.93 22.29 1.25
C SER B 307 12.44 22.69 -0.13
N GLN B 308 11.61 23.37 -0.93
CA GLN B 308 12.04 23.78 -2.26
C GLN B 308 13.12 24.84 -2.21
N VAL B 309 13.02 25.78 -1.27
CA VAL B 309 14.03 26.84 -1.16
C VAL B 309 15.35 26.29 -0.62
N MET B 310 15.29 25.37 0.34
CA MET B 310 16.51 24.80 0.91
C MET B 310 17.34 24.05 -0.12
N SER B 311 16.75 23.55 -1.19
CA SER B 311 17.48 22.81 -2.21
C SER B 311 17.78 23.65 -3.45
N MET B 312 17.78 24.97 -3.33
CA MET B 312 18.05 25.82 -4.48
C MET B 312 19.51 25.69 -4.92
N ALA B 313 19.74 25.95 -6.21
CA ALA B 313 21.08 25.86 -6.77
C ALA B 313 21.97 26.95 -6.18
N ARG B 314 23.27 26.65 -6.09
CA ARG B 314 24.27 27.58 -5.55
C ARG B 314 25.40 27.78 -6.55
N PRO B 315 25.16 28.57 -7.59
CA PRO B 315 26.22 28.81 -8.58
C PRO B 315 27.27 29.76 -8.04
N GLN B 316 28.44 29.73 -8.67
CA GLN B 316 29.52 30.60 -8.23
C GLN B 316 29.19 32.05 -8.51
N LEU B 317 29.28 32.89 -7.47
CA LEU B 317 28.98 34.31 -7.64
C LEU B 317 30.00 34.99 -8.53
N SER B 318 31.29 34.66 -8.36
CA SER B 318 32.38 35.22 -9.13
C SER B 318 33.27 34.08 -9.63
N HIS B 319 34.29 34.45 -10.41
CA HIS B 319 35.21 33.46 -10.95
C HIS B 319 36.27 33.07 -9.92
N THR B 320 35.84 32.69 -8.72
CA THR B 320 36.72 32.30 -7.63
C THR B 320 35.85 31.68 -6.54
N ILE B 321 36.38 30.68 -5.86
CA ILE B 321 35.65 30.01 -4.78
C ILE B 321 35.63 30.92 -3.57
N LEU B 322 34.45 31.20 -3.03
CA LEU B 322 34.31 32.06 -1.86
C LEU B 322 33.85 31.25 -0.65
N THR B 323 34.36 31.65 0.51
CA THR B 323 34.04 31.02 1.78
C THR B 323 33.09 31.94 2.53
N GLU B 324 32.70 31.54 3.75
CA GLU B 324 31.79 32.39 4.52
C GLU B 324 32.43 33.74 4.81
N LYS B 325 33.66 33.73 5.32
CA LYS B 325 34.36 34.98 5.62
C LYS B 325 34.63 35.73 4.33
N ASN B 326 35.03 35.01 3.27
CA ASN B 326 35.32 35.66 2.00
C ASN B 326 34.05 36.30 1.46
N TRP B 327 32.92 35.61 1.59
CA TRP B 327 31.66 36.18 1.10
C TRP B 327 31.31 37.43 1.88
N PHE B 328 31.55 37.41 3.20
CA PHE B 328 31.24 38.58 4.01
C PHE B 328 32.09 39.77 3.57
N HIS B 329 33.38 39.52 3.33
CA HIS B 329 34.27 40.60 2.90
C HIS B 329 33.84 41.12 1.53
N TYR B 330 33.48 40.22 0.63
CA TYR B 330 33.05 40.63 -0.71
C TYR B 330 31.79 41.47 -0.62
N ALA B 331 30.85 41.06 0.24
CA ALA B 331 29.61 41.82 0.39
C ALA B 331 29.90 43.20 0.96
N ALA B 332 30.82 43.28 1.93
CA ALA B 332 31.14 44.57 2.52
C ALA B 332 31.76 45.49 1.47
N ARG B 333 32.67 44.95 0.65
CA ARG B 333 33.30 45.76 -0.39
C ARG B 333 32.26 46.22 -1.41
N ILE B 334 31.35 45.32 -1.80
CA ILE B 334 30.32 45.67 -2.77
C ILE B 334 29.43 46.77 -2.21
N TRP B 335 29.08 46.68 -0.92
CA TRP B 335 28.24 47.68 -0.30
C TRP B 335 28.95 49.03 -0.28
N ASP B 336 30.23 49.03 0.08
CA ASP B 336 30.97 50.29 0.12
C ASP B 336 31.05 50.91 -1.27
N GLY B 337 31.24 50.06 -2.30
CA GLY B 337 31.32 50.58 -3.65
C GLY B 337 30.00 51.12 -4.16
N VAL B 338 28.90 50.41 -3.86
CA VAL B 338 27.60 50.88 -4.33
C VAL B 338 27.18 52.14 -3.58
N ARG B 339 27.63 52.32 -2.34
CA ARG B 339 27.26 53.52 -1.59
C ARG B 339 27.76 54.77 -2.30
N LYS B 340 29.05 54.81 -2.62
CA LYS B 340 29.65 55.95 -3.31
C LYS B 340 29.77 55.65 -4.81
N SER B 341 28.64 55.36 -5.42
CA SER B 341 28.60 55.05 -6.85
C SER B 341 28.34 56.31 -7.67
N SER B 342 28.10 56.14 -8.96
CA SER B 342 27.82 57.24 -9.88
C SER B 342 26.48 57.12 -10.57
N ALA B 343 26.08 55.90 -10.96
CA ALA B 343 24.79 55.73 -11.63
C ALA B 343 23.64 56.11 -10.71
N LEU B 344 23.72 55.70 -9.44
CA LEU B 344 22.65 56.02 -8.50
C LEU B 344 22.52 57.53 -8.31
N ALA B 345 23.66 58.22 -8.21
CA ALA B 345 23.61 59.67 -8.03
C ALA B 345 22.97 60.33 -9.25
N GLU B 346 23.32 59.86 -10.45
CA GLU B 346 22.75 60.43 -11.67
C GLU B 346 21.24 60.20 -11.72
N TYR B 347 20.81 58.98 -11.35
CA TYR B 347 19.39 58.68 -11.37
C TYR B 347 18.64 59.55 -10.37
N SER B 348 19.23 59.75 -9.18
CA SER B 348 18.59 60.59 -8.17
C SER B 348 18.51 62.04 -8.62
N ARG B 349 19.56 62.52 -9.29
CA ARG B 349 19.57 63.90 -9.76
C ARG B 349 18.57 64.11 -10.89
N LEU B 350 18.39 63.10 -11.75
CA LEU B 350 17.45 63.22 -12.86
C LEU B 350 16.00 63.37 -12.39
N LEU B 351 15.69 62.98 -11.17
CA LEU B 351 14.33 63.09 -10.66
C LEU B 351 14.24 64.11 -9.52
PG ANP C . 20.94 -19.60 -32.88
O1G ANP C . 21.51 -18.24 -32.66
O2G ANP C . 22.04 -20.68 -32.59
O3G ANP C . 20.44 -19.74 -34.37
PB ANP C . 18.48 -18.62 -32.03
O1B ANP C . 18.78 -17.85 -33.27
O2B ANP C . 17.07 -19.25 -32.13
N3B ANP C . 19.62 -19.84 -31.83
PA ANP C . 19.29 -16.28 -30.92
O1A ANP C . 20.73 -16.45 -30.59
O2A ANP C . 19.03 -15.74 -32.32
O3A ANP C . 18.52 -17.66 -30.80
O5' ANP C . 18.65 -15.36 -29.80
C5' ANP C . 18.73 -13.92 -29.89
C4' ANP C . 18.87 -13.35 -28.49
O4' ANP C . 17.58 -12.96 -28.01
C3' ANP C . 19.39 -14.32 -27.45
O3' ANP C . 20.82 -14.36 -27.45
C2' ANP C . 18.85 -13.72 -26.14
O2' ANP C . 19.79 -12.85 -25.53
C1' ANP C . 17.60 -12.95 -26.59
N9 ANP C . 16.34 -13.51 -26.11
C8 ANP C . 15.65 -14.56 -26.65
N7 ANP C . 14.54 -14.85 -26.01
C5 ANP C . 14.51 -13.94 -24.97
C6 ANP C . 13.60 -13.72 -23.93
N6 ANP C . 12.49 -14.43 -23.74
N1 ANP C . 13.86 -12.71 -23.05
C2 ANP C . 14.97 -11.99 -23.23
N3 ANP C . 15.91 -12.11 -24.18
C4 ANP C . 15.62 -13.11 -25.02
C1 IHP D . 1.39 -34.97 8.69
C2 IHP D . 0.16 -34.12 8.95
C3 IHP D . -0.15 -33.10 7.84
C4 IHP D . 0.15 -33.60 6.40
C5 IHP D . 1.54 -34.24 6.25
C6 IHP D . 2.31 -34.45 7.57
O11 IHP D . 2.15 -35.07 9.87
P1 IHP D . 3.13 -36.38 10.06
O21 IHP D . 2.40 -37.60 9.59
O31 IHP D . 4.40 -36.19 9.28
O41 IHP D . 3.47 -36.54 11.53
O12 IHP D . 0.36 -33.41 10.15
P2 IHP D . -0.46 -33.90 11.50
O22 IHP D . 0.53 -34.51 12.47
O32 IHP D . -1.14 -32.72 12.14
O42 IHP D . -1.49 -34.93 11.11
O13 IHP D . -1.45 -32.55 7.98
P3 IHP D . -2.87 -33.39 7.86
O23 IHP D . -2.67 -34.88 8.04
O33 IHP D . -3.82 -32.88 8.92
O43 IHP D . -3.48 -33.14 6.51
O14 IHP D . -0.80 -34.55 5.98
P4 IHP D . -1.36 -34.45 4.43
O24 IHP D . -0.23 -34.74 3.47
O34 IHP D . -2.47 -35.46 4.23
O44 IHP D . -1.89 -33.06 4.18
O15 IHP D . 1.37 -35.50 5.65
P5 IHP D . 2.69 -36.25 4.99
O25 IHP D . 3.39 -37.08 6.03
O35 IHP D . 2.22 -37.17 3.87
O45 IHP D . 3.64 -35.22 4.43
O16 IHP D . 2.94 -33.25 7.97
P6 IHP D . 4.31 -32.77 7.19
O26 IHP D . 3.94 -31.90 6.01
O36 IHP D . 5.18 -32.00 8.15
O46 IHP D . 5.05 -33.99 6.70
PG ATP E . 8.25 44.75 7.73
O1G ATP E . 9.22 44.05 8.64
O2G ATP E . 7.77 46.10 8.28
O3G ATP E . 8.78 44.95 6.31
PB ATP E . 6.42 42.62 6.77
O1B ATP E . 5.04 42.79 6.26
O2B ATP E . 7.47 42.27 5.73
O3B ATP E . 6.93 43.89 7.56
PA ATP E . 5.79 41.24 9.31
O1A ATP E . 6.55 41.90 10.40
O2A ATP E . 5.63 39.72 9.46
O3A ATP E . 6.48 41.50 7.91
O5' ATP E . 4.36 41.89 9.15
C5' ATP E . 3.30 41.18 8.47
C4' ATP E . 2.06 41.27 9.32
O4' ATP E . 1.01 40.48 8.72
C3' ATP E . 2.19 40.71 10.74
O3' ATP E . 1.28 41.33 11.63
C2' ATP E . 1.88 39.22 10.53
O2' ATP E . 1.36 38.63 11.71
C1' ATP E . 0.80 39.29 9.44
N9 ATP E . 0.86 38.17 8.51
C8 ATP E . 1.84 37.91 7.59
N7 ATP E . 1.64 36.83 6.87
C5 ATP E . 0.43 36.35 7.35
C6 ATP E . -0.35 35.23 7.00
N6 ATP E . -0.02 34.35 6.05
N1 ATP E . -1.51 35.04 7.67
C2 ATP E . -1.85 35.91 8.62
N3 ATP E . -1.21 37.00 9.03
C4 ATP E . -0.07 37.16 8.35
MG MG F . 7.75 42.71 8.99
#